data_3IYC
# 
_entry.id   3IYC 
# 
_audit_conform.dict_name       mmcif_pdbx.dic 
_audit_conform.dict_version    5.387 
_audit_conform.dict_location   http://mmcif.pdb.org/dictionaries/ascii/mmcif_pdbx.dic 
# 
loop_
_database_2.database_id 
_database_2.database_code 
_database_2.pdbx_database_accession 
_database_2.pdbx_DOI 
PDB   3IYC         pdb_00003iyc 10.2210/pdb3iyc/pdb 
RCSB  RCSB160018   ?            ?                   
WWPDB D_1000160018 ?            ?                   
# 
loop_
_pdbx_audit_revision_history.ordinal 
_pdbx_audit_revision_history.data_content_type 
_pdbx_audit_revision_history.major_revision 
_pdbx_audit_revision_history.minor_revision 
_pdbx_audit_revision_history.revision_date 
1 'Structure model' 1 0 2010-03-16 
2 'Structure model' 1 1 2011-07-13 
3 'Structure model' 1 2 2016-11-09 
4 'Structure model' 1 3 2018-07-18 
5 'Structure model' 2 0 2024-02-21 
# 
_pdbx_audit_revision_details.ordinal             1 
_pdbx_audit_revision_details.revision_ordinal    1 
_pdbx_audit_revision_details.data_content_type   'Structure model' 
_pdbx_audit_revision_details.provider            repository 
_pdbx_audit_revision_details.type                'Initial release' 
_pdbx_audit_revision_details.description         ? 
_pdbx_audit_revision_details.details             ? 
# 
loop_
_pdbx_audit_revision_group.ordinal 
_pdbx_audit_revision_group.revision_ordinal 
_pdbx_audit_revision_group.data_content_type 
_pdbx_audit_revision_group.group 
1  2 'Structure model' 'Version format compliance' 
2  3 'Structure model' Other                       
3  4 'Structure model' 'Data collection'           
4  5 'Structure model' Advisory                    
5  5 'Structure model' 'Atomic model'              
6  5 'Structure model' 'Data collection'           
7  5 'Structure model' 'Database references'       
8  5 'Structure model' 'Derived calculations'      
9  5 'Structure model' 'Refinement description'    
10 5 'Structure model' 'Source and taxonomy'       
11 5 'Structure model' 'Structure summary'         
# 
loop_
_pdbx_audit_revision_category.ordinal 
_pdbx_audit_revision_category.revision_ordinal 
_pdbx_audit_revision_category.data_content_type 
_pdbx_audit_revision_category.category 
1  4 'Structure model' em_image_scans                  
2  4 'Structure model' em_software                     
3  5 'Structure model' atom_site                       
4  5 'Structure model' chem_comp_atom                  
5  5 'Structure model' chem_comp_bond                  
6  5 'Structure model' database_2                      
7  5 'Structure model' em_3d_fitting_list              
8  5 'Structure model' entity                          
9  5 'Structure model' entity_name_com                 
10 5 'Structure model' entity_src_gen                  
11 5 'Structure model' pdbx_initial_refinement_model   
12 5 'Structure model' pdbx_poly_seq_scheme            
13 5 'Structure model' pdbx_struct_oper_list           
14 5 'Structure model' pdbx_unobs_or_zero_occ_residues 
15 5 'Structure model' struct_ref                      
16 5 'Structure model' struct_ref_seq                  
# 
loop_
_pdbx_audit_revision_item.ordinal 
_pdbx_audit_revision_item.revision_ordinal 
_pdbx_audit_revision_item.data_content_type 
_pdbx_audit_revision_item.item 
1  4 'Structure model' '_em_software.image_processing_id'                
2  5 'Structure model' '_atom_site.label_seq_id'                         
3  5 'Structure model' '_database_2.pdbx_DOI'                            
4  5 'Structure model' '_database_2.pdbx_database_accession'             
5  5 'Structure model' '_em_3d_fitting_list.accession_code'              
6  5 'Structure model' '_em_3d_fitting_list.initial_refinement_model_id' 
7  5 'Structure model' '_em_3d_fitting_list.source_name'                 
8  5 'Structure model' '_em_3d_fitting_list.type'                        
9  5 'Structure model' '_entity.pdbx_description'                        
10 5 'Structure model' '_entity.pdbx_ec'                                 
11 5 'Structure model' '_entity_name_com.name'                           
12 5 'Structure model' '_entity_src_gen.pdbx_beg_seq_num'                
13 5 'Structure model' '_entity_src_gen.pdbx_end_seq_num'                
14 5 'Structure model' '_entity_src_gen.pdbx_gene_src_scientific_name'   
15 5 'Structure model' '_entity_src_gen.pdbx_seq_type'                   
16 5 'Structure model' '_pdbx_poly_seq_scheme.auth_mon_id'               
17 5 'Structure model' '_pdbx_poly_seq_scheme.auth_seq_num'              
18 5 'Structure model' '_pdbx_poly_seq_scheme.pdb_ins_code'              
19 5 'Structure model' '_pdbx_poly_seq_scheme.pdb_mon_id'                
20 5 'Structure model' '_pdbx_poly_seq_scheme.pdb_seq_num'               
21 5 'Structure model' '_pdbx_struct_oper_list.name'                     
22 5 'Structure model' '_pdbx_struct_oper_list.symmetry_operation'       
23 5 'Structure model' '_pdbx_struct_oper_list.type'                     
24 5 'Structure model' '_pdbx_unobs_or_zero_occ_residues.PDB_ins_code'   
25 5 'Structure model' '_pdbx_unobs_or_zero_occ_residues.auth_comp_id'   
26 5 'Structure model' '_pdbx_unobs_or_zero_occ_residues.auth_seq_id'    
27 5 'Structure model' '_pdbx_unobs_or_zero_occ_residues.label_comp_id'  
28 5 'Structure model' '_pdbx_unobs_or_zero_occ_residues.label_seq_id'   
# 
_pdbx_database_status.status_code                     REL 
_pdbx_database_status.entry_id                        3IYC 
_pdbx_database_status.recvd_initial_deposition_date   2009-07-21 
_pdbx_database_status.deposit_site                    RCSB 
_pdbx_database_status.process_site                    RCSB 
_pdbx_database_status.status_code_sf                  ? 
_pdbx_database_status.status_code_mr                  ? 
_pdbx_database_status.SG_entry                        ? 
_pdbx_database_status.pdb_format_compatible           Y 
_pdbx_database_status.status_code_cs                  ? 
_pdbx_database_status.methods_development_category    ? 
_pdbx_database_status.status_code_nmr_data            ? 
# 
loop_
_pdbx_database_related.db_name 
_pdbx_database_related.db_id 
_pdbx_database_related.content_type 
_pdbx_database_related.details 
EMDB EMD-5122 'associated EM volume' . 
EMDB EMD-5123 'other EM volume'      . 
PDB  3IYB     unspecified            . 
# 
loop_
_audit_author.name 
_audit_author.pdbx_ordinal 
'Levy, H.C.'   1 
'Bostina, M.'  2 
'Filman, D.J.' 3 
'Hogle, J.M.'  4 
# 
_citation.id                        primary 
_citation.title                     
'Catching a virus in the act of RNA release: a novel poliovirus uncoating intermediate characterized by cryo-electron microscopy.' 
_citation.journal_abbrev            J.Virol. 
_citation.journal_volume            84 
_citation.page_first                4426 
_citation.page_last                 4441 
_citation.year                      2010 
_citation.journal_id_ASTM           JOVIAM 
_citation.country                   US 
_citation.journal_id_ISSN           0022-538X 
_citation.journal_id_CSD            0825 
_citation.book_publisher            ? 
_citation.pdbx_database_id_PubMed   20181687 
_citation.pdbx_database_id_DOI      10.1128/JVI.02393-09 
# 
loop_
_citation_author.citation_id 
_citation_author.name 
_citation_author.ordinal 
_citation_author.identifier_ORCID 
primary 'Levy, H.C.'   1 ? 
primary 'Bostina, M.'  2 ? 
primary 'Filman, D.J.' 3 ? 
primary 'Hogle, J.M.'  4 ? 
# 
loop_
_entity.id 
_entity.type 
_entity.src_method 
_entity.pdbx_description 
_entity.formula_weight 
_entity.pdbx_number_of_molecules 
_entity.pdbx_ec 
_entity.pdbx_mutation 
_entity.pdbx_fragment 
_entity.details 
1 polymer man 'Capsid protein VP1' 26558.979 1 ?                                     ? ? ? 
2 polymer man 'Capsid protein VP2' 1518.665  1 ?                                     ? ? ? 
3 polymer man 'Genome polyprotein' 25777.613 1 3.4.22.29,3.6.1.15,3.4.22.28,2.7.7.48 ? ? ? 
4 polymer man 'Capsid protein VP2' 27181.639 1 ?                                     ? ? ? 
5 polymer man 'VP1 core'           954.168   1 ?                                     ? ? ? 
# 
loop_
_entity_name_com.entity_id 
_entity_name_com.name 
1 'P1D,Virion protein 1' 
2 'P1B,Virion protein 2' 
4 'P1B,Virion protein 2' 
# 
loop_
_entity_poly.entity_id 
_entity_poly.type 
_entity_poly.nstd_linkage 
_entity_poly.nstd_monomer 
_entity_poly.pdbx_seq_one_letter_code 
_entity_poly.pdbx_seq_one_letter_code_can 
_entity_poly.pdbx_strand_id 
_entity_poly.pdbx_target_identifier 
1 'polypeptide(L)' no no 
;QHRSRSESSIESFFARGACVTIMTVDNPASTTNKDKLFAVWKITYKDTVQLRRKLEFFTYSRFDMELTFVVTANFTETNN
GHALNQVYQIMYVPPGAPVPEKWDDYTWQTSSNPSIFYTYGTAPARISVPYVGISNAYSHFYDGFSKVPLKDQSAALGDS
LYGAASLNDFGILAVRVVNDHNPTKVTSKIRVYLKPKHIRVWCPRPPRAVAYYGPGVDYKDGTLTPLSTKDLTTY
;
;QHRSRSESSIESFFARGACVTIMTVDNPASTTNKDKLFAVWKITYKDTVQLRRKLEFFTYSRFDMELTFVVTANFTETNN
GHALNQVYQIMYVPPGAPVPEKWDDYTWQTSSNPSIFYTYGTAPARISVPYVGISNAYSHFYDGFSKVPLKDQSAALGDS
LYGAASLNDFGILAVRVVNDHNPTKVTSKIRVYLKPKHIRVWCPRPPRAVAYYGPGVDYKDGTLTPLSTKDLTTY
;
1 ? 
2 'polypeptide(L)' no no LQLTLGNSTITTQE LQLTLGNSTITTQE 2 ? 
3 'polypeptide(L)' no no 
;GLPVMNTPGSNQYLTADNFQSPCALPEFDVTPPIDIPGEVKNMMELAEIDTMIPFDLSATKKNTMEMYRVRLSDKPHTDD
PILCLSLSPASDPRLSHTMLGEILNYYTHWAGSLKFTFLFCGSMMATGKLLVSYAPPGADPPKKRKEAMLGTHVIWDIGL
QSSCTMVVPWISNTTYRQTIDDSFTEGGYISVFYQTRIVVPLSTPREMDILGFVSACNDFSVRLLRDTTHI
;
;GLPVMNTPGSNQYLTADNFQSPCALPEFDVTPPIDIPGEVKNMMELAEIDTMIPFDLSATKKNTMEMYRVRLSDKPHTDD
PILCLSLSPASDPRLSHTMLGEILNYYTHWAGSLKFTFLFCGSMMATGKLLVSYAPPGADPPKKRKEAMLGTHVIWDIGL
QSSCTMVVPWISNTTYRQTIDDSFTEGGYISVFYQTRIVVPLSTPREMDILGFVSACNDFSVRLLRDTTHI
;
3 ? 
4 'polypeptide(L)' no no 
;AANSVVAYGRWPEYLRDSEANPVDQPTEPDVAACRFYTLDTVSWTKESRGWWWKLPDALRDMGLFGQNMYYHYLGRSGYT
VHVQCNASKFHQGALGVFAVPEMCLAGDSNTTTMHTSYQNANPGEKGGTFTGTFTPDNNQTSPARRFCPVDYLLGNGTLL
GNAFVFPHQIINLRTNNCATLVLPYVNSLSIDSMVKHNNWGIAILPLAPLNFASESSPEIPITLTIAPMCCEFNGLRNIT
LPRLQ
;
;AANSVVAYGRWPEYLRDSEANPVDQPTEPDVAACRFYTLDTVSWTKESRGWWWKLPDALRDMGLFGQNMYYHYLGRSGYT
VHVQCNASKFHQGALGVFAVPEMCLAGDSNTTTMHTSYQNANPGEKGGTFTGTFTPDNNQTSPARRFCPVDYLLGNGTLL
GNAFVFPHQIINLRTNNCATLVLPYVNSLSIDSMVKHNNWGIAILPLAPLNFASESSPEIPITLTIAPMCCEFNGLRNIT
LPRLQ
;
4 ? 
5 'polypeptide(L)' no no '(UNK)(UNK)(UNK)(UNK)(UNK)(UNK)(UNK)(UNK)(UNK)(UNK)(UNK)' XXXXXXXXXXX 7 ? 
# 
loop_
_entity_poly_seq.entity_id 
_entity_poly_seq.num 
_entity_poly_seq.mon_id 
_entity_poly_seq.hetero 
1 1   GLN n 
1 2   HIS n 
1 3   ARG n 
1 4   SER n 
1 5   ARG n 
1 6   SER n 
1 7   GLU n 
1 8   SER n 
1 9   SER n 
1 10  ILE n 
1 11  GLU n 
1 12  SER n 
1 13  PHE n 
1 14  PHE n 
1 15  ALA n 
1 16  ARG n 
1 17  GLY n 
1 18  ALA n 
1 19  CYS n 
1 20  VAL n 
1 21  THR n 
1 22  ILE n 
1 23  MET n 
1 24  THR n 
1 25  VAL n 
1 26  ASP n 
1 27  ASN n 
1 28  PRO n 
1 29  ALA n 
1 30  SER n 
1 31  THR n 
1 32  THR n 
1 33  ASN n 
1 34  LYS n 
1 35  ASP n 
1 36  LYS n 
1 37  LEU n 
1 38  PHE n 
1 39  ALA n 
1 40  VAL n 
1 41  TRP n 
1 42  LYS n 
1 43  ILE n 
1 44  THR n 
1 45  TYR n 
1 46  LYS n 
1 47  ASP n 
1 48  THR n 
1 49  VAL n 
1 50  GLN n 
1 51  LEU n 
1 52  ARG n 
1 53  ARG n 
1 54  LYS n 
1 55  LEU n 
1 56  GLU n 
1 57  PHE n 
1 58  PHE n 
1 59  THR n 
1 60  TYR n 
1 61  SER n 
1 62  ARG n 
1 63  PHE n 
1 64  ASP n 
1 65  MET n 
1 66  GLU n 
1 67  LEU n 
1 68  THR n 
1 69  PHE n 
1 70  VAL n 
1 71  VAL n 
1 72  THR n 
1 73  ALA n 
1 74  ASN n 
1 75  PHE n 
1 76  THR n 
1 77  GLU n 
1 78  THR n 
1 79  ASN n 
1 80  ASN n 
1 81  GLY n 
1 82  HIS n 
1 83  ALA n 
1 84  LEU n 
1 85  ASN n 
1 86  GLN n 
1 87  VAL n 
1 88  TYR n 
1 89  GLN n 
1 90  ILE n 
1 91  MET n 
1 92  TYR n 
1 93  VAL n 
1 94  PRO n 
1 95  PRO n 
1 96  GLY n 
1 97  ALA n 
1 98  PRO n 
1 99  VAL n 
1 100 PRO n 
1 101 GLU n 
1 102 LYS n 
1 103 TRP n 
1 104 ASP n 
1 105 ASP n 
1 106 TYR n 
1 107 THR n 
1 108 TRP n 
1 109 GLN n 
1 110 THR n 
1 111 SER n 
1 112 SER n 
1 113 ASN n 
1 114 PRO n 
1 115 SER n 
1 116 ILE n 
1 117 PHE n 
1 118 TYR n 
1 119 THR n 
1 120 TYR n 
1 121 GLY n 
1 122 THR n 
1 123 ALA n 
1 124 PRO n 
1 125 ALA n 
1 126 ARG n 
1 127 ILE n 
1 128 SER n 
1 129 VAL n 
1 130 PRO n 
1 131 TYR n 
1 132 VAL n 
1 133 GLY n 
1 134 ILE n 
1 135 SER n 
1 136 ASN n 
1 137 ALA n 
1 138 TYR n 
1 139 SER n 
1 140 HIS n 
1 141 PHE n 
1 142 TYR n 
1 143 ASP n 
1 144 GLY n 
1 145 PHE n 
1 146 SER n 
1 147 LYS n 
1 148 VAL n 
1 149 PRO n 
1 150 LEU n 
1 151 LYS n 
1 152 ASP n 
1 153 GLN n 
1 154 SER n 
1 155 ALA n 
1 156 ALA n 
1 157 LEU n 
1 158 GLY n 
1 159 ASP n 
1 160 SER n 
1 161 LEU n 
1 162 TYR n 
1 163 GLY n 
1 164 ALA n 
1 165 ALA n 
1 166 SER n 
1 167 LEU n 
1 168 ASN n 
1 169 ASP n 
1 170 PHE n 
1 171 GLY n 
1 172 ILE n 
1 173 LEU n 
1 174 ALA n 
1 175 VAL n 
1 176 ARG n 
1 177 VAL n 
1 178 VAL n 
1 179 ASN n 
1 180 ASP n 
1 181 HIS n 
1 182 ASN n 
1 183 PRO n 
1 184 THR n 
1 185 LYS n 
1 186 VAL n 
1 187 THR n 
1 188 SER n 
1 189 LYS n 
1 190 ILE n 
1 191 ARG n 
1 192 VAL n 
1 193 TYR n 
1 194 LEU n 
1 195 LYS n 
1 196 PRO n 
1 197 LYS n 
1 198 HIS n 
1 199 ILE n 
1 200 ARG n 
1 201 VAL n 
1 202 TRP n 
1 203 CYS n 
1 204 PRO n 
1 205 ARG n 
1 206 PRO n 
1 207 PRO n 
1 208 ARG n 
1 209 ALA n 
1 210 VAL n 
1 211 ALA n 
1 212 TYR n 
1 213 TYR n 
1 214 GLY n 
1 215 PRO n 
1 216 GLY n 
1 217 VAL n 
1 218 ASP n 
1 219 TYR n 
1 220 LYS n 
1 221 ASP n 
1 222 GLY n 
1 223 THR n 
1 224 LEU n 
1 225 THR n 
1 226 PRO n 
1 227 LEU n 
1 228 SER n 
1 229 THR n 
1 230 LYS n 
1 231 ASP n 
1 232 LEU n 
1 233 THR n 
1 234 THR n 
1 235 TYR n 
2 1   LEU n 
2 2   GLN n 
2 3   LEU n 
2 4   THR n 
2 5   LEU n 
2 6   GLY n 
2 7   ASN n 
2 8   SER n 
2 9   THR n 
2 10  ILE n 
2 11  THR n 
2 12  THR n 
2 13  GLN n 
2 14  GLU n 
3 1   GLY n 
3 2   LEU n 
3 3   PRO n 
3 4   VAL n 
3 5   MET n 
3 6   ASN n 
3 7   THR n 
3 8   PRO n 
3 9   GLY n 
3 10  SER n 
3 11  ASN n 
3 12  GLN n 
3 13  TYR n 
3 14  LEU n 
3 15  THR n 
3 16  ALA n 
3 17  ASP n 
3 18  ASN n 
3 19  PHE n 
3 20  GLN n 
3 21  SER n 
3 22  PRO n 
3 23  CYS n 
3 24  ALA n 
3 25  LEU n 
3 26  PRO n 
3 27  GLU n 
3 28  PHE n 
3 29  ASP n 
3 30  VAL n 
3 31  THR n 
3 32  PRO n 
3 33  PRO n 
3 34  ILE n 
3 35  ASP n 
3 36  ILE n 
3 37  PRO n 
3 38  GLY n 
3 39  GLU n 
3 40  VAL n 
3 41  LYS n 
3 42  ASN n 
3 43  MET n 
3 44  MET n 
3 45  GLU n 
3 46  LEU n 
3 47  ALA n 
3 48  GLU n 
3 49  ILE n 
3 50  ASP n 
3 51  THR n 
3 52  MET n 
3 53  ILE n 
3 54  PRO n 
3 55  PHE n 
3 56  ASP n 
3 57  LEU n 
3 58  SER n 
3 59  ALA n 
3 60  THR n 
3 61  LYS n 
3 62  LYS n 
3 63  ASN n 
3 64  THR n 
3 65  MET n 
3 66  GLU n 
3 67  MET n 
3 68  TYR n 
3 69  ARG n 
3 70  VAL n 
3 71  ARG n 
3 72  LEU n 
3 73  SER n 
3 74  ASP n 
3 75  LYS n 
3 76  PRO n 
3 77  HIS n 
3 78  THR n 
3 79  ASP n 
3 80  ASP n 
3 81  PRO n 
3 82  ILE n 
3 83  LEU n 
3 84  CYS n 
3 85  LEU n 
3 86  SER n 
3 87  LEU n 
3 88  SER n 
3 89  PRO n 
3 90  ALA n 
3 91  SER n 
3 92  ASP n 
3 93  PRO n 
3 94  ARG n 
3 95  LEU n 
3 96  SER n 
3 97  HIS n 
3 98  THR n 
3 99  MET n 
3 100 LEU n 
3 101 GLY n 
3 102 GLU n 
3 103 ILE n 
3 104 LEU n 
3 105 ASN n 
3 106 TYR n 
3 107 TYR n 
3 108 THR n 
3 109 HIS n 
3 110 TRP n 
3 111 ALA n 
3 112 GLY n 
3 113 SER n 
3 114 LEU n 
3 115 LYS n 
3 116 PHE n 
3 117 THR n 
3 118 PHE n 
3 119 LEU n 
3 120 PHE n 
3 121 CYS n 
3 122 GLY n 
3 123 SER n 
3 124 MET n 
3 125 MET n 
3 126 ALA n 
3 127 THR n 
3 128 GLY n 
3 129 LYS n 
3 130 LEU n 
3 131 LEU n 
3 132 VAL n 
3 133 SER n 
3 134 TYR n 
3 135 ALA n 
3 136 PRO n 
3 137 PRO n 
3 138 GLY n 
3 139 ALA n 
3 140 ASP n 
3 141 PRO n 
3 142 PRO n 
3 143 LYS n 
3 144 LYS n 
3 145 ARG n 
3 146 LYS n 
3 147 GLU n 
3 148 ALA n 
3 149 MET n 
3 150 LEU n 
3 151 GLY n 
3 152 THR n 
3 153 HIS n 
3 154 VAL n 
3 155 ILE n 
3 156 TRP n 
3 157 ASP n 
3 158 ILE n 
3 159 GLY n 
3 160 LEU n 
3 161 GLN n 
3 162 SER n 
3 163 SER n 
3 164 CYS n 
3 165 THR n 
3 166 MET n 
3 167 VAL n 
3 168 VAL n 
3 169 PRO n 
3 170 TRP n 
3 171 ILE n 
3 172 SER n 
3 173 ASN n 
3 174 THR n 
3 175 THR n 
3 176 TYR n 
3 177 ARG n 
3 178 GLN n 
3 179 THR n 
3 180 ILE n 
3 181 ASP n 
3 182 ASP n 
3 183 SER n 
3 184 PHE n 
3 185 THR n 
3 186 GLU n 
3 187 GLY n 
3 188 GLY n 
3 189 TYR n 
3 190 ILE n 
3 191 SER n 
3 192 VAL n 
3 193 PHE n 
3 194 TYR n 
3 195 GLN n 
3 196 THR n 
3 197 ARG n 
3 198 ILE n 
3 199 VAL n 
3 200 VAL n 
3 201 PRO n 
3 202 LEU n 
3 203 SER n 
3 204 THR n 
3 205 PRO n 
3 206 ARG n 
3 207 GLU n 
3 208 MET n 
3 209 ASP n 
3 210 ILE n 
3 211 LEU n 
3 212 GLY n 
3 213 PHE n 
3 214 VAL n 
3 215 SER n 
3 216 ALA n 
3 217 CYS n 
3 218 ASN n 
3 219 ASP n 
3 220 PHE n 
3 221 SER n 
3 222 VAL n 
3 223 ARG n 
3 224 LEU n 
3 225 LEU n 
3 226 ARG n 
3 227 ASP n 
3 228 THR n 
3 229 THR n 
3 230 HIS n 
3 231 ILE n 
4 1   ALA n 
4 2   ALA n 
4 3   ASN n 
4 4   SER n 
4 5   VAL n 
4 6   VAL n 
4 7   ALA n 
4 8   TYR n 
4 9   GLY n 
4 10  ARG n 
4 11  TRP n 
4 12  PRO n 
4 13  GLU n 
4 14  TYR n 
4 15  LEU n 
4 16  ARG n 
4 17  ASP n 
4 18  SER n 
4 19  GLU n 
4 20  ALA n 
4 21  ASN n 
4 22  PRO n 
4 23  VAL n 
4 24  ASP n 
4 25  GLN n 
4 26  PRO n 
4 27  THR n 
4 28  GLU n 
4 29  PRO n 
4 30  ASP n 
4 31  VAL n 
4 32  ALA n 
4 33  ALA n 
4 34  CYS n 
4 35  ARG n 
4 36  PHE n 
4 37  TYR n 
4 38  THR n 
4 39  LEU n 
4 40  ASP n 
4 41  THR n 
4 42  VAL n 
4 43  SER n 
4 44  TRP n 
4 45  THR n 
4 46  LYS n 
4 47  GLU n 
4 48  SER n 
4 49  ARG n 
4 50  GLY n 
4 51  TRP n 
4 52  TRP n 
4 53  TRP n 
4 54  LYS n 
4 55  LEU n 
4 56  PRO n 
4 57  ASP n 
4 58  ALA n 
4 59  LEU n 
4 60  ARG n 
4 61  ASP n 
4 62  MET n 
4 63  GLY n 
4 64  LEU n 
4 65  PHE n 
4 66  GLY n 
4 67  GLN n 
4 68  ASN n 
4 69  MET n 
4 70  TYR n 
4 71  TYR n 
4 72  HIS n 
4 73  TYR n 
4 74  LEU n 
4 75  GLY n 
4 76  ARG n 
4 77  SER n 
4 78  GLY n 
4 79  TYR n 
4 80  THR n 
4 81  VAL n 
4 82  HIS n 
4 83  VAL n 
4 84  GLN n 
4 85  CYS n 
4 86  ASN n 
4 87  ALA n 
4 88  SER n 
4 89  LYS n 
4 90  PHE n 
4 91  HIS n 
4 92  GLN n 
4 93  GLY n 
4 94  ALA n 
4 95  LEU n 
4 96  GLY n 
4 97  VAL n 
4 98  PHE n 
4 99  ALA n 
4 100 VAL n 
4 101 PRO n 
4 102 GLU n 
4 103 MET n 
4 104 CYS n 
4 105 LEU n 
4 106 ALA n 
4 107 GLY n 
4 108 ASP n 
4 109 SER n 
4 110 ASN n 
4 111 THR n 
4 112 THR n 
4 113 THR n 
4 114 MET n 
4 115 HIS n 
4 116 THR n 
4 117 SER n 
4 118 TYR n 
4 119 GLN n 
4 120 ASN n 
4 121 ALA n 
4 122 ASN n 
4 123 PRO n 
4 124 GLY n 
4 125 GLU n 
4 126 LYS n 
4 127 GLY n 
4 128 GLY n 
4 129 THR n 
4 130 PHE n 
4 131 THR n 
4 132 GLY n 
4 133 THR n 
4 134 PHE n 
4 135 THR n 
4 136 PRO n 
4 137 ASP n 
4 138 ASN n 
4 139 ASN n 
4 140 GLN n 
4 141 THR n 
4 142 SER n 
4 143 PRO n 
4 144 ALA n 
4 145 ARG n 
4 146 ARG n 
4 147 PHE n 
4 148 CYS n 
4 149 PRO n 
4 150 VAL n 
4 151 ASP n 
4 152 TYR n 
4 153 LEU n 
4 154 LEU n 
4 155 GLY n 
4 156 ASN n 
4 157 GLY n 
4 158 THR n 
4 159 LEU n 
4 160 LEU n 
4 161 GLY n 
4 162 ASN n 
4 163 ALA n 
4 164 PHE n 
4 165 VAL n 
4 166 PHE n 
4 167 PRO n 
4 168 HIS n 
4 169 GLN n 
4 170 ILE n 
4 171 ILE n 
4 172 ASN n 
4 173 LEU n 
4 174 ARG n 
4 175 THR n 
4 176 ASN n 
4 177 ASN n 
4 178 CYS n 
4 179 ALA n 
4 180 THR n 
4 181 LEU n 
4 182 VAL n 
4 183 LEU n 
4 184 PRO n 
4 185 TYR n 
4 186 VAL n 
4 187 ASN n 
4 188 SER n 
4 189 LEU n 
4 190 SER n 
4 191 ILE n 
4 192 ASP n 
4 193 SER n 
4 194 MET n 
4 195 VAL n 
4 196 LYS n 
4 197 HIS n 
4 198 ASN n 
4 199 ASN n 
4 200 TRP n 
4 201 GLY n 
4 202 ILE n 
4 203 ALA n 
4 204 ILE n 
4 205 LEU n 
4 206 PRO n 
4 207 LEU n 
4 208 ALA n 
4 209 PRO n 
4 210 LEU n 
4 211 ASN n 
4 212 PHE n 
4 213 ALA n 
4 214 SER n 
4 215 GLU n 
4 216 SER n 
4 217 SER n 
4 218 PRO n 
4 219 GLU n 
4 220 ILE n 
4 221 PRO n 
4 222 ILE n 
4 223 THR n 
4 224 LEU n 
4 225 THR n 
4 226 ILE n 
4 227 ALA n 
4 228 PRO n 
4 229 MET n 
4 230 CYS n 
4 231 CYS n 
4 232 GLU n 
4 233 PHE n 
4 234 ASN n 
4 235 GLY n 
4 236 LEU n 
4 237 ARG n 
4 238 ASN n 
4 239 ILE n 
4 240 THR n 
4 241 LEU n 
4 242 PRO n 
4 243 ARG n 
4 244 LEU n 
4 245 GLN n 
5 1   UNK n 
5 2   UNK n 
5 3   UNK n 
5 4   UNK n 
5 5   UNK n 
5 6   UNK n 
5 7   UNK n 
5 8   UNK n 
5 9   UNK n 
5 10  UNK n 
5 11  UNK n 
# 
loop_
_entity_src_gen.entity_id 
_entity_src_gen.pdbx_src_id 
_entity_src_gen.pdbx_alt_source_flag 
_entity_src_gen.pdbx_seq_type 
_entity_src_gen.pdbx_beg_seq_num 
_entity_src_gen.pdbx_end_seq_num 
_entity_src_gen.gene_src_common_name 
_entity_src_gen.gene_src_genus 
_entity_src_gen.pdbx_gene_src_gene 
_entity_src_gen.gene_src_species 
_entity_src_gen.gene_src_strain 
_entity_src_gen.gene_src_tissue 
_entity_src_gen.gene_src_tissue_fraction 
_entity_src_gen.gene_src_details 
_entity_src_gen.pdbx_gene_src_fragment 
_entity_src_gen.pdbx_gene_src_scientific_name 
_entity_src_gen.pdbx_gene_src_ncbi_taxonomy_id 
_entity_src_gen.pdbx_gene_src_variant 
_entity_src_gen.pdbx_gene_src_cell_line 
_entity_src_gen.pdbx_gene_src_atcc 
_entity_src_gen.pdbx_gene_src_organ 
_entity_src_gen.pdbx_gene_src_organelle 
_entity_src_gen.pdbx_gene_src_cell 
_entity_src_gen.pdbx_gene_src_cellular_location 
_entity_src_gen.host_org_common_name 
_entity_src_gen.pdbx_host_org_scientific_name 
_entity_src_gen.pdbx_host_org_ncbi_taxonomy_id 
_entity_src_gen.host_org_genus 
_entity_src_gen.pdbx_host_org_gene 
_entity_src_gen.pdbx_host_org_organ 
_entity_src_gen.host_org_species 
_entity_src_gen.pdbx_host_org_tissue 
_entity_src_gen.pdbx_host_org_tissue_fraction 
_entity_src_gen.pdbx_host_org_strain 
_entity_src_gen.pdbx_host_org_variant 
_entity_src_gen.pdbx_host_org_cell_line 
_entity_src_gen.pdbx_host_org_atcc 
_entity_src_gen.pdbx_host_org_culture_collection 
_entity_src_gen.pdbx_host_org_cell 
_entity_src_gen.pdbx_host_org_organelle 
_entity_src_gen.pdbx_host_org_cellular_location 
_entity_src_gen.pdbx_host_org_vector_type 
_entity_src_gen.pdbx_host_org_vector 
_entity_src_gen.host_org_details 
_entity_src_gen.expression_system_id 
_entity_src_gen.plasmid_name 
_entity_src_gen.plasmid_details 
_entity_src_gen.pdbx_description 
1 1 sample 'Biological sequence' 1 235 ? ? ? ? ? ? ? ? ? 'Human poliovirus 1 Mahoney'                                 12081 ? ? ? 
? ? ? ? ? ? ? ? ? ? ? ? ? ? ? ? ? ? ? ? ? ? ? ? ? ? ? ? 
2 1 sample 'Biological sequence' 1 14  ? ? ? ? ? ? ? ? ? 'Poliovirus type 3 (strains P3/LEON/37 AND P3/LEON 12A[1]B)' 12088 ? ? ? 
? ? ? ? ? ? ? ? ? ? ? ? ? ? ? ? ? ? ? ? ? ? ? ? ? ? ? ? 
3 1 sample 'Biological sequence' 1 231 ? ? ? ? ? ? ? ? ? 'Poliovirus 1'                                               12080 ? ? ? 
? ? ? ? ? ? ? ? ? ? ? ? ? ? ? ? ? ? ? ? ? ? ? ? ? ? ? ? 
4 1 sample 'Biological sequence' 1 245 ? ? ? ? ? ? ? ? ? 'Human poliovirus 1 Mahoney'                                 12081 ? ? ? 
? ? ? ? ? ? ? ? ? ? ? ? ? ? ? ? ? ? ? ? ? ? ? ? ? ? ? ? 
5 1 sample 'Biological sequence' 1 11  ? ? ? ? ? ? ? ? ? 'Human poliovirus 1'                                         12080 ? ? ? 
? ? ? ? ? ? ? ? ? ? ? ? ? ? ? ? ? ? ? ? ? ? ? ? ? ? ? ? 
# 
loop_
_chem_comp.id 
_chem_comp.type 
_chem_comp.mon_nstd_flag 
_chem_comp.name 
_chem_comp.pdbx_synonyms 
_chem_comp.formula 
_chem_comp.formula_weight 
ALA 'L-peptide linking' y ALANINE         ? 'C3 H7 N O2'     89.093  
ARG 'L-peptide linking' y ARGININE        ? 'C6 H15 N4 O2 1' 175.209 
ASN 'L-peptide linking' y ASPARAGINE      ? 'C4 H8 N2 O3'    132.118 
ASP 'L-peptide linking' y 'ASPARTIC ACID' ? 'C4 H7 N O4'     133.103 
CYS 'L-peptide linking' y CYSTEINE        ? 'C3 H7 N O2 S'   121.158 
GLN 'L-peptide linking' y GLUTAMINE       ? 'C5 H10 N2 O3'   146.144 
GLU 'L-peptide linking' y 'GLUTAMIC ACID' ? 'C5 H9 N O4'     147.129 
GLY 'peptide linking'   y GLYCINE         ? 'C2 H5 N O2'     75.067  
HIS 'L-peptide linking' y HISTIDINE       ? 'C6 H10 N3 O2 1' 156.162 
ILE 'L-peptide linking' y ISOLEUCINE      ? 'C6 H13 N O2'    131.173 
LEU 'L-peptide linking' y LEUCINE         ? 'C6 H13 N O2'    131.173 
LYS 'L-peptide linking' y LYSINE          ? 'C6 H15 N2 O2 1' 147.195 
MET 'L-peptide linking' y METHIONINE      ? 'C5 H11 N O2 S'  149.211 
PHE 'L-peptide linking' y PHENYLALANINE   ? 'C9 H11 N O2'    165.189 
PRO 'L-peptide linking' y PROLINE         ? 'C5 H9 N O2'     115.130 
SER 'L-peptide linking' y SERINE          ? 'C3 H7 N O3'     105.093 
THR 'L-peptide linking' y THREONINE       ? 'C4 H9 N O3'     119.119 
TRP 'L-peptide linking' y TRYPTOPHAN      ? 'C11 H12 N2 O2'  204.225 
TYR 'L-peptide linking' y TYROSINE        ? 'C9 H11 N O3'    181.189 
UNK 'L-peptide linking' . UNKNOWN         ? 'C4 H9 N O2'     103.120 
VAL 'L-peptide linking' y VALINE          ? 'C5 H11 N O2'    117.146 
# 
loop_
_pdbx_poly_seq_scheme.asym_id 
_pdbx_poly_seq_scheme.entity_id 
_pdbx_poly_seq_scheme.seq_id 
_pdbx_poly_seq_scheme.mon_id 
_pdbx_poly_seq_scheme.ndb_seq_num 
_pdbx_poly_seq_scheme.pdb_seq_num 
_pdbx_poly_seq_scheme.auth_seq_num 
_pdbx_poly_seq_scheme.pdb_mon_id 
_pdbx_poly_seq_scheme.auth_mon_id 
_pdbx_poly_seq_scheme.pdb_strand_id 
_pdbx_poly_seq_scheme.pdb_ins_code 
_pdbx_poly_seq_scheme.hetero 
A 1 1   GLN 1   68  68  GLN GLN 1 . n 
A 1 2   HIS 2   69  69  HIS HIS 1 . n 
A 1 3   ARG 3   70  70  ARG ARG 1 . n 
A 1 4   SER 4   71  71  SER SER 1 . n 
A 1 5   ARG 5   72  72  ARG ARG 1 . n 
A 1 6   SER 6   73  73  SER SER 1 . n 
A 1 7   GLU 7   74  74  GLU GLU 1 . n 
A 1 8   SER 8   75  75  SER SER 1 . n 
A 1 9   SER 9   76  76  SER SER 1 . n 
A 1 10  ILE 10  77  77  ILE ILE 1 . n 
A 1 11  GLU 11  78  78  GLU GLU 1 . n 
A 1 12  SER 12  79  79  SER SER 1 . n 
A 1 13  PHE 13  80  80  PHE PHE 1 . n 
A 1 14  PHE 14  81  81  PHE PHE 1 . n 
A 1 15  ALA 15  82  82  ALA ALA 1 . n 
A 1 16  ARG 16  83  83  ARG ARG 1 . n 
A 1 17  GLY 17  84  84  GLY GLY 1 . n 
A 1 18  ALA 18  85  85  ALA ALA 1 . n 
A 1 19  CYS 19  86  86  CYS CYS 1 . n 
A 1 20  VAL 20  87  87  VAL VAL 1 . n 
A 1 21  THR 21  88  88  THR THR 1 . n 
A 1 22  ILE 22  89  89  ILE ILE 1 . n 
A 1 23  MET 23  90  90  MET MET 1 . n 
A 1 24  THR 24  91  91  THR THR 1 . n 
A 1 25  VAL 25  92  92  VAL VAL 1 . n 
A 1 26  ASP 26  93  93  ASP ASP 1 . n 
A 1 27  ASN 27  94  94  ASN ASN 1 . n 
A 1 28  PRO 28  95  95  PRO PRO 1 . n 
A 1 29  ALA 29  96  96  ALA ALA 1 . n 
A 1 30  SER 30  97  97  SER SER 1 . n 
A 1 31  THR 31  98  98  THR THR 1 . n 
A 1 32  THR 32  99  99  THR THR 1 . n 
A 1 33  ASN 33  100 100 ASN ASN 1 . n 
A 1 34  LYS 34  101 101 LYS LYS 1 . n 
A 1 35  ASP 35  102 102 ASP ASP 1 . n 
A 1 36  LYS 36  103 103 LYS LYS 1 . n 
A 1 37  LEU 37  104 104 LEU LEU 1 . n 
A 1 38  PHE 38  105 105 PHE PHE 1 . n 
A 1 39  ALA 39  106 106 ALA ALA 1 . n 
A 1 40  VAL 40  107 107 VAL VAL 1 . n 
A 1 41  TRP 41  108 108 TRP TRP 1 . n 
A 1 42  LYS 42  109 109 LYS LYS 1 . n 
A 1 43  ILE 43  110 110 ILE ILE 1 . n 
A 1 44  THR 44  111 111 THR THR 1 . n 
A 1 45  TYR 45  112 112 TYR TYR 1 . n 
A 1 46  LYS 46  113 113 LYS LYS 1 . n 
A 1 47  ASP 47  114 114 ASP ASP 1 . n 
A 1 48  THR 48  115 115 THR THR 1 . n 
A 1 49  VAL 49  116 116 VAL VAL 1 . n 
A 1 50  GLN 50  117 117 GLN GLN 1 . n 
A 1 51  LEU 51  118 118 LEU LEU 1 . n 
A 1 52  ARG 52  119 119 ARG ARG 1 . n 
A 1 53  ARG 53  120 120 ARG ARG 1 . n 
A 1 54  LYS 54  121 121 LYS LYS 1 . n 
A 1 55  LEU 55  122 122 LEU LEU 1 . n 
A 1 56  GLU 56  123 123 GLU GLU 1 . n 
A 1 57  PHE 57  124 124 PHE PHE 1 . n 
A 1 58  PHE 58  125 125 PHE PHE 1 . n 
A 1 59  THR 59  126 126 THR THR 1 . n 
A 1 60  TYR 60  127 127 TYR TYR 1 . n 
A 1 61  SER 61  128 128 SER SER 1 . n 
A 1 62  ARG 62  129 129 ARG ARG 1 . n 
A 1 63  PHE 63  130 130 PHE PHE 1 . n 
A 1 64  ASP 64  131 131 ASP ASP 1 . n 
A 1 65  MET 65  132 132 MET MET 1 . n 
A 1 66  GLU 66  133 133 GLU GLU 1 . n 
A 1 67  LEU 67  134 134 LEU LEU 1 . n 
A 1 68  THR 68  135 135 THR THR 1 . n 
A 1 69  PHE 69  136 136 PHE PHE 1 . n 
A 1 70  VAL 70  137 137 VAL VAL 1 . n 
A 1 71  VAL 71  138 138 VAL VAL 1 . n 
A 1 72  THR 72  139 139 THR THR 1 . n 
A 1 73  ALA 73  140 140 ALA ALA 1 . n 
A 1 74  ASN 74  141 141 ASN ASN 1 . n 
A 1 75  PHE 75  142 142 PHE PHE 1 . n 
A 1 76  THR 76  143 143 THR THR 1 . n 
A 1 77  GLU 77  144 144 GLU GLU 1 . n 
A 1 78  THR 78  145 145 THR THR 1 . n 
A 1 79  ASN 79  146 146 ASN ASN 1 . n 
A 1 80  ASN 80  147 147 ASN ASN 1 . n 
A 1 81  GLY 81  148 148 GLY GLY 1 . n 
A 1 82  HIS 82  149 149 HIS HIS 1 . n 
A 1 83  ALA 83  150 150 ALA ALA 1 . n 
A 1 84  LEU 84  151 151 LEU LEU 1 . n 
A 1 85  ASN 85  152 152 ASN ASN 1 . n 
A 1 86  GLN 86  153 153 GLN GLN 1 . n 
A 1 87  VAL 87  154 154 VAL VAL 1 . n 
A 1 88  TYR 88  155 155 TYR TYR 1 . n 
A 1 89  GLN 89  156 156 GLN GLN 1 . n 
A 1 90  ILE 90  157 157 ILE ILE 1 . n 
A 1 91  MET 91  158 158 MET MET 1 . n 
A 1 92  TYR 92  159 159 TYR TYR 1 . n 
A 1 93  VAL 93  160 160 VAL VAL 1 . n 
A 1 94  PRO 94  161 161 PRO PRO 1 . n 
A 1 95  PRO 95  162 162 PRO PRO 1 . n 
A 1 96  GLY 96  163 163 GLY GLY 1 . n 
A 1 97  ALA 97  164 164 ALA ALA 1 . n 
A 1 98  PRO 98  165 165 PRO PRO 1 . n 
A 1 99  VAL 99  166 166 VAL VAL 1 . n 
A 1 100 PRO 100 167 167 PRO PRO 1 . n 
A 1 101 GLU 101 168 168 GLU GLU 1 . n 
A 1 102 LYS 102 169 169 LYS LYS 1 . n 
A 1 103 TRP 103 170 170 TRP TRP 1 . n 
A 1 104 ASP 104 171 171 ASP ASP 1 . n 
A 1 105 ASP 105 172 172 ASP ASP 1 . n 
A 1 106 TYR 106 173 173 TYR TYR 1 . n 
A 1 107 THR 107 174 174 THR THR 1 . n 
A 1 108 TRP 108 175 175 TRP TRP 1 . n 
A 1 109 GLN 109 176 176 GLN GLN 1 . n 
A 1 110 THR 110 177 177 THR THR 1 . n 
A 1 111 SER 111 178 178 SER SER 1 . n 
A 1 112 SER 112 179 179 SER SER 1 . n 
A 1 113 ASN 113 180 180 ASN ASN 1 . n 
A 1 114 PRO 114 181 181 PRO PRO 1 . n 
A 1 115 SER 115 182 182 SER SER 1 . n 
A 1 116 ILE 116 183 183 ILE ILE 1 . n 
A 1 117 PHE 117 184 184 PHE PHE 1 . n 
A 1 118 TYR 118 185 185 TYR TYR 1 . n 
A 1 119 THR 119 186 186 THR THR 1 . n 
A 1 120 TYR 120 187 187 TYR TYR 1 . n 
A 1 121 GLY 121 188 188 GLY GLY 1 . n 
A 1 122 THR 122 189 189 THR THR 1 . n 
A 1 123 ALA 123 190 190 ALA ALA 1 . n 
A 1 124 PRO 124 191 191 PRO PRO 1 . n 
A 1 125 ALA 125 192 192 ALA ALA 1 . n 
A 1 126 ARG 126 193 193 ARG ARG 1 . n 
A 1 127 ILE 127 194 194 ILE ILE 1 . n 
A 1 128 SER 128 195 195 SER SER 1 . n 
A 1 129 VAL 129 196 196 VAL VAL 1 . n 
A 1 130 PRO 130 197 197 PRO PRO 1 . n 
A 1 131 TYR 131 198 198 TYR TYR 1 . n 
A 1 132 VAL 132 199 199 VAL VAL 1 . n 
A 1 133 GLY 133 200 200 GLY GLY 1 . n 
A 1 134 ILE 134 201 201 ILE ILE 1 . n 
A 1 135 SER 135 202 202 SER SER 1 . n 
A 1 136 ASN 136 203 203 ASN ASN 1 . n 
A 1 137 ALA 137 204 204 ALA ALA 1 . n 
A 1 138 TYR 138 205 205 TYR TYR 1 . n 
A 1 139 SER 139 206 206 SER SER 1 . n 
A 1 140 HIS 140 207 207 HIS HIS 1 . n 
A 1 141 PHE 141 208 208 PHE PHE 1 . n 
A 1 142 TYR 142 209 209 TYR TYR 1 . n 
A 1 143 ASP 143 210 210 ASP ASP 1 . n 
A 1 144 GLY 144 211 211 GLY GLY 1 . n 
A 1 145 PHE 145 212 212 PHE PHE 1 . n 
A 1 146 SER 146 213 213 SER SER 1 . n 
A 1 147 LYS 147 214 214 LYS LYS 1 . n 
A 1 148 VAL 148 215 215 VAL VAL 1 . n 
A 1 149 PRO 149 216 216 PRO PRO 1 . n 
A 1 150 LEU 150 217 217 LEU LEU 1 . n 
A 1 151 LYS 151 218 218 LYS LYS 1 . n 
A 1 152 ASP 152 219 219 ASP ASP 1 . n 
A 1 153 GLN 153 220 220 GLN GLN 1 . n 
A 1 154 SER 154 221 221 SER SER 1 . n 
A 1 155 ALA 155 222 222 ALA ALA 1 . n 
A 1 156 ALA 156 223 223 ALA ALA 1 . n 
A 1 157 LEU 157 224 224 LEU LEU 1 . n 
A 1 158 GLY 158 225 225 GLY GLY 1 . n 
A 1 159 ASP 159 226 226 ASP ASP 1 . n 
A 1 160 SER 160 227 227 SER SER 1 . n 
A 1 161 LEU 161 228 228 LEU LEU 1 . n 
A 1 162 TYR 162 229 229 TYR TYR 1 . n 
A 1 163 GLY 163 230 230 GLY GLY 1 . n 
A 1 164 ALA 164 231 231 ALA ALA 1 . n 
A 1 165 ALA 165 232 232 ALA ALA 1 . n 
A 1 166 SER 166 233 233 SER SER 1 . n 
A 1 167 LEU 167 234 234 LEU LEU 1 . n 
A 1 168 ASN 168 235 235 ASN ASN 1 . n 
A 1 169 ASP 169 236 236 ASP ASP 1 . n 
A 1 170 PHE 170 237 237 PHE PHE 1 . n 
A 1 171 GLY 171 238 238 GLY GLY 1 . n 
A 1 172 ILE 172 239 239 ILE ILE 1 . n 
A 1 173 LEU 173 240 240 LEU LEU 1 . n 
A 1 174 ALA 174 241 241 ALA ALA 1 . n 
A 1 175 VAL 175 242 242 VAL VAL 1 . n 
A 1 176 ARG 176 243 243 ARG ARG 1 . n 
A 1 177 VAL 177 244 244 VAL VAL 1 . n 
A 1 178 VAL 178 245 245 VAL VAL 1 . n 
A 1 179 ASN 179 246 246 ASN ASN 1 . n 
A 1 180 ASP 180 247 247 ASP ASP 1 . n 
A 1 181 HIS 181 248 248 HIS HIS 1 . n 
A 1 182 ASN 182 249 249 ASN ASN 1 . n 
A 1 183 PRO 183 250 250 PRO PRO 1 . n 
A 1 184 THR 184 251 251 THR THR 1 . n 
A 1 185 LYS 185 252 252 LYS LYS 1 . n 
A 1 186 VAL 186 253 253 VAL VAL 1 . n 
A 1 187 THR 187 254 254 THR THR 1 . n 
A 1 188 SER 188 255 255 SER SER 1 . n 
A 1 189 LYS 189 256 256 LYS LYS 1 . n 
A 1 190 ILE 190 257 257 ILE ILE 1 . n 
A 1 191 ARG 191 258 258 ARG ARG 1 . n 
A 1 192 VAL 192 259 259 VAL VAL 1 . n 
A 1 193 TYR 193 260 260 TYR TYR 1 . n 
A 1 194 LEU 194 261 261 LEU LEU 1 . n 
A 1 195 LYS 195 262 262 LYS LYS 1 . n 
A 1 196 PRO 196 263 263 PRO PRO 1 . n 
A 1 197 LYS 197 264 264 LYS LYS 1 . n 
A 1 198 HIS 198 265 265 HIS HIS 1 . n 
A 1 199 ILE 199 266 266 ILE ILE 1 . n 
A 1 200 ARG 200 267 267 ARG ARG 1 . n 
A 1 201 VAL 201 268 268 VAL VAL 1 . n 
A 1 202 TRP 202 269 269 TRP TRP 1 . n 
A 1 203 CYS 203 270 270 CYS CYS 1 . n 
A 1 204 PRO 204 271 271 PRO PRO 1 . n 
A 1 205 ARG 205 272 272 ARG ARG 1 . n 
A 1 206 PRO 206 273 273 PRO PRO 1 . n 
A 1 207 PRO 207 274 274 PRO PRO 1 . n 
A 1 208 ARG 208 275 275 ARG ARG 1 . n 
A 1 209 ALA 209 276 276 ALA ALA 1 . n 
A 1 210 VAL 210 277 277 VAL VAL 1 . n 
A 1 211 ALA 211 278 278 ALA ALA 1 . n 
A 1 212 TYR 212 279 279 TYR TYR 1 . n 
A 1 213 TYR 213 280 280 TYR TYR 1 . n 
A 1 214 GLY 214 281 281 GLY GLY 1 . n 
A 1 215 PRO 215 282 282 PRO PRO 1 . n 
A 1 216 GLY 216 283 283 GLY GLY 1 . n 
A 1 217 VAL 217 284 284 VAL VAL 1 . n 
A 1 218 ASP 218 285 285 ASP ASP 1 . n 
A 1 219 TYR 219 286 286 TYR TYR 1 . n 
A 1 220 LYS 220 287 287 LYS LYS 1 . n 
A 1 221 ASP 221 288 288 ASP ASP 1 . n 
A 1 222 GLY 222 289 289 GLY GLY 1 . n 
A 1 223 THR 223 290 290 THR THR 1 . n 
A 1 224 LEU 224 291 291 LEU LEU 1 . n 
A 1 225 THR 225 292 292 THR THR 1 . n 
A 1 226 PRO 226 293 293 PRO PRO 1 . n 
A 1 227 LEU 227 294 294 LEU LEU 1 . n 
A 1 228 SER 228 295 295 SER SER 1 . n 
A 1 229 THR 229 296 296 THR THR 1 . n 
A 1 230 LYS 230 297 297 LYS LYS 1 . n 
A 1 231 ASP 231 298 298 ASP ASP 1 . n 
A 1 232 LEU 232 299 299 LEU LEU 1 . n 
A 1 233 THR 233 300 300 THR THR 1 . n 
A 1 234 THR 234 301 301 THR THR 1 . n 
A 1 235 TYR 235 302 302 TYR TYR 1 . n 
B 2 1   LEU 1   83  83  LEU LEU 2 . n 
B 2 2   GLN 2   84  84  GLN GLN 2 . n 
B 2 3   LEU 3   85  85  LEU LEU 2 . n 
B 2 4   THR 4   86  86  THR THR 2 . n 
B 2 5   LEU 5   87  87  LEU LEU 2 . n 
B 2 6   GLY 6   88  88  GLY GLY 2 . n 
B 2 7   ASN 7   89  89  ASN ASN 2 . n 
B 2 8   SER 8   90  90  SER SER 2 . n 
B 2 9   THR 9   91  91  THR THR 2 . n 
B 2 10  ILE 10  92  92  ILE ILE 2 . n 
B 2 11  THR 11  93  93  THR THR 2 . n 
B 2 12  THR 12  94  94  THR THR 2 . n 
B 2 13  GLN 13  95  95  GLN GLN 2 . n 
B 2 14  GLU 14  96  96  GLU GLU 2 . n 
C 3 1   GLY 1   1   1   GLY GLY 3 . n 
C 3 2   LEU 2   2   2   LEU LEU 3 . n 
C 3 3   PRO 3   3   3   PRO PRO 3 . n 
C 3 4   VAL 4   4   4   VAL VAL 3 . n 
C 3 5   MET 5   5   5   MET MET 3 . n 
C 3 6   ASN 6   6   6   ASN ASN 3 . n 
C 3 7   THR 7   7   7   THR THR 3 . n 
C 3 8   PRO 8   8   8   PRO PRO 3 . n 
C 3 9   GLY 9   9   9   GLY GLY 3 . n 
C 3 10  SER 10  10  10  SER SER 3 . n 
C 3 11  ASN 11  11  11  ASN ASN 3 . n 
C 3 12  GLN 12  12  12  GLN GLN 3 . n 
C 3 13  TYR 13  13  13  TYR TYR 3 . n 
C 3 14  LEU 14  14  14  LEU LEU 3 . n 
C 3 15  THR 15  15  15  THR THR 3 . n 
C 3 16  ALA 16  16  16  ALA ALA 3 . n 
C 3 17  ASP 17  17  17  ASP ASP 3 . n 
C 3 18  ASN 18  18  18  ASN ASN 3 . n 
C 3 19  PHE 19  19  19  PHE PHE 3 . n 
C 3 20  GLN 20  20  20  GLN GLN 3 . n 
C 3 21  SER 21  21  21  SER SER 3 . n 
C 3 22  PRO 22  22  22  PRO PRO 3 . n 
C 3 23  CYS 23  23  23  CYS CYS 3 . n 
C 3 24  ALA 24  24  24  ALA ALA 3 . n 
C 3 25  LEU 25  25  25  LEU LEU 3 . n 
C 3 26  PRO 26  26  26  PRO PRO 3 . n 
C 3 27  GLU 27  27  27  GLU GLU 3 . n 
C 3 28  PHE 28  28  28  PHE PHE 3 . n 
C 3 29  ASP 29  29  29  ASP ASP 3 . n 
C 3 30  VAL 30  30  30  VAL VAL 3 . n 
C 3 31  THR 31  31  31  THR THR 3 . n 
C 3 32  PRO 32  32  32  PRO PRO 3 . n 
C 3 33  PRO 33  33  33  PRO PRO 3 . n 
C 3 34  ILE 34  34  34  ILE ILE 3 . n 
C 3 35  ASP 35  35  35  ASP ASP 3 . n 
C 3 36  ILE 36  36  36  ILE ILE 3 . n 
C 3 37  PRO 37  37  37  PRO PRO 3 . n 
C 3 38  GLY 38  38  38  GLY GLY 3 . n 
C 3 39  GLU 39  39  39  GLU GLU 3 . n 
C 3 40  VAL 40  40  40  VAL VAL 3 . n 
C 3 41  LYS 41  41  41  LYS LYS 3 . n 
C 3 42  ASN 42  42  42  ASN ASN 3 . n 
C 3 43  MET 43  43  43  MET MET 3 . n 
C 3 44  MET 44  44  44  MET MET 3 . n 
C 3 45  GLU 45  45  45  GLU GLU 3 . n 
C 3 46  LEU 46  46  46  LEU LEU 3 . n 
C 3 47  ALA 47  47  47  ALA ALA 3 . n 
C 3 48  GLU 48  48  48  GLU GLU 3 . n 
C 3 49  ILE 49  49  49  ILE ILE 3 . n 
C 3 50  ASP 50  50  50  ASP ASP 3 . n 
C 3 51  THR 51  51  51  THR THR 3 . n 
C 3 52  MET 52  52  52  MET MET 3 . n 
C 3 53  ILE 53  53  53  ILE ILE 3 . n 
C 3 54  PRO 54  54  54  PRO PRO 3 . n 
C 3 55  PHE 55  55  55  PHE PHE 3 . n 
C 3 56  ASP 56  56  56  ASP ASP 3 . n 
C 3 57  LEU 57  57  57  LEU LEU 3 . n 
C 3 58  SER 58  58  58  SER SER 3 . n 
C 3 59  ALA 59  59  59  ALA ALA 3 . n 
C 3 60  THR 60  60  60  THR THR 3 . n 
C 3 61  LYS 61  61  61  LYS LYS 3 . n 
C 3 62  LYS 62  62  62  LYS LYS 3 . n 
C 3 63  ASN 63  63  63  ASN ASN 3 . n 
C 3 64  THR 64  64  64  THR THR 3 . n 
C 3 65  MET 65  65  65  MET MET 3 . n 
C 3 66  GLU 66  66  66  GLU GLU 3 . n 
C 3 67  MET 67  67  67  MET MET 3 . n 
C 3 68  TYR 68  68  68  TYR TYR 3 . n 
C 3 69  ARG 69  69  69  ARG ARG 3 . n 
C 3 70  VAL 70  70  70  VAL VAL 3 . n 
C 3 71  ARG 71  71  71  ARG ARG 3 . n 
C 3 72  LEU 72  72  72  LEU LEU 3 . n 
C 3 73  SER 73  73  73  SER SER 3 . n 
C 3 74  ASP 74  74  74  ASP ASP 3 . n 
C 3 75  LYS 75  75  75  LYS LYS 3 . n 
C 3 76  PRO 76  76  76  PRO PRO 3 . n 
C 3 77  HIS 77  77  77  HIS HIS 3 . n 
C 3 78  THR 78  78  78  THR THR 3 . n 
C 3 79  ASP 79  79  79  ASP ASP 3 . n 
C 3 80  ASP 80  80  80  ASP ASP 3 . n 
C 3 81  PRO 81  81  81  PRO PRO 3 . n 
C 3 82  ILE 82  82  82  ILE ILE 3 . n 
C 3 83  LEU 83  83  83  LEU LEU 3 . n 
C 3 84  CYS 84  84  84  CYS CYS 3 . n 
C 3 85  LEU 85  85  85  LEU LEU 3 . n 
C 3 86  SER 86  86  86  SER SER 3 . n 
C 3 87  LEU 87  87  87  LEU LEU 3 . n 
C 3 88  SER 88  88  88  SER SER 3 . n 
C 3 89  PRO 89  89  89  PRO PRO 3 . n 
C 3 90  ALA 90  90  90  ALA ALA 3 . n 
C 3 91  SER 91  91  91  SER SER 3 . n 
C 3 92  ASP 92  92  92  ASP ASP 3 . n 
C 3 93  PRO 93  93  93  PRO PRO 3 . n 
C 3 94  ARG 94  94  94  ARG ARG 3 . n 
C 3 95  LEU 95  95  95  LEU LEU 3 . n 
C 3 96  SER 96  96  96  SER SER 3 . n 
C 3 97  HIS 97  97  97  HIS HIS 3 . n 
C 3 98  THR 98  98  98  THR THR 3 . n 
C 3 99  MET 99  99  99  MET MET 3 . n 
C 3 100 LEU 100 100 100 LEU LEU 3 . n 
C 3 101 GLY 101 101 101 GLY GLY 3 . n 
C 3 102 GLU 102 102 102 GLU GLU 3 . n 
C 3 103 ILE 103 103 103 ILE ILE 3 . n 
C 3 104 LEU 104 104 104 LEU LEU 3 . n 
C 3 105 ASN 105 105 105 ASN ASN 3 . n 
C 3 106 TYR 106 106 106 TYR TYR 3 . n 
C 3 107 TYR 107 107 107 TYR TYR 3 . n 
C 3 108 THR 108 108 108 THR THR 3 . n 
C 3 109 HIS 109 109 109 HIS HIS 3 . n 
C 3 110 TRP 110 110 110 TRP TRP 3 . n 
C 3 111 ALA 111 111 111 ALA ALA 3 . n 
C 3 112 GLY 112 112 112 GLY GLY 3 . n 
C 3 113 SER 113 113 113 SER SER 3 . n 
C 3 114 LEU 114 114 114 LEU LEU 3 . n 
C 3 115 LYS 115 115 115 LYS LYS 3 . n 
C 3 116 PHE 116 116 116 PHE PHE 3 . n 
C 3 117 THR 117 117 117 THR THR 3 . n 
C 3 118 PHE 118 118 118 PHE PHE 3 . n 
C 3 119 LEU 119 119 119 LEU LEU 3 . n 
C 3 120 PHE 120 120 120 PHE PHE 3 . n 
C 3 121 CYS 121 121 121 CYS CYS 3 . n 
C 3 122 GLY 122 122 122 GLY GLY 3 . n 
C 3 123 SER 123 123 123 SER SER 3 . n 
C 3 124 MET 124 124 124 MET MET 3 . n 
C 3 125 MET 125 125 125 MET MET 3 . n 
C 3 126 ALA 126 126 126 ALA ALA 3 . n 
C 3 127 THR 127 127 127 THR THR 3 . n 
C 3 128 GLY 128 128 128 GLY GLY 3 . n 
C 3 129 LYS 129 129 129 LYS LYS 3 . n 
C 3 130 LEU 130 130 130 LEU LEU 3 . n 
C 3 131 LEU 131 131 131 LEU LEU 3 . n 
C 3 132 VAL 132 132 132 VAL VAL 3 . n 
C 3 133 SER 133 133 133 SER SER 3 . n 
C 3 134 TYR 134 134 134 TYR TYR 3 . n 
C 3 135 ALA 135 135 135 ALA ALA 3 . n 
C 3 136 PRO 136 136 136 PRO PRO 3 . n 
C 3 137 PRO 137 137 137 PRO PRO 3 . n 
C 3 138 GLY 138 138 138 GLY GLY 3 . n 
C 3 139 ALA 139 139 139 ALA ALA 3 . n 
C 3 140 ASP 140 140 140 ASP ASP 3 . n 
C 3 141 PRO 141 141 141 PRO PRO 3 . n 
C 3 142 PRO 142 142 142 PRO PRO 3 . n 
C 3 143 LYS 143 143 143 LYS LYS 3 . n 
C 3 144 LYS 144 144 144 LYS LYS 3 . n 
C 3 145 ARG 145 145 145 ARG ARG 3 . n 
C 3 146 LYS 146 146 146 LYS LYS 3 . n 
C 3 147 GLU 147 147 147 GLU GLU 3 . n 
C 3 148 ALA 148 148 148 ALA ALA 3 . n 
C 3 149 MET 149 149 149 MET MET 3 . n 
C 3 150 LEU 150 150 150 LEU LEU 3 . n 
C 3 151 GLY 151 151 151 GLY GLY 3 . n 
C 3 152 THR 152 152 152 THR THR 3 . n 
C 3 153 HIS 153 153 153 HIS HIS 3 . n 
C 3 154 VAL 154 154 154 VAL VAL 3 . n 
C 3 155 ILE 155 155 155 ILE ILE 3 . n 
C 3 156 TRP 156 156 156 TRP TRP 3 . n 
C 3 157 ASP 157 157 157 ASP ASP 3 . n 
C 3 158 ILE 158 158 158 ILE ILE 3 . n 
C 3 159 GLY 159 159 159 GLY GLY 3 . n 
C 3 160 LEU 160 160 160 LEU LEU 3 . n 
C 3 161 GLN 161 161 161 GLN GLN 3 . n 
C 3 162 SER 162 162 162 SER SER 3 . n 
C 3 163 SER 163 163 163 SER SER 3 . n 
C 3 164 CYS 164 164 164 CYS CYS 3 . n 
C 3 165 THR 165 165 165 THR THR 3 . n 
C 3 166 MET 166 166 166 MET MET 3 . n 
C 3 167 VAL 167 167 167 VAL VAL 3 . n 
C 3 168 VAL 168 168 168 VAL VAL 3 . n 
C 3 169 PRO 169 169 169 PRO PRO 3 . n 
C 3 170 TRP 170 170 170 TRP TRP 3 . n 
C 3 171 ILE 171 171 171 ILE ILE 3 . n 
C 3 172 SER 172 172 172 SER SER 3 . n 
C 3 173 ASN 173 173 173 ASN ASN 3 . n 
C 3 174 THR 174 174 174 THR THR 3 . n 
C 3 175 THR 175 175 175 THR THR 3 . n 
C 3 176 TYR 176 176 176 TYR TYR 3 . n 
C 3 177 ARG 177 177 177 ARG ARG 3 . n 
C 3 178 GLN 178 178 178 GLN GLN 3 . n 
C 3 179 THR 179 179 179 THR THR 3 . n 
C 3 180 ILE 180 180 180 ILE ILE 3 . n 
C 3 181 ASP 181 181 181 ASP ASP 3 . n 
C 3 182 ASP 182 182 182 ASP ASP 3 . n 
C 3 183 SER 183 183 183 SER SER 3 . n 
C 3 184 PHE 184 184 184 PHE PHE 3 . n 
C 3 185 THR 185 185 185 THR THR 3 . n 
C 3 186 GLU 186 186 186 GLU GLU 3 . n 
C 3 187 GLY 187 187 187 GLY GLY 3 . n 
C 3 188 GLY 188 188 188 GLY GLY 3 . n 
C 3 189 TYR 189 189 189 TYR TYR 3 . n 
C 3 190 ILE 190 190 190 ILE ILE 3 . n 
C 3 191 SER 191 191 191 SER SER 3 . n 
C 3 192 VAL 192 192 192 VAL VAL 3 . n 
C 3 193 PHE 193 193 193 PHE PHE 3 . n 
C 3 194 TYR 194 194 194 TYR TYR 3 . n 
C 3 195 GLN 195 195 195 GLN GLN 3 . n 
C 3 196 THR 196 196 196 THR THR 3 . n 
C 3 197 ARG 197 197 197 ARG ARG 3 . n 
C 3 198 ILE 198 198 198 ILE ILE 3 . n 
C 3 199 VAL 199 199 199 VAL VAL 3 . n 
C 3 200 VAL 200 200 200 VAL VAL 3 . n 
C 3 201 PRO 201 201 201 PRO PRO 3 . n 
C 3 202 LEU 202 202 202 LEU LEU 3 . n 
C 3 203 SER 203 203 203 SER SER 3 . n 
C 3 204 THR 204 204 204 THR THR 3 . n 
C 3 205 PRO 205 205 205 PRO PRO 3 . n 
C 3 206 ARG 206 206 206 ARG ARG 3 . n 
C 3 207 GLU 207 207 207 GLU GLU 3 . n 
C 3 208 MET 208 208 208 MET MET 3 . n 
C 3 209 ASP 209 209 209 ASP ASP 3 . n 
C 3 210 ILE 210 210 210 ILE ILE 3 . n 
C 3 211 LEU 211 211 211 LEU LEU 3 . n 
C 3 212 GLY 212 212 212 GLY GLY 3 . n 
C 3 213 PHE 213 213 213 PHE PHE 3 . n 
C 3 214 VAL 214 214 214 VAL VAL 3 . n 
C 3 215 SER 215 215 215 SER SER 3 . n 
C 3 216 ALA 216 216 216 ALA ALA 3 . n 
C 3 217 CYS 217 217 217 CYS CYS 3 . n 
C 3 218 ASN 218 218 218 ASN ASN 3 . n 
C 3 219 ASP 219 219 219 ASP ASP 3 . n 
C 3 220 PHE 220 220 220 PHE PHE 3 . n 
C 3 221 SER 221 221 221 SER SER 3 . n 
C 3 222 VAL 222 222 222 VAL VAL 3 . n 
C 3 223 ARG 223 223 223 ARG ARG 3 . n 
C 3 224 LEU 224 224 224 LEU LEU 3 . n 
C 3 225 LEU 225 225 225 LEU LEU 3 . n 
C 3 226 ARG 226 226 226 ARG ARG 3 . n 
C 3 227 ASP 227 227 227 ASP ASP 3 . n 
C 3 228 THR 228 228 228 THR THR 3 . n 
C 3 229 THR 229 229 229 THR THR 3 . n 
C 3 230 HIS 230 230 230 HIS HIS 3 . n 
C 3 231 ILE 231 231 231 ILE ILE 3 . n 
D 4 1   ALA 1   97  97  ALA ALA 4 . n 
D 4 2   ALA 2   98  98  ALA ALA 4 . n 
D 4 3   ASN 3   99  99  ASN ASN 4 . n 
D 4 4   SER 4   100 100 SER SER 4 . n 
D 4 5   VAL 5   101 101 VAL VAL 4 . n 
D 4 6   VAL 6   102 102 VAL VAL 4 . n 
D 4 7   ALA 7   103 103 ALA ALA 4 . n 
D 4 8   TYR 8   104 104 TYR TYR 4 . n 
D 4 9   GLY 9   105 105 GLY GLY 4 . n 
D 4 10  ARG 10  106 106 ARG ARG 4 . n 
D 4 11  TRP 11  107 107 TRP TRP 4 . n 
D 4 12  PRO 12  108 108 PRO PRO 4 . n 
D 4 13  GLU 13  109 109 GLU GLU 4 . n 
D 4 14  TYR 14  110 110 TYR TYR 4 . n 
D 4 15  LEU 15  111 111 LEU LEU 4 . n 
D 4 16  ARG 16  112 112 ARG ARG 4 . n 
D 4 17  ASP 17  112 ?   ?   ?   4 A n 
D 4 18  SER 18  112 ?   ?   ?   4 B n 
D 4 19  GLU 19  112 ?   ?   ?   4 C n 
D 4 20  ALA 20  112 ?   ?   ?   4 D n 
D 4 21  ASN 21  112 ?   ?   ?   4 E n 
D 4 22  PRO 22  112 ?   ?   ?   4 F n 
D 4 23  VAL 23  112 ?   ?   ?   4 G n 
D 4 24  ASP 24  112 ?   ?   ?   4 H n 
D 4 25  GLN 25  112 ?   ?   ?   4 I n 
D 4 26  PRO 26  112 ?   ?   ?   4 J n 
D 4 27  THR 27  112 ?   ?   ?   4 K n 
D 4 28  GLU 28  112 ?   ?   ?   4 L n 
D 4 29  PRO 29  112 ?   ?   ?   4 M n 
D 4 30  ASP 30  113 113 ASP ASP 4 . n 
D 4 31  VAL 31  127 127 VAL VAL 4 . n 
D 4 32  ALA 32  128 128 ALA ALA 4 . n 
D 4 33  ALA 33  129 129 ALA ALA 4 . n 
D 4 34  CYS 34  130 130 CYS CYS 4 . n 
D 4 35  ARG 35  131 131 ARG ARG 4 . n 
D 4 36  PHE 36  132 132 PHE PHE 4 . n 
D 4 37  TYR 37  133 133 TYR TYR 4 . n 
D 4 38  THR 38  134 134 THR THR 4 . n 
D 4 39  LEU 39  135 135 LEU LEU 4 . n 
D 4 40  ASP 40  136 136 ASP ASP 4 . n 
D 4 41  THR 41  137 137 THR THR 4 . n 
D 4 42  VAL 42  138 138 VAL VAL 4 . n 
D 4 43  SER 43  139 139 SER SER 4 . n 
D 4 44  TRP 44  140 140 TRP TRP 4 . n 
D 4 45  THR 45  141 141 THR THR 4 . n 
D 4 46  LYS 46  142 142 LYS LYS 4 . n 
D 4 47  GLU 47  143 143 GLU GLU 4 . n 
D 4 48  SER 48  144 144 SER SER 4 . n 
D 4 49  ARG 49  145 145 ARG ARG 4 . n 
D 4 50  GLY 50  146 146 GLY GLY 4 . n 
D 4 51  TRP 51  147 147 TRP TRP 4 . n 
D 4 52  TRP 52  148 148 TRP TRP 4 . n 
D 4 53  TRP 53  149 149 TRP TRP 4 . n 
D 4 54  LYS 54  150 150 LYS LYS 4 . n 
D 4 55  LEU 55  151 151 LEU LEU 4 . n 
D 4 56  PRO 56  152 152 PRO PRO 4 . n 
D 4 57  ASP 57  153 153 ASP ASP 4 . n 
D 4 58  ALA 58  154 154 ALA ALA 4 . n 
D 4 59  LEU 59  155 155 LEU LEU 4 . n 
D 4 60  ARG 60  156 156 ARG ARG 4 . n 
D 4 61  ASP 61  157 157 ASP ASP 4 . n 
D 4 62  MET 62  158 158 MET MET 4 . n 
D 4 63  GLY 63  159 159 GLY GLY 4 . n 
D 4 64  LEU 64  160 160 LEU LEU 4 . n 
D 4 65  PHE 65  161 161 PHE PHE 4 . n 
D 4 66  GLY 66  162 162 GLY GLY 4 . n 
D 4 67  GLN 67  163 163 GLN GLN 4 . n 
D 4 68  ASN 68  164 164 ASN ASN 4 . n 
D 4 69  MET 69  165 165 MET MET 4 . n 
D 4 70  TYR 70  166 166 TYR TYR 4 . n 
D 4 71  TYR 71  167 167 TYR TYR 4 . n 
D 4 72  HIS 72  168 168 HIS HIS 4 . n 
D 4 73  TYR 73  169 169 TYR TYR 4 . n 
D 4 74  LEU 74  170 170 LEU LEU 4 . n 
D 4 75  GLY 75  171 171 GLY GLY 4 . n 
D 4 76  ARG 76  172 172 ARG ARG 4 . n 
D 4 77  SER 77  173 173 SER SER 4 . n 
D 4 78  GLY 78  174 174 GLY GLY 4 . n 
D 4 79  TYR 79  175 175 TYR TYR 4 . n 
D 4 80  THR 80  176 176 THR THR 4 . n 
D 4 81  VAL 81  177 177 VAL VAL 4 . n 
D 4 82  HIS 82  178 178 HIS HIS 4 . n 
D 4 83  VAL 83  179 179 VAL VAL 4 . n 
D 4 84  GLN 84  180 180 GLN GLN 4 . n 
D 4 85  CYS 85  181 181 CYS CYS 4 . n 
D 4 86  ASN 86  182 182 ASN ASN 4 . n 
D 4 87  ALA 87  183 183 ALA ALA 4 . n 
D 4 88  SER 88  184 184 SER SER 4 . n 
D 4 89  LYS 89  185 185 LYS LYS 4 . n 
D 4 90  PHE 90  186 186 PHE PHE 4 . n 
D 4 91  HIS 91  187 187 HIS HIS 4 . n 
D 4 92  GLN 92  188 188 GLN GLN 4 . n 
D 4 93  GLY 93  189 189 GLY GLY 4 . n 
D 4 94  ALA 94  190 190 ALA ALA 4 . n 
D 4 95  LEU 95  191 191 LEU LEU 4 . n 
D 4 96  GLY 96  192 192 GLY GLY 4 . n 
D 4 97  VAL 97  193 193 VAL VAL 4 . n 
D 4 98  PHE 98  194 194 PHE PHE 4 . n 
D 4 99  ALA 99  195 195 ALA ALA 4 . n 
D 4 100 VAL 100 196 196 VAL VAL 4 . n 
D 4 101 PRO 101 197 197 PRO PRO 4 . n 
D 4 102 GLU 102 198 198 GLU GLU 4 . n 
D 4 103 MET 103 199 199 MET MET 4 . n 
D 4 104 CYS 104 200 200 CYS CYS 4 . n 
D 4 105 LEU 105 201 201 LEU LEU 4 . n 
D 4 106 ALA 106 202 202 ALA ALA 4 . n 
D 4 107 GLY 107 203 203 GLY GLY 4 . n 
D 4 108 ASP 108 204 204 ASP ASP 4 . n 
D 4 109 SER 109 205 205 SER SER 4 . n 
D 4 110 ASN 110 206 206 ASN ASN 4 . n 
D 4 111 THR 111 207 207 THR THR 4 . n 
D 4 112 THR 112 208 208 THR THR 4 . n 
D 4 113 THR 113 209 209 THR THR 4 . n 
D 4 114 MET 114 210 210 MET MET 4 . n 
D 4 115 HIS 115 211 211 HIS HIS 4 . n 
D 4 116 THR 116 212 212 THR THR 4 . n 
D 4 117 SER 117 213 213 SER SER 4 . n 
D 4 118 TYR 118 214 214 TYR TYR 4 . n 
D 4 119 GLN 119 215 215 GLN GLN 4 . n 
D 4 120 ASN 120 216 216 ASN ASN 4 . n 
D 4 121 ALA 121 217 217 ALA ALA 4 . n 
D 4 122 ASN 122 218 218 ASN ASN 4 . n 
D 4 123 PRO 123 219 219 PRO PRO 4 . n 
D 4 124 GLY 124 220 220 GLY GLY 4 . n 
D 4 125 GLU 125 221 221 GLU GLU 4 . n 
D 4 126 LYS 126 222 222 LYS LYS 4 . n 
D 4 127 GLY 127 223 223 GLY GLY 4 . n 
D 4 128 GLY 128 224 224 GLY GLY 4 . n 
D 4 129 THR 129 225 225 THR THR 4 . n 
D 4 130 PHE 130 226 226 PHE PHE 4 . n 
D 4 131 THR 131 227 227 THR THR 4 . n 
D 4 132 GLY 132 228 228 GLY GLY 4 . n 
D 4 133 THR 133 229 229 THR THR 4 . n 
D 4 134 PHE 134 230 230 PHE PHE 4 . n 
D 4 135 THR 135 231 231 THR THR 4 . n 
D 4 136 PRO 136 232 232 PRO PRO 4 . n 
D 4 137 ASP 137 233 233 ASP ASP 4 . n 
D 4 138 ASN 138 234 234 ASN ASN 4 . n 
D 4 139 ASN 139 235 235 ASN ASN 4 . n 
D 4 140 GLN 140 236 236 GLN GLN 4 . n 
D 4 141 THR 141 237 237 THR THR 4 . n 
D 4 142 SER 142 238 238 SER SER 4 . n 
D 4 143 PRO 143 239 239 PRO PRO 4 . n 
D 4 144 ALA 144 240 240 ALA ALA 4 . n 
D 4 145 ARG 145 241 241 ARG ARG 4 . n 
D 4 146 ARG 146 242 242 ARG ARG 4 . n 
D 4 147 PHE 147 243 243 PHE PHE 4 . n 
D 4 148 CYS 148 244 244 CYS CYS 4 . n 
D 4 149 PRO 149 245 245 PRO PRO 4 . n 
D 4 150 VAL 150 246 246 VAL VAL 4 . n 
D 4 151 ASP 151 247 247 ASP ASP 4 . n 
D 4 152 TYR 152 248 248 TYR TYR 4 . n 
D 4 153 LEU 153 249 249 LEU LEU 4 . n 
D 4 154 LEU 154 250 250 LEU LEU 4 . n 
D 4 155 GLY 155 251 251 GLY GLY 4 . n 
D 4 156 ASN 156 252 252 ASN ASN 4 . n 
D 4 157 GLY 157 253 253 GLY GLY 4 . n 
D 4 158 THR 158 254 254 THR THR 4 . n 
D 4 159 LEU 159 255 255 LEU LEU 4 . n 
D 4 160 LEU 160 256 256 LEU LEU 4 . n 
D 4 161 GLY 161 257 257 GLY GLY 4 . n 
D 4 162 ASN 162 258 258 ASN ASN 4 . n 
D 4 163 ALA 163 259 259 ALA ALA 4 . n 
D 4 164 PHE 164 260 260 PHE PHE 4 . n 
D 4 165 VAL 165 261 261 VAL VAL 4 . n 
D 4 166 PHE 166 262 262 PHE PHE 4 . n 
D 4 167 PRO 167 263 263 PRO PRO 4 . n 
D 4 168 HIS 168 264 264 HIS HIS 4 . n 
D 4 169 GLN 169 265 265 GLN GLN 4 . n 
D 4 170 ILE 170 266 266 ILE ILE 4 . n 
D 4 171 ILE 171 267 267 ILE ILE 4 . n 
D 4 172 ASN 172 268 268 ASN ASN 4 . n 
D 4 173 LEU 173 269 269 LEU LEU 4 . n 
D 4 174 ARG 174 270 270 ARG ARG 4 . n 
D 4 175 THR 175 271 271 THR THR 4 . n 
D 4 176 ASN 176 272 272 ASN ASN 4 . n 
D 4 177 ASN 177 273 273 ASN ASN 4 . n 
D 4 178 CYS 178 274 274 CYS CYS 4 . n 
D 4 179 ALA 179 275 275 ALA ALA 4 . n 
D 4 180 THR 180 276 276 THR THR 4 . n 
D 4 181 LEU 181 277 277 LEU LEU 4 . n 
D 4 182 VAL 182 278 278 VAL VAL 4 . n 
D 4 183 LEU 183 279 279 LEU LEU 4 . n 
D 4 184 PRO 184 280 280 PRO PRO 4 . n 
D 4 185 TYR 185 281 281 TYR TYR 4 . n 
D 4 186 VAL 186 282 282 VAL VAL 4 . n 
D 4 187 ASN 187 283 283 ASN ASN 4 . n 
D 4 188 SER 188 284 284 SER SER 4 . n 
D 4 189 LEU 189 285 285 LEU LEU 4 . n 
D 4 190 SER 190 286 286 SER SER 4 . n 
D 4 191 ILE 191 287 287 ILE ILE 4 . n 
D 4 192 ASP 192 288 288 ASP ASP 4 . n 
D 4 193 SER 193 289 289 SER SER 4 . n 
D 4 194 MET 194 290 290 MET MET 4 . n 
D 4 195 VAL 195 291 291 VAL VAL 4 . n 
D 4 196 LYS 196 292 292 LYS LYS 4 . n 
D 4 197 HIS 197 293 293 HIS HIS 4 . n 
D 4 198 ASN 198 294 294 ASN ASN 4 . n 
D 4 199 ASN 199 295 295 ASN ASN 4 . n 
D 4 200 TRP 200 296 296 TRP TRP 4 . n 
D 4 201 GLY 201 297 297 GLY GLY 4 . n 
D 4 202 ILE 202 298 298 ILE ILE 4 . n 
D 4 203 ALA 203 299 299 ALA ALA 4 . n 
D 4 204 ILE 204 300 300 ILE ILE 4 . n 
D 4 205 LEU 205 301 301 LEU LEU 4 . n 
D 4 206 PRO 206 302 302 PRO PRO 4 . n 
D 4 207 LEU 207 303 303 LEU LEU 4 . n 
D 4 208 ALA 208 304 304 ALA ALA 4 . n 
D 4 209 PRO 209 305 305 PRO PRO 4 . n 
D 4 210 LEU 210 306 306 LEU LEU 4 . n 
D 4 211 ASN 211 307 307 ASN ASN 4 . n 
D 4 212 PHE 212 308 308 PHE PHE 4 . n 
D 4 213 ALA 213 309 309 ALA ALA 4 . n 
D 4 214 SER 214 310 310 SER SER 4 . n 
D 4 215 GLU 215 311 311 GLU GLU 4 . n 
D 4 216 SER 216 312 312 SER SER 4 . n 
D 4 217 SER 217 313 313 SER SER 4 . n 
D 4 218 PRO 218 314 314 PRO PRO 4 . n 
D 4 219 GLU 219 315 315 GLU GLU 4 . n 
D 4 220 ILE 220 316 316 ILE ILE 4 . n 
D 4 221 PRO 221 317 317 PRO PRO 4 . n 
D 4 222 ILE 222 318 318 ILE ILE 4 . n 
D 4 223 THR 223 319 319 THR THR 4 . n 
D 4 224 LEU 224 320 320 LEU LEU 4 . n 
D 4 225 THR 225 321 321 THR THR 4 . n 
D 4 226 ILE 226 322 322 ILE ILE 4 . n 
D 4 227 ALA 227 323 323 ALA ALA 4 . n 
D 4 228 PRO 228 324 324 PRO PRO 4 . n 
D 4 229 MET 229 325 325 MET MET 4 . n 
D 4 230 CYS 230 326 326 CYS CYS 4 . n 
D 4 231 CYS 231 327 327 CYS CYS 4 . n 
D 4 232 GLU 232 328 328 GLU GLU 4 . n 
D 4 233 PHE 233 329 329 PHE PHE 4 . n 
D 4 234 ASN 234 330 330 ASN ASN 4 . n 
D 4 235 GLY 235 331 331 GLY GLY 4 . n 
D 4 236 LEU 236 332 332 LEU LEU 4 . n 
D 4 237 ARG 237 333 333 ARG ARG 4 . n 
D 4 238 ASN 238 334 334 ASN ASN 4 . n 
D 4 239 ILE 239 335 335 ILE ILE 4 . n 
D 4 240 THR 240 336 336 THR THR 4 . n 
D 4 241 LEU 241 337 337 LEU LEU 4 . n 
D 4 242 PRO 242 338 338 PRO PRO 4 . n 
D 4 243 ARG 243 339 339 ARG ARG 4 . n 
D 4 244 LEU 244 340 340 LEU LEU 4 . n 
D 4 245 GLN 245 341 341 GLN GLN 4 . n 
E 5 1   UNK 1   42  42  UNK UNK 7 . n 
E 5 2   UNK 2   43  43  UNK UNK 7 . n 
E 5 3   UNK 3   44  44  UNK UNK 7 . n 
E 5 4   UNK 4   45  45  UNK UNK 7 . n 
E 5 5   UNK 5   46  46  UNK UNK 7 . n 
E 5 6   UNK 6   47  47  UNK UNK 7 . n 
E 5 7   UNK 7   48  48  UNK UNK 7 . n 
E 5 8   UNK 8   49  49  UNK UNK 7 . n 
E 5 9   UNK 9   50  50  UNK UNK 7 . n 
E 5 10  UNK 10  51  51  UNK UNK 7 . n 
E 5 11  UNK 11  52  52  UNK UNK 7 . n 
# 
_cell.entry_id           3IYC 
_cell.length_a           1 
_cell.length_b           1 
_cell.length_c           1 
_cell.angle_alpha        90 
_cell.angle_beta         90 
_cell.angle_gamma        90 
_cell.Z_PDB              1 
_cell.pdbx_unique_axis   ? 
_cell.length_a_esd       ? 
_cell.length_b_esd       ? 
_cell.length_c_esd       ? 
_cell.angle_alpha_esd    ? 
_cell.angle_beta_esd     ? 
_cell.angle_gamma_esd    ? 
# 
_symmetry.entry_id                         3IYC 
_symmetry.space_group_name_H-M             'P 1' 
_symmetry.pdbx_full_space_group_name_H-M   ? 
_symmetry.cell_setting                     ? 
_symmetry.Int_Tables_number                1 
_symmetry.space_group_name_Hall            ? 
# 
_exptl.entry_id          3IYC 
_exptl.method            'ELECTRON MICROSCOPY' 
_exptl.crystals_number   ? 
# 
_exptl_crystal.id                    1 
_exptl_crystal.density_meas          ? 
_exptl_crystal.density_Matthews      ? 
_exptl_crystal.density_percent_sol   ? 
_exptl_crystal.description           ? 
# 
_diffrn.id                     1 
_diffrn.ambient_temp           ? 
_diffrn.ambient_temp_details   ? 
_diffrn.crystal_id             1 
# 
_refine_hist.pdbx_refine_id                   'ELECTRON MICROSCOPY' 
_refine_hist.cycle_id                         LAST 
_refine_hist.pdbx_number_atoms_protein        723 
_refine_hist.pdbx_number_atoms_nucleic_acid   0 
_refine_hist.pdbx_number_atoms_ligand         0 
_refine_hist.number_atoms_solvent             0 
_refine_hist.number_atoms_total               723 
_refine_hist.d_res_high                       . 
_refine_hist.d_res_low                        . 
# 
_struct.entry_id                  3IYC 
_struct.title                     'Poliovirus late RNA-release intermediate' 
_struct.pdbx_model_details        ? 
_struct.pdbx_CASP_flag            ? 
_struct.pdbx_model_type_details   ? 
# 
_struct_keywords.entry_id        3IYC 
_struct_keywords.pdbx_keywords   'VIRAL PROTEIN' 
_struct_keywords.text            
;Picornavirus, poliovirus, intermediate, RNA release, 80S, ATP-binding, Capsid protein, Covalent protein-RNA linkage, Cytoplasmic vesicle, Helicase, Host-virus interaction, Hydrolase, Lipoprotein, Membrane, Myristate, Nucleotide-binding, Nucleotidyltransferase, Phosphoprotein, Protease, RNA replication, RNA-binding, RNA-directed RNA polymerase, Thiol protease, Transferase, Virion, VIRAL PROTEIN
;
# 
loop_
_struct_asym.id 
_struct_asym.pdbx_blank_PDB_chainid_flag 
_struct_asym.pdbx_modified 
_struct_asym.entity_id 
_struct_asym.details 
A N N 1 ? 
B N N 2 ? 
C N N 3 ? 
D N N 4 ? 
E N N 5 ? 
# 
loop_
_struct_ref.id 
_struct_ref.db_name 
_struct_ref.db_code 
_struct_ref.pdbx_db_accession 
_struct_ref.pdbx_db_isoform 
_struct_ref.entity_id 
_struct_ref.pdbx_seq_one_letter_code 
_struct_ref.pdbx_align_begin 
1 UNP POLG_POL1M   P03300 ? 1 
;QHRSRSESSIESFFARGACVTIMTVDNPASTTNKDKLFAVWKITYKDTVQLRRKLEFFTYSRFDMELTFVVTANFTETNN
GHALNQVYQIMYVPPGAPVPEKWDDYTWQTSSNPSIFYTYGTAPARISVPYVGISNAYSHFYDGFSKVPLKDQSAALGDS
LYGAASLNDFGILAVRVVNDHNPTKVTSKIRVYLKPKHIRVWCPRPPRAVAYYGPGVDYKDGTLTPLSTKDLTTY
;
647 
2 UNP POLG_POL3L   P03302 ? 2 LQLTLGNSTITTQE 83  
3 UNP Q9E8Z2_9ENTO Q9E8Z2 ? 3 
;GLPVMNTPGSNQYLTADNFQSPCALPEFDVTPPIDIPGEVKNMMELAEIDTMIPFDLSATKKNTMEMYRVRLSDKPHTDD
PILCLSLSPASDPRLSHTMLGEILNYYTHWAGSLKFTFLFCGSMMATGKLLVSYAPPGADPPKKRKEAMLGTHVIWDIGL
QSSCTMVVPWISNTTYRQTIDDSFTEGGYISVFYQTRIVVPLSTPREMDILGFVSACNDFSVRLLRDTTHI
;
342 
4 UNP POLG_POL1M   P03300 ? 4 
;AANSVVAYGRWPEYLRDSEANPVDQPTEPDVAACRFYTLDTVSWTKESRGWWWKLPDALRDMGLFGQNMYYHYLGRSGYT
VHVQCNASKFHQGALGVFAVPEMCLAGDSNTTTMHTSYQNANPGEKGGTFTGTFTPDNNQTSPARRFCPVDYLLGNGTLL
GNAFVFPHQIINLRTNNCATLVLPYVNSLSIDSMVKHNNWGIAILPLAPLNFASESSPEIPITLTIAPMCCEFNGLRNIT
LPRLQ
;
97  
5 PDB 3IYC         3IYC   ? 5 ? 1   
# 
loop_
_struct_ref_seq.align_id 
_struct_ref_seq.ref_id 
_struct_ref_seq.pdbx_PDB_id_code 
_struct_ref_seq.pdbx_strand_id 
_struct_ref_seq.seq_align_beg 
_struct_ref_seq.pdbx_seq_align_beg_ins_code 
_struct_ref_seq.seq_align_end 
_struct_ref_seq.pdbx_seq_align_end_ins_code 
_struct_ref_seq.pdbx_db_accession 
_struct_ref_seq.db_align_beg 
_struct_ref_seq.pdbx_db_align_beg_ins_code 
_struct_ref_seq.db_align_end 
_struct_ref_seq.pdbx_db_align_end_ins_code 
_struct_ref_seq.pdbx_auth_seq_align_beg 
_struct_ref_seq.pdbx_auth_seq_align_end 
1 1 3IYC 1 1 ? 235 ? P03300 647 ? 881 ? 68 302 
2 2 3IYC 2 1 ? 14  ? P03302 83  ? 96  ? 83 96  
3 3 3IYC 3 1 ? 231 ? Q9E8Z2 342 ? 572 ? 1  231 
4 4 3IYC 4 1 ? 245 ? P03300 97  ? 341 ? 97 341 
5 5 3IYC 7 1 ? 11  ? 3IYC   42  ? 52  ? 42 52  
# 
loop_
_pdbx_struct_assembly.id 
_pdbx_struct_assembly.details 
_pdbx_struct_assembly.method_details 
_pdbx_struct_assembly.oligomeric_details 
_pdbx_struct_assembly.oligomeric_count 
1 'complete icosahedral assembly'                ? 300-meric  300 
2 'icosahedral asymmetric unit'                  ? pentameric 5   
3 'icosahedral pentamer'                         ? 25-meric   25  
4 'icosahedral 23 hexamer'                       ? 30-meric   30  
5 'icosahedral asymmetric unit, std point frame' ? pentameric 5   
# 
loop_
_pdbx_struct_assembly_gen.assembly_id 
_pdbx_struct_assembly_gen.oper_expression 
_pdbx_struct_assembly_gen.asym_id_list 
1 '(1-60)'           A,B,C,D,E 
2 1                  A,B,C,D,E 
3 '(1-5)'            A,B,C,D,E 
4 '(1,2,6,10,23,24)' A,B,C,D,E 
5 P                  A,B,C,D,E 
# 
loop_
_pdbx_struct_oper_list.id 
_pdbx_struct_oper_list.type 
_pdbx_struct_oper_list.name 
_pdbx_struct_oper_list.symmetry_operation 
_pdbx_struct_oper_list.matrix[1][1] 
_pdbx_struct_oper_list.matrix[1][2] 
_pdbx_struct_oper_list.matrix[1][3] 
_pdbx_struct_oper_list.vector[1] 
_pdbx_struct_oper_list.matrix[2][1] 
_pdbx_struct_oper_list.matrix[2][2] 
_pdbx_struct_oper_list.matrix[2][3] 
_pdbx_struct_oper_list.vector[2] 
_pdbx_struct_oper_list.matrix[3][1] 
_pdbx_struct_oper_list.matrix[3][2] 
_pdbx_struct_oper_list.matrix[3][3] 
_pdbx_struct_oper_list.vector[3] 
P  'identity operation'       1_555 x,y,z 1.00000000  0.00000000  0.00000000  0.00000    0.00000000  1.00000000  0.00000000  0.00000    0.00000000  0.00000000  1.00000000  0.00000    
1  'identity operation'       1_555 x,y,z 1.00000000  0.00000000  0.00000000  0.00000    0.00000000  1.00000000  0.00000000  0.00000    0.00000000  0.00000000  1.00000000  0.00000    
2  'point symmetry operation' ?     ?     0.41265264  -0.75587965 -0.50829495 -46.74735  0.91002928  0.36633827  0.19401794  24.93575   0.03955369  -0.54262531 0.83904307  -12.47073  
3  'point symmetry operation' ?     ?     -0.53769535 -0.31300968 -0.78288482 -78.54738  0.71657867  -0.65894793 -0.22869769 -10.89033  -0.44429574 -0.68396824 0.57860930  -38.31401  
4  'point symmetry operation' ?     ?     -0.53769535 0.71657867  -0.44429574 -51.45353  -0.31300968 -0.65894793 -0.68396824 -57.96782  -0.78288482 -0.22869769 0.57860930  -41.81530  
5  'point symmetry operation' ?     ?     0.41265264  0.91002928  0.03955369  -2.90858   -0.75587965 0.36633827  -0.54262531 -51.23722  -0.50829495 0.19401794  0.83904307  -18.13594  
6  'point symmetry operation' ?     ?     -0.95557555 -0.11553740 0.27115766  66.44021   -0.11553740 -0.69951478 -0.70521641 -62.89608  0.27115766  -0.70521641 0.65509033  -37.68442  
7  'point symmetry operation' ?     ?     -0.48873790 0.53283733  0.69081085  104.84829  -0.71214965 0.21374160  -0.66869828 -66.14337  -0.50396242 -0.81877891 0.27499630  -76.11487  
8  'point symmetry operation' ?     ?     0.31054271  0.18977429  0.93142307  132.36727  -0.12580880 0.97945377  -0.15761488 -19.18330  -0.94219709 -0.06823506 0.32803751  -76.40224  
9  'point symmetry operation' ?     ?     0.33768764  -0.67062506 0.66047640  110.96686  0.83318204  0.53943354  0.12173389  13.08691   -0.43792093 0.50918904  0.74091279  -38.14938  
10 'point symmetry operation' ?     ?     -0.44481647 -0.85931805 0.25240994  70.22170   0.83953011  -0.49822609 -0.21670245 -13.92907  0.31197355  0.11551292  0.94304256  -14.22046  
11 'point symmetry operation' ?     ?     0.91215144  -0.15511644 -0.37936610 -47.28713  -0.15511644 -0.98741673 0.03077472  42.52766   -0.37936610 0.03077472  -0.92473471 -255.73422 
12 'point symmetry operation' ?     ?     0.22023587  -0.54044815 -0.81204184 -89.06476  -0.96137010 -0.26117832 -0.08691034 24.77318   -0.16511720 0.79981353  -0.57709153 -225.70035 
13 'point symmetry operation' ?     ?     -0.43306198 0.07617580  -0.89813950 -102.70993 -0.63782946 0.67816023  0.36506477  64.28584   0.63689159  0.73095550  -0.24509825 -190.84086 
14 'point symmetry operation' ?     ?     -0.14490668 0.84260207  -0.51867504 -69.36547  0.36838332  0.53246497  0.76208580  106.46049  0.91831137  -0.08063990 -0.38755829 -199.33038 
15 'point symmetry operation' ?     ?     0.68648093  0.69965561  -0.19805544 -35.11230  0.66671637  -0.49691819 0.55548319  93.01319   0.29022957  -0.51337543 -0.80759672 -239.43668 
16 'point symmetry operation' ?     ?     -0.95657589 0.27065384  0.10820844  37.36881   0.27065384  0.68693151  0.67444169  93.16660   0.10820844  0.67444169  -0.73035562 -248.02690 
17 'point symmetry operation' ?     ?     -0.14415060 0.76349047  0.62952593  87.48571   0.76349047  -0.31890155 0.56159069  89.23262   0.62952593  0.56159069  -0.53694784 -227.15958 
18 'point symmetry operation' ?     ?     0.66021463  0.04705959  0.74960125  105.41193  0.04705959  -0.99866607 0.02124781  38.58597   0.74960125  0.02124781  -0.66154856 -235.88844 
19 'point symmetry operation' ?     ?     0.34491440  -0.88855568 0.30249437  66.37404   -0.88855568 -0.41295059 -0.19985145 11.21860   0.30249437  -0.19985145 -0.93196381 -262.15048 
20 'point symmetry operation' ?     ?     -0.65431710 -0.75036683 -0.09390818 24.32108   -0.75036683 0.62880601  0.20384456  44.95128   -0.09390818 0.20384456  -0.97448891 -269.65247 
21 'point symmetry operation' ?     ?     -0.26784465 -0.94330026 -0.19607108 8.54243    0.52756761  -0.31388148 0.78939903  123.31141  -0.80618339 0.10799556  0.58172614  -47.19185  
22 'point symmetry operation' ?     ?     -0.97671299 -0.03671553 -0.21138517 -0.01329   -0.03671553 -0.94211231 0.33328120  80.97778   -0.21138517 0.33328120  0.91882530  -14.06651  
23 'point symmetry operation' ?     ?     -0.44481647 0.83953011  0.31197355  47.36605   -0.85931805 -0.49822609 0.11551292  55.04559   0.25240994  -0.21670245 0.94304256  -7.33262   
24 'point symmetry operation' ?     ?     0.59278200  0.47449499  0.65074111  85.20381   -0.80343123 0.40434151  0.43704255  81.35226   -0.05574715 -0.78189670 0.62091047  -36.29619  
25 'point symmetry operation' ?     ?     0.70215660  -0.62735477 0.33675227  61.20949   0.05371125  0.51827274  0.85352707  123.54286  -0.70999380 -0.58122228 0.39760463  -60.93054  
26 'point symmetry operation' ?     ?     0.31176608  0.82907109  0.46415842  57.46548   -0.25381406 -0.39808621 0.88153604  148.35699  0.91563111  -0.39264298 0.08632012  -129.46935 
27 'point symmetry operation' ?     ?     0.90148924  -0.18380128 0.39183445  57.77636   -0.43213915 -0.43232509 0.79142325  139.30214  0.02393527  -0.88278655 -0.46916415 -183.14000 
28 'point symmetry operation' ?     ?     0.22023587  -0.96137010 -0.16511720 6.16444    -0.54044815 -0.26117832 0.79981353  138.85353  -0.81204184 -0.08691034 -0.57709153 -200.42103 
29 'point symmetry operation' ?     ?     -0.79052503 -0.42906171 -0.43700826 -26.04435  -0.42906171 -0.12116492 0.89511178  147.63111  -0.43700826 0.89511178  -0.08831005 -157.43065 
30 'point symmetry operation' ?     ?     -0.73395624 0.67749180  -0.04809455 5.66143    -0.25191210 -0.20577864 0.94561908  153.50457  0.63075235  0.70615863  0.32170090  -113.58010 
31 'point symmetry operation' ?     ?     -0.02361079 0.96694354  0.25389512  31.23377   0.23043850  0.25239095  -0.93978556 -116.86074 -0.97280041 0.03631813  -0.22878016 -153.24423 
32 'point symmetry operation' ?     ?     0.88024637  0.23430542  0.41263457  53.28271   0.28760223  0.42822813  -0.85668292 -109.61975 -0.37742719 0.87276666  0.30955949  -104.00972 
33 'point symmetry operation' ?     ?     0.59278200  -0.80343123 -0.05574715 12.83025   0.47449499  0.40434151  -0.78189670 -101.70275 0.65074111  0.43704255  0.62091047  -68.46334  
34 'point symmetry operation' ?     ?     -0.48873790 -0.71214965 -0.50396242 -34.21968  0.53283733  0.21374160  -0.81877891 -104.05075 0.69081085  -0.66869828 0.27499630  -95.72899  
35 'point symmetry operation' ?     ?     -0.86968960 0.38200212  -0.31259299 -22.84569  0.38200212  0.11983099  -0.91635959 -113.41890 -0.31259299 -0.91635959 -0.25014139 -148.12646 
36 'point symmetry operation' ?     ?     -0.02031064 -0.85271437 -0.52198246 -40.71978  -0.50419204 0.45957674  -0.73114951 -82.00948  0.86335269  0.24832929  -0.43926609 -211.54012 
37 'point symmetry operation' ?     ?     -0.80502261 -0.01378861 -0.59308385 -54.52388  0.18125245  0.94620928  -0.26802153 -37.86198  0.56487709  -0.32326130 -0.75922064 -240.22932 
38 'point symmetry operation' ?     ?     -0.36820140 0.92527122  -0.09110921 -9.83885   0.92527122  0.35506290  -0.13342975 -19.39819  -0.09110921 -0.13342975 -0.98686149 -265.22855 
39 'point symmetry operation' ?     ?     0.68648093  0.66671637  0.29022957  31.58211   0.69965561  -0.49691819 -0.51337543 -52.13444  -0.19805544 0.55548319  -0.80759672 -251.98972 
40 'point symmetry operation' ?     ?     0.90148924  -0.43213915 0.02393527  12.49665   -0.18380128 -0.43232509 -0.88278655 -90.83035  0.39183445  0.79142325  -0.46916415 -218.80845 
41 'point symmetry operation' ?     ?     -0.26784465 0.52756761  -0.80618339 -100.81235 -0.94330026 -0.31388148 0.10799556  51.85975   -0.19607108 0.78939903  0.58172614  -68.21426  
42 'point symmetry operation' ?     ?     0.33768764  0.83318204  -0.43792093 -65.08233  -0.67062506 0.53943354  0.50918904  86.78288   0.66047640  0.12173389  0.74091279  -46.61875  
43 'point symmetry operation' ?     ?     0.88024637  0.28760223  -0.37742719 -54.63112  0.23430542  0.42822813  0.87276666  125.23405  0.41263457  -0.85668292 0.30955949  -83.69847  
44 'point symmetry operation' ?     ?     0.61003380  -0.35519906 -0.70830246 -83.90193  0.52090802  -0.49381562 0.69627649  114.07504  -0.59708759 -0.79371263 -0.11621817 -128.21050 
45 'point symmetry operation' ?     ?     -0.09952548 -0.20689231 -0.97328837 -112.44350 -0.20689231 -0.95246458 0.22362196  68.72723   -0.97328837 0.22362196  0.05199006  -118.64073 
46 'point symmetry operation' ?     ?     -0.02361079 0.23043850  -0.97280041 -121.40938 0.96694354  0.25239095  0.03631813  4.85885    0.25389512  -0.93978556 -0.22878016 -152.81337 
47 'point symmetry operation' ?     ?     0.16148488  0.63013147  -0.75951099 -102.42795 0.63013147  -0.65813961 -0.41205166 -34.50255  -0.75951099 -0.41205166 -0.50334527 -185.26350 
48 'point symmetry operation' ?     ?     0.61003380  0.52090802  -0.59708759 -84.79249  -0.35519906 -0.49381562 -0.79371263 -75.23215  -0.70830246 0.69627649  -0.11621817 -153.75611 
49 'point symmetry operation' ?     ?     0.70215660  0.05371125  -0.70999380 -92.87460  -0.62735477 0.51827274  -0.58122228 -61.04302  0.33675227  0.85352707  0.39760463  -101.83335 
50 'point symmetry operation' ?     ?     0.31054271  -0.12580880 -0.94219709 -115.50508 0.18977429  0.97945377  -0.06823506 -11.54406  0.93142307  -0.15761488 0.32803751  -101.25070 
51 'point symmetry operation' ?     ?     -0.02031064 -0.50419204 0.86335269  140.45815  -0.85271437 0.45957674  0.24832929  55.49891   -0.52198246 -0.73114951 -0.43926609 -174.13861 
52 'point symmetry operation' ?     ?     -0.43306198 -0.63782946 0.63689159  118.06858  0.07617580  0.67816023  0.73095550  103.72409  -0.89813950 0.36506477  -0.24509825 -162.49110 
53 'point symmetry operation' ?     ?     -0.73395624 -0.25191210 0.63075235  114.46582  0.67749180  -0.20577864 0.70615863  107.95795  -0.04809455 0.94561908  0.32170090  -108.34575 
54 'point symmetry operation' ?     ?     -0.50716779 0.12023536  0.85341917  134.62877  0.12023536  -0.97066640 0.20820710  62.34945   0.85341917  0.20820710  0.47783418  -86.52958  
55 'point symmetry operation' ?     ?     -0.06611055 -0.03568221 0.99717409  150.69291  -0.82548406 -0.55945416 -0.07474700 29.92798   0.56054033  -0.82809288 0.00753072  -127.19180 
56 'point symmetry operation' ?     ?     0.31176608  -0.25381406 0.91563111  138.28547  0.82907109  -0.39808621 -0.39264298 -39.41933  0.46415842  0.88153604  0.08632012  -146.27931 
57 'point symmetry operation' ?     ?     -0.06611055 -0.82548406 0.56054033  105.96360  -0.03568221 -0.55945416 -0.82809288 -83.20624  0.99717409  -0.07474700 0.00753072  -147.07220 
58 'point symmetry operation' ?     ?     -0.75632392 -0.55659815 0.34376243  81.47968   -0.55659815 0.27136614  -0.78521265 -85.16167  0.34376243  -0.78521265 -0.51504222 -195.64523 
59 'point symmetry operation' ?     ?     -0.80502261 0.18125245  0.56487709  98.66966   -0.01378861 0.94620928  -0.32326130 -42.58329  -0.59308385 -0.26802153 -0.75922064 -224.87212 
60 'point symmetry operation' ?     ?     -0.14490668 0.36838332  0.91831137  133.77756  0.84260207  0.53246497  -0.08063990 -14.31297  -0.51867504 0.76208580  -0.38755829 -194.36231 
# 
loop_
_pdbx_validate_close_contact.id 
_pdbx_validate_close_contact.PDB_model_num 
_pdbx_validate_close_contact.auth_atom_id_1 
_pdbx_validate_close_contact.auth_asym_id_1 
_pdbx_validate_close_contact.auth_comp_id_1 
_pdbx_validate_close_contact.auth_seq_id_1 
_pdbx_validate_close_contact.PDB_ins_code_1 
_pdbx_validate_close_contact.label_alt_id_1 
_pdbx_validate_close_contact.auth_atom_id_2 
_pdbx_validate_close_contact.auth_asym_id_2 
_pdbx_validate_close_contact.auth_comp_id_2 
_pdbx_validate_close_contact.auth_seq_id_2 
_pdbx_validate_close_contact.PDB_ins_code_2 
_pdbx_validate_close_contact.label_alt_id_2 
_pdbx_validate_close_contact.dist 
1 1 CA 3 THR 51 ? ? CA 4 ASN 258 ? ? 0.58 
2 1 CA 3 MET 52 ? ? CA 4 GLY 257 ? ? 1.59 
# 
_pdbx_point_symmetry.entry_id             3IYC 
_pdbx_point_symmetry.Schoenflies_symbol   I 
_pdbx_point_symmetry.circular_symmetry    ? 
_pdbx_point_symmetry.H-M_notation         ? 
# 
_em_3d_fitting.id                1 
_em_3d_fitting.entry_id          3IYC 
_em_3d_fitting.ref_protocol      'RIGID BODY FIT' 
_em_3d_fitting.ref_space         RECIPROCAL 
_em_3d_fitting.overall_b_value   ? 
_em_3d_fitting.target_criteria   ? 
_em_3d_fitting.details           'REFINEMENT PROTOCOL--Rigid Body' 
_em_3d_fitting.method            ? 
# 
_em_3d_fitting_list.3d_fitting_id                 1 
_em_3d_fitting_list.id                            1 
_em_3d_fitting_list.pdb_entry_id                  1POV 
_em_3d_fitting_list.pdb_chain_id                  ? 
_em_3d_fitting_list.details                       ? 
_em_3d_fitting_list.initial_refinement_model_id   1 
_em_3d_fitting_list.chain_id                      ? 
_em_3d_fitting_list.chain_residue_range           ? 
_em_3d_fitting_list.pdb_chain_residue_range       ? 
_em_3d_fitting_list.source_name                   PDB 
_em_3d_fitting_list.type                          'experimental model' 
_em_3d_fitting_list.accession_code                1POV 
# 
_em_3d_reconstruction.entry_id                    3IYC 
_em_3d_reconstruction.id                          1 
_em_3d_reconstruction.resolution_method           'FSC 0.5 CUT-OFF' 
_em_3d_reconstruction.symmetry_type               POINT 
_em_3d_reconstruction.image_processing_id         1 
_em_3d_reconstruction.method                      PFT 
_em_3d_reconstruction.nominal_pixel_size          ? 
_em_3d_reconstruction.actual_pixel_size           ? 
_em_3d_reconstruction.resolution                  10 
_em_3d_reconstruction.magnification_calibration   ? 
_em_3d_reconstruction.details                     
'( Details about the particle: 10,000 particle were partitioned into two distinct classes )' 
_em_3d_reconstruction.num_class_averages          ? 
_em_3d_reconstruction.num_particles               ? 
_em_3d_reconstruction.algorithm                   ? 
# 
_em_buffer.id            1 
_em_buffer.specimen_id   1 
_em_buffer.name          '20mM Tris pH 7.4, 2mM CaCl2, 20mM NaCl' 
_em_buffer.pH            7.4 
_em_buffer.details       '20mM Tris pH 7.4, 2mM CaCl2, 20mM NaCl' 
# 
_em_entity_assembly.id                   1 
_em_entity_assembly.name                 '80S poliovirus' 
_em_entity_assembly.type                 VIRUS 
_em_entity_assembly.parent_id            0 
_em_entity_assembly.synonym              'poliovirus 1 mahoney' 
_em_entity_assembly.details              '60 promoters arranged as a icosahedron. native virus heat-treated at 56 degrees C' 
_em_entity_assembly.oligomeric_details   ? 
# 
_em_imaging.entry_id                        3IYC 
_em_imaging.id                              1 
_em_imaging.specimen_id                     1 
_em_imaging.date                            ? 
_em_imaging.temperature                     ? 
_em_imaging.microscope_model                'FEI TECNAI F30' 
_em_imaging.nominal_defocus_min             0.9 
_em_imaging.nominal_defocus_max             3.0 
_em_imaging.tilt_angle_min                  0.0 
_em_imaging.tilt_angle_max                  0.0 
_em_imaging.nominal_cs                      ? 
_em_imaging.mode                            OTHER 
_em_imaging.illumination_mode               OTHER 
_em_imaging.nominal_magnification           59000 
_em_imaging.calibrated_magnification        ? 
_em_imaging.electron_source                 'FIELD EMISSION GUN' 
_em_imaging.accelerating_voltage            200 
_em_imaging.details                         ? 
_em_imaging.specimen_holder_type            Eucentric 
_em_imaging.specimen_holder_model           'GATAN LIQUID NITROGEN' 
_em_imaging.recording_temperature_minimum   ? 
_em_imaging.recording_temperature_maximum   ? 
_em_imaging.detector_distance               0.0 
_em_imaging.electron_beam_tilt_params       ? 
_em_imaging.astigmatism                     ? 
_em_imaging.citation_id                     ? 
# 
_em_sample_support.id               1 
_em_sample_support.specimen_id      1 
_em_sample_support.details          'quantifoil holey grids 1.2/1.3' 
_em_sample_support.film_material    ? 
_em_sample_support.grid_material    ? 
_em_sample_support.grid_mesh_size   ? 
_em_sample_support.grid_type        ? 
_em_sample_support.method           ? 
# 
_em_virus_entity.id                    1 
_em_virus_entity.virus_host_category   VERTEBRATES 
_em_virus_entity.entity_assembly_id    1 
_em_virus_entity.virus_type            VIRION 
_em_virus_entity.virus_isolate         SEROTYPE 
_em_virus_entity.empty                 YES 
_em_virus_entity.enveloped             NO 
_em_virus_entity.details               ? 
# 
_em_vitrification.entry_id              3IYC 
_em_vitrification.id                    1 
_em_vitrification.instrument            'HOMEMADE PLUNGER' 
_em_vitrification.details               ? 
_em_vitrification.cryogen_name          ETHANE 
_em_vitrification.humidity              ? 
_em_vitrification.temp                  ? 
_em_vitrification.method                'blot for 3 secs' 
_em_vitrification.time_resolved_state   ? 
_em_vitrification.citation_id           ? 
_em_vitrification.specimen_id           1 
# 
_em_experiment.reconstruction_method   'SINGLE PARTICLE' 
_em_experiment.entry_id                3IYC 
_em_experiment.id                      1 
_em_experiment.aggregation_state       PARTICLE 
_em_experiment.entity_assembly_id      1 
# 
_em_single_particle_entity.entry_id              3IYC 
_em_single_particle_entity.id                    1 
_em_single_particle_entity.point_symmetry        I 
_em_single_particle_entity.image_processing_id   1 
# 
loop_
_pdbx_unobs_or_zero_occ_residues.id 
_pdbx_unobs_or_zero_occ_residues.PDB_model_num 
_pdbx_unobs_or_zero_occ_residues.polymer_flag 
_pdbx_unobs_or_zero_occ_residues.occupancy_flag 
_pdbx_unobs_or_zero_occ_residues.auth_asym_id 
_pdbx_unobs_or_zero_occ_residues.auth_comp_id 
_pdbx_unobs_or_zero_occ_residues.auth_seq_id 
_pdbx_unobs_or_zero_occ_residues.PDB_ins_code 
_pdbx_unobs_or_zero_occ_residues.label_asym_id 
_pdbx_unobs_or_zero_occ_residues.label_comp_id 
_pdbx_unobs_or_zero_occ_residues.label_seq_id 
1  1 Y 1 4 ASP 112 A D ASP 17 
2  1 Y 1 4 SER 112 B D SER 18 
3  1 Y 1 4 GLU 112 C D GLU 19 
4  1 Y 1 4 ALA 112 D D ALA 20 
5  1 Y 1 4 ASN 112 E D ASN 21 
6  1 Y 1 4 PRO 112 F D PRO 22 
7  1 Y 1 4 VAL 112 G D VAL 23 
8  1 Y 1 4 ASP 112 H D ASP 24 
9  1 Y 1 4 GLN 112 I D GLN 25 
10 1 Y 1 4 PRO 112 J D PRO 26 
11 1 Y 1 4 THR 112 K D THR 27 
12 1 Y 1 4 GLU 112 L D GLU 28 
13 1 Y 1 4 PRO 112 M D PRO 29 
# 
loop_
_chem_comp_atom.comp_id 
_chem_comp_atom.atom_id 
_chem_comp_atom.type_symbol 
_chem_comp_atom.pdbx_aromatic_flag 
_chem_comp_atom.pdbx_stereo_config 
_chem_comp_atom.pdbx_ordinal 
ALA N    N N N 1   
ALA CA   C N S 2   
ALA C    C N N 3   
ALA O    O N N 4   
ALA CB   C N N 5   
ALA OXT  O N N 6   
ALA H    H N N 7   
ALA H2   H N N 8   
ALA HA   H N N 9   
ALA HB1  H N N 10  
ALA HB2  H N N 11  
ALA HB3  H N N 12  
ALA HXT  H N N 13  
ARG N    N N N 14  
ARG CA   C N S 15  
ARG C    C N N 16  
ARG O    O N N 17  
ARG CB   C N N 18  
ARG CG   C N N 19  
ARG CD   C N N 20  
ARG NE   N N N 21  
ARG CZ   C N N 22  
ARG NH1  N N N 23  
ARG NH2  N N N 24  
ARG OXT  O N N 25  
ARG H    H N N 26  
ARG H2   H N N 27  
ARG HA   H N N 28  
ARG HB2  H N N 29  
ARG HB3  H N N 30  
ARG HG2  H N N 31  
ARG HG3  H N N 32  
ARG HD2  H N N 33  
ARG HD3  H N N 34  
ARG HE   H N N 35  
ARG HH11 H N N 36  
ARG HH12 H N N 37  
ARG HH21 H N N 38  
ARG HH22 H N N 39  
ARG HXT  H N N 40  
ASN N    N N N 41  
ASN CA   C N S 42  
ASN C    C N N 43  
ASN O    O N N 44  
ASN CB   C N N 45  
ASN CG   C N N 46  
ASN OD1  O N N 47  
ASN ND2  N N N 48  
ASN OXT  O N N 49  
ASN H    H N N 50  
ASN H2   H N N 51  
ASN HA   H N N 52  
ASN HB2  H N N 53  
ASN HB3  H N N 54  
ASN HD21 H N N 55  
ASN HD22 H N N 56  
ASN HXT  H N N 57  
ASP N    N N N 58  
ASP CA   C N S 59  
ASP C    C N N 60  
ASP O    O N N 61  
ASP CB   C N N 62  
ASP CG   C N N 63  
ASP OD1  O N N 64  
ASP OD2  O N N 65  
ASP OXT  O N N 66  
ASP H    H N N 67  
ASP H2   H N N 68  
ASP HA   H N N 69  
ASP HB2  H N N 70  
ASP HB3  H N N 71  
ASP HD2  H N N 72  
ASP HXT  H N N 73  
CYS N    N N N 74  
CYS CA   C N R 75  
CYS C    C N N 76  
CYS O    O N N 77  
CYS CB   C N N 78  
CYS SG   S N N 79  
CYS OXT  O N N 80  
CYS H    H N N 81  
CYS H2   H N N 82  
CYS HA   H N N 83  
CYS HB2  H N N 84  
CYS HB3  H N N 85  
CYS HG   H N N 86  
CYS HXT  H N N 87  
GLN N    N N N 88  
GLN CA   C N S 89  
GLN C    C N N 90  
GLN O    O N N 91  
GLN CB   C N N 92  
GLN CG   C N N 93  
GLN CD   C N N 94  
GLN OE1  O N N 95  
GLN NE2  N N N 96  
GLN OXT  O N N 97  
GLN H    H N N 98  
GLN H2   H N N 99  
GLN HA   H N N 100 
GLN HB2  H N N 101 
GLN HB3  H N N 102 
GLN HG2  H N N 103 
GLN HG3  H N N 104 
GLN HE21 H N N 105 
GLN HE22 H N N 106 
GLN HXT  H N N 107 
GLU N    N N N 108 
GLU CA   C N S 109 
GLU C    C N N 110 
GLU O    O N N 111 
GLU CB   C N N 112 
GLU CG   C N N 113 
GLU CD   C N N 114 
GLU OE1  O N N 115 
GLU OE2  O N N 116 
GLU OXT  O N N 117 
GLU H    H N N 118 
GLU H2   H N N 119 
GLU HA   H N N 120 
GLU HB2  H N N 121 
GLU HB3  H N N 122 
GLU HG2  H N N 123 
GLU HG3  H N N 124 
GLU HE2  H N N 125 
GLU HXT  H N N 126 
GLY N    N N N 127 
GLY CA   C N N 128 
GLY C    C N N 129 
GLY O    O N N 130 
GLY OXT  O N N 131 
GLY H    H N N 132 
GLY H2   H N N 133 
GLY HA2  H N N 134 
GLY HA3  H N N 135 
GLY HXT  H N N 136 
HIS N    N N N 137 
HIS CA   C N S 138 
HIS C    C N N 139 
HIS O    O N N 140 
HIS CB   C N N 141 
HIS CG   C Y N 142 
HIS ND1  N Y N 143 
HIS CD2  C Y N 144 
HIS CE1  C Y N 145 
HIS NE2  N Y N 146 
HIS OXT  O N N 147 
HIS H    H N N 148 
HIS H2   H N N 149 
HIS HA   H N N 150 
HIS HB2  H N N 151 
HIS HB3  H N N 152 
HIS HD1  H N N 153 
HIS HD2  H N N 154 
HIS HE1  H N N 155 
HIS HE2  H N N 156 
HIS HXT  H N N 157 
ILE N    N N N 158 
ILE CA   C N S 159 
ILE C    C N N 160 
ILE O    O N N 161 
ILE CB   C N S 162 
ILE CG1  C N N 163 
ILE CG2  C N N 164 
ILE CD1  C N N 165 
ILE OXT  O N N 166 
ILE H    H N N 167 
ILE H2   H N N 168 
ILE HA   H N N 169 
ILE HB   H N N 170 
ILE HG12 H N N 171 
ILE HG13 H N N 172 
ILE HG21 H N N 173 
ILE HG22 H N N 174 
ILE HG23 H N N 175 
ILE HD11 H N N 176 
ILE HD12 H N N 177 
ILE HD13 H N N 178 
ILE HXT  H N N 179 
LEU N    N N N 180 
LEU CA   C N S 181 
LEU C    C N N 182 
LEU O    O N N 183 
LEU CB   C N N 184 
LEU CG   C N N 185 
LEU CD1  C N N 186 
LEU CD2  C N N 187 
LEU OXT  O N N 188 
LEU H    H N N 189 
LEU H2   H N N 190 
LEU HA   H N N 191 
LEU HB2  H N N 192 
LEU HB3  H N N 193 
LEU HG   H N N 194 
LEU HD11 H N N 195 
LEU HD12 H N N 196 
LEU HD13 H N N 197 
LEU HD21 H N N 198 
LEU HD22 H N N 199 
LEU HD23 H N N 200 
LEU HXT  H N N 201 
LYS N    N N N 202 
LYS CA   C N S 203 
LYS C    C N N 204 
LYS O    O N N 205 
LYS CB   C N N 206 
LYS CG   C N N 207 
LYS CD   C N N 208 
LYS CE   C N N 209 
LYS NZ   N N N 210 
LYS OXT  O N N 211 
LYS H    H N N 212 
LYS H2   H N N 213 
LYS HA   H N N 214 
LYS HB2  H N N 215 
LYS HB3  H N N 216 
LYS HG2  H N N 217 
LYS HG3  H N N 218 
LYS HD2  H N N 219 
LYS HD3  H N N 220 
LYS HE2  H N N 221 
LYS HE3  H N N 222 
LYS HZ1  H N N 223 
LYS HZ2  H N N 224 
LYS HZ3  H N N 225 
LYS HXT  H N N 226 
MET N    N N N 227 
MET CA   C N S 228 
MET C    C N N 229 
MET O    O N N 230 
MET CB   C N N 231 
MET CG   C N N 232 
MET SD   S N N 233 
MET CE   C N N 234 
MET OXT  O N N 235 
MET H    H N N 236 
MET H2   H N N 237 
MET HA   H N N 238 
MET HB2  H N N 239 
MET HB3  H N N 240 
MET HG2  H N N 241 
MET HG3  H N N 242 
MET HE1  H N N 243 
MET HE2  H N N 244 
MET HE3  H N N 245 
MET HXT  H N N 246 
PHE N    N N N 247 
PHE CA   C N S 248 
PHE C    C N N 249 
PHE O    O N N 250 
PHE CB   C N N 251 
PHE CG   C Y N 252 
PHE CD1  C Y N 253 
PHE CD2  C Y N 254 
PHE CE1  C Y N 255 
PHE CE2  C Y N 256 
PHE CZ   C Y N 257 
PHE OXT  O N N 258 
PHE H    H N N 259 
PHE H2   H N N 260 
PHE HA   H N N 261 
PHE HB2  H N N 262 
PHE HB3  H N N 263 
PHE HD1  H N N 264 
PHE HD2  H N N 265 
PHE HE1  H N N 266 
PHE HE2  H N N 267 
PHE HZ   H N N 268 
PHE HXT  H N N 269 
PRO N    N N N 270 
PRO CA   C N S 271 
PRO C    C N N 272 
PRO O    O N N 273 
PRO CB   C N N 274 
PRO CG   C N N 275 
PRO CD   C N N 276 
PRO OXT  O N N 277 
PRO H    H N N 278 
PRO HA   H N N 279 
PRO HB2  H N N 280 
PRO HB3  H N N 281 
PRO HG2  H N N 282 
PRO HG3  H N N 283 
PRO HD2  H N N 284 
PRO HD3  H N N 285 
PRO HXT  H N N 286 
SER N    N N N 287 
SER CA   C N S 288 
SER C    C N N 289 
SER O    O N N 290 
SER CB   C N N 291 
SER OG   O N N 292 
SER OXT  O N N 293 
SER H    H N N 294 
SER H2   H N N 295 
SER HA   H N N 296 
SER HB2  H N N 297 
SER HB3  H N N 298 
SER HG   H N N 299 
SER HXT  H N N 300 
THR N    N N N 301 
THR CA   C N S 302 
THR C    C N N 303 
THR O    O N N 304 
THR CB   C N R 305 
THR OG1  O N N 306 
THR CG2  C N N 307 
THR OXT  O N N 308 
THR H    H N N 309 
THR H2   H N N 310 
THR HA   H N N 311 
THR HB   H N N 312 
THR HG1  H N N 313 
THR HG21 H N N 314 
THR HG22 H N N 315 
THR HG23 H N N 316 
THR HXT  H N N 317 
TRP N    N N N 318 
TRP CA   C N S 319 
TRP C    C N N 320 
TRP O    O N N 321 
TRP CB   C N N 322 
TRP CG   C Y N 323 
TRP CD1  C Y N 324 
TRP CD2  C Y N 325 
TRP NE1  N Y N 326 
TRP CE2  C Y N 327 
TRP CE3  C Y N 328 
TRP CZ2  C Y N 329 
TRP CZ3  C Y N 330 
TRP CH2  C Y N 331 
TRP OXT  O N N 332 
TRP H    H N N 333 
TRP H2   H N N 334 
TRP HA   H N N 335 
TRP HB2  H N N 336 
TRP HB3  H N N 337 
TRP HD1  H N N 338 
TRP HE1  H N N 339 
TRP HE3  H N N 340 
TRP HZ2  H N N 341 
TRP HZ3  H N N 342 
TRP HH2  H N N 343 
TRP HXT  H N N 344 
TYR N    N N N 345 
TYR CA   C N S 346 
TYR C    C N N 347 
TYR O    O N N 348 
TYR CB   C N N 349 
TYR CG   C Y N 350 
TYR CD1  C Y N 351 
TYR CD2  C Y N 352 
TYR CE1  C Y N 353 
TYR CE2  C Y N 354 
TYR CZ   C Y N 355 
TYR OH   O N N 356 
TYR OXT  O N N 357 
TYR H    H N N 358 
TYR H2   H N N 359 
TYR HA   H N N 360 
TYR HB2  H N N 361 
TYR HB3  H N N 362 
TYR HD1  H N N 363 
TYR HD2  H N N 364 
TYR HE1  H N N 365 
TYR HE2  H N N 366 
TYR HH   H N N 367 
TYR HXT  H N N 368 
VAL N    N N N 369 
VAL CA   C N S 370 
VAL C    C N N 371 
VAL O    O N N 372 
VAL CB   C N N 373 
VAL CG1  C N N 374 
VAL CG2  C N N 375 
VAL OXT  O N N 376 
VAL H    H N N 377 
VAL H2   H N N 378 
VAL HA   H N N 379 
VAL HB   H N N 380 
VAL HG11 H N N 381 
VAL HG12 H N N 382 
VAL HG13 H N N 383 
VAL HG21 H N N 384 
VAL HG22 H N N 385 
VAL HG23 H N N 386 
VAL HXT  H N N 387 
# 
loop_
_chem_comp_bond.comp_id 
_chem_comp_bond.atom_id_1 
_chem_comp_bond.atom_id_2 
_chem_comp_bond.value_order 
_chem_comp_bond.pdbx_aromatic_flag 
_chem_comp_bond.pdbx_stereo_config 
_chem_comp_bond.pdbx_ordinal 
ALA N   CA   sing N N 1   
ALA N   H    sing N N 2   
ALA N   H2   sing N N 3   
ALA CA  C    sing N N 4   
ALA CA  CB   sing N N 5   
ALA CA  HA   sing N N 6   
ALA C   O    doub N N 7   
ALA C   OXT  sing N N 8   
ALA CB  HB1  sing N N 9   
ALA CB  HB2  sing N N 10  
ALA CB  HB3  sing N N 11  
ALA OXT HXT  sing N N 12  
ARG N   CA   sing N N 13  
ARG N   H    sing N N 14  
ARG N   H2   sing N N 15  
ARG CA  C    sing N N 16  
ARG CA  CB   sing N N 17  
ARG CA  HA   sing N N 18  
ARG C   O    doub N N 19  
ARG C   OXT  sing N N 20  
ARG CB  CG   sing N N 21  
ARG CB  HB2  sing N N 22  
ARG CB  HB3  sing N N 23  
ARG CG  CD   sing N N 24  
ARG CG  HG2  sing N N 25  
ARG CG  HG3  sing N N 26  
ARG CD  NE   sing N N 27  
ARG CD  HD2  sing N N 28  
ARG CD  HD3  sing N N 29  
ARG NE  CZ   sing N N 30  
ARG NE  HE   sing N N 31  
ARG CZ  NH1  sing N N 32  
ARG CZ  NH2  doub N N 33  
ARG NH1 HH11 sing N N 34  
ARG NH1 HH12 sing N N 35  
ARG NH2 HH21 sing N N 36  
ARG NH2 HH22 sing N N 37  
ARG OXT HXT  sing N N 38  
ASN N   CA   sing N N 39  
ASN N   H    sing N N 40  
ASN N   H2   sing N N 41  
ASN CA  C    sing N N 42  
ASN CA  CB   sing N N 43  
ASN CA  HA   sing N N 44  
ASN C   O    doub N N 45  
ASN C   OXT  sing N N 46  
ASN CB  CG   sing N N 47  
ASN CB  HB2  sing N N 48  
ASN CB  HB3  sing N N 49  
ASN CG  OD1  doub N N 50  
ASN CG  ND2  sing N N 51  
ASN ND2 HD21 sing N N 52  
ASN ND2 HD22 sing N N 53  
ASN OXT HXT  sing N N 54  
ASP N   CA   sing N N 55  
ASP N   H    sing N N 56  
ASP N   H2   sing N N 57  
ASP CA  C    sing N N 58  
ASP CA  CB   sing N N 59  
ASP CA  HA   sing N N 60  
ASP C   O    doub N N 61  
ASP C   OXT  sing N N 62  
ASP CB  CG   sing N N 63  
ASP CB  HB2  sing N N 64  
ASP CB  HB3  sing N N 65  
ASP CG  OD1  doub N N 66  
ASP CG  OD2  sing N N 67  
ASP OD2 HD2  sing N N 68  
ASP OXT HXT  sing N N 69  
CYS N   CA   sing N N 70  
CYS N   H    sing N N 71  
CYS N   H2   sing N N 72  
CYS CA  C    sing N N 73  
CYS CA  CB   sing N N 74  
CYS CA  HA   sing N N 75  
CYS C   O    doub N N 76  
CYS C   OXT  sing N N 77  
CYS CB  SG   sing N N 78  
CYS CB  HB2  sing N N 79  
CYS CB  HB3  sing N N 80  
CYS SG  HG   sing N N 81  
CYS OXT HXT  sing N N 82  
GLN N   CA   sing N N 83  
GLN N   H    sing N N 84  
GLN N   H2   sing N N 85  
GLN CA  C    sing N N 86  
GLN CA  CB   sing N N 87  
GLN CA  HA   sing N N 88  
GLN C   O    doub N N 89  
GLN C   OXT  sing N N 90  
GLN CB  CG   sing N N 91  
GLN CB  HB2  sing N N 92  
GLN CB  HB3  sing N N 93  
GLN CG  CD   sing N N 94  
GLN CG  HG2  sing N N 95  
GLN CG  HG3  sing N N 96  
GLN CD  OE1  doub N N 97  
GLN CD  NE2  sing N N 98  
GLN NE2 HE21 sing N N 99  
GLN NE2 HE22 sing N N 100 
GLN OXT HXT  sing N N 101 
GLU N   CA   sing N N 102 
GLU N   H    sing N N 103 
GLU N   H2   sing N N 104 
GLU CA  C    sing N N 105 
GLU CA  CB   sing N N 106 
GLU CA  HA   sing N N 107 
GLU C   O    doub N N 108 
GLU C   OXT  sing N N 109 
GLU CB  CG   sing N N 110 
GLU CB  HB2  sing N N 111 
GLU CB  HB3  sing N N 112 
GLU CG  CD   sing N N 113 
GLU CG  HG2  sing N N 114 
GLU CG  HG3  sing N N 115 
GLU CD  OE1  doub N N 116 
GLU CD  OE2  sing N N 117 
GLU OE2 HE2  sing N N 118 
GLU OXT HXT  sing N N 119 
GLY N   CA   sing N N 120 
GLY N   H    sing N N 121 
GLY N   H2   sing N N 122 
GLY CA  C    sing N N 123 
GLY CA  HA2  sing N N 124 
GLY CA  HA3  sing N N 125 
GLY C   O    doub N N 126 
GLY C   OXT  sing N N 127 
GLY OXT HXT  sing N N 128 
HIS N   CA   sing N N 129 
HIS N   H    sing N N 130 
HIS N   H2   sing N N 131 
HIS CA  C    sing N N 132 
HIS CA  CB   sing N N 133 
HIS CA  HA   sing N N 134 
HIS C   O    doub N N 135 
HIS C   OXT  sing N N 136 
HIS CB  CG   sing N N 137 
HIS CB  HB2  sing N N 138 
HIS CB  HB3  sing N N 139 
HIS CG  ND1  sing Y N 140 
HIS CG  CD2  doub Y N 141 
HIS ND1 CE1  doub Y N 142 
HIS ND1 HD1  sing N N 143 
HIS CD2 NE2  sing Y N 144 
HIS CD2 HD2  sing N N 145 
HIS CE1 NE2  sing Y N 146 
HIS CE1 HE1  sing N N 147 
HIS NE2 HE2  sing N N 148 
HIS OXT HXT  sing N N 149 
ILE N   CA   sing N N 150 
ILE N   H    sing N N 151 
ILE N   H2   sing N N 152 
ILE CA  C    sing N N 153 
ILE CA  CB   sing N N 154 
ILE CA  HA   sing N N 155 
ILE C   O    doub N N 156 
ILE C   OXT  sing N N 157 
ILE CB  CG1  sing N N 158 
ILE CB  CG2  sing N N 159 
ILE CB  HB   sing N N 160 
ILE CG1 CD1  sing N N 161 
ILE CG1 HG12 sing N N 162 
ILE CG1 HG13 sing N N 163 
ILE CG2 HG21 sing N N 164 
ILE CG2 HG22 sing N N 165 
ILE CG2 HG23 sing N N 166 
ILE CD1 HD11 sing N N 167 
ILE CD1 HD12 sing N N 168 
ILE CD1 HD13 sing N N 169 
ILE OXT HXT  sing N N 170 
LEU N   CA   sing N N 171 
LEU N   H    sing N N 172 
LEU N   H2   sing N N 173 
LEU CA  C    sing N N 174 
LEU CA  CB   sing N N 175 
LEU CA  HA   sing N N 176 
LEU C   O    doub N N 177 
LEU C   OXT  sing N N 178 
LEU CB  CG   sing N N 179 
LEU CB  HB2  sing N N 180 
LEU CB  HB3  sing N N 181 
LEU CG  CD1  sing N N 182 
LEU CG  CD2  sing N N 183 
LEU CG  HG   sing N N 184 
LEU CD1 HD11 sing N N 185 
LEU CD1 HD12 sing N N 186 
LEU CD1 HD13 sing N N 187 
LEU CD2 HD21 sing N N 188 
LEU CD2 HD22 sing N N 189 
LEU CD2 HD23 sing N N 190 
LEU OXT HXT  sing N N 191 
LYS N   CA   sing N N 192 
LYS N   H    sing N N 193 
LYS N   H2   sing N N 194 
LYS CA  C    sing N N 195 
LYS CA  CB   sing N N 196 
LYS CA  HA   sing N N 197 
LYS C   O    doub N N 198 
LYS C   OXT  sing N N 199 
LYS CB  CG   sing N N 200 
LYS CB  HB2  sing N N 201 
LYS CB  HB3  sing N N 202 
LYS CG  CD   sing N N 203 
LYS CG  HG2  sing N N 204 
LYS CG  HG3  sing N N 205 
LYS CD  CE   sing N N 206 
LYS CD  HD2  sing N N 207 
LYS CD  HD3  sing N N 208 
LYS CE  NZ   sing N N 209 
LYS CE  HE2  sing N N 210 
LYS CE  HE3  sing N N 211 
LYS NZ  HZ1  sing N N 212 
LYS NZ  HZ2  sing N N 213 
LYS NZ  HZ3  sing N N 214 
LYS OXT HXT  sing N N 215 
MET N   CA   sing N N 216 
MET N   H    sing N N 217 
MET N   H2   sing N N 218 
MET CA  C    sing N N 219 
MET CA  CB   sing N N 220 
MET CA  HA   sing N N 221 
MET C   O    doub N N 222 
MET C   OXT  sing N N 223 
MET CB  CG   sing N N 224 
MET CB  HB2  sing N N 225 
MET CB  HB3  sing N N 226 
MET CG  SD   sing N N 227 
MET CG  HG2  sing N N 228 
MET CG  HG3  sing N N 229 
MET SD  CE   sing N N 230 
MET CE  HE1  sing N N 231 
MET CE  HE2  sing N N 232 
MET CE  HE3  sing N N 233 
MET OXT HXT  sing N N 234 
PHE N   CA   sing N N 235 
PHE N   H    sing N N 236 
PHE N   H2   sing N N 237 
PHE CA  C    sing N N 238 
PHE CA  CB   sing N N 239 
PHE CA  HA   sing N N 240 
PHE C   O    doub N N 241 
PHE C   OXT  sing N N 242 
PHE CB  CG   sing N N 243 
PHE CB  HB2  sing N N 244 
PHE CB  HB3  sing N N 245 
PHE CG  CD1  doub Y N 246 
PHE CG  CD2  sing Y N 247 
PHE CD1 CE1  sing Y N 248 
PHE CD1 HD1  sing N N 249 
PHE CD2 CE2  doub Y N 250 
PHE CD2 HD2  sing N N 251 
PHE CE1 CZ   doub Y N 252 
PHE CE1 HE1  sing N N 253 
PHE CE2 CZ   sing Y N 254 
PHE CE2 HE2  sing N N 255 
PHE CZ  HZ   sing N N 256 
PHE OXT HXT  sing N N 257 
PRO N   CA   sing N N 258 
PRO N   CD   sing N N 259 
PRO N   H    sing N N 260 
PRO CA  C    sing N N 261 
PRO CA  CB   sing N N 262 
PRO CA  HA   sing N N 263 
PRO C   O    doub N N 264 
PRO C   OXT  sing N N 265 
PRO CB  CG   sing N N 266 
PRO CB  HB2  sing N N 267 
PRO CB  HB3  sing N N 268 
PRO CG  CD   sing N N 269 
PRO CG  HG2  sing N N 270 
PRO CG  HG3  sing N N 271 
PRO CD  HD2  sing N N 272 
PRO CD  HD3  sing N N 273 
PRO OXT HXT  sing N N 274 
SER N   CA   sing N N 275 
SER N   H    sing N N 276 
SER N   H2   sing N N 277 
SER CA  C    sing N N 278 
SER CA  CB   sing N N 279 
SER CA  HA   sing N N 280 
SER C   O    doub N N 281 
SER C   OXT  sing N N 282 
SER CB  OG   sing N N 283 
SER CB  HB2  sing N N 284 
SER CB  HB3  sing N N 285 
SER OG  HG   sing N N 286 
SER OXT HXT  sing N N 287 
THR N   CA   sing N N 288 
THR N   H    sing N N 289 
THR N   H2   sing N N 290 
THR CA  C    sing N N 291 
THR CA  CB   sing N N 292 
THR CA  HA   sing N N 293 
THR C   O    doub N N 294 
THR C   OXT  sing N N 295 
THR CB  OG1  sing N N 296 
THR CB  CG2  sing N N 297 
THR CB  HB   sing N N 298 
THR OG1 HG1  sing N N 299 
THR CG2 HG21 sing N N 300 
THR CG2 HG22 sing N N 301 
THR CG2 HG23 sing N N 302 
THR OXT HXT  sing N N 303 
TRP N   CA   sing N N 304 
TRP N   H    sing N N 305 
TRP N   H2   sing N N 306 
TRP CA  C    sing N N 307 
TRP CA  CB   sing N N 308 
TRP CA  HA   sing N N 309 
TRP C   O    doub N N 310 
TRP C   OXT  sing N N 311 
TRP CB  CG   sing N N 312 
TRP CB  HB2  sing N N 313 
TRP CB  HB3  sing N N 314 
TRP CG  CD1  doub Y N 315 
TRP CG  CD2  sing Y N 316 
TRP CD1 NE1  sing Y N 317 
TRP CD1 HD1  sing N N 318 
TRP CD2 CE2  doub Y N 319 
TRP CD2 CE3  sing Y N 320 
TRP NE1 CE2  sing Y N 321 
TRP NE1 HE1  sing N N 322 
TRP CE2 CZ2  sing Y N 323 
TRP CE3 CZ3  doub Y N 324 
TRP CE3 HE3  sing N N 325 
TRP CZ2 CH2  doub Y N 326 
TRP CZ2 HZ2  sing N N 327 
TRP CZ3 CH2  sing Y N 328 
TRP CZ3 HZ3  sing N N 329 
TRP CH2 HH2  sing N N 330 
TRP OXT HXT  sing N N 331 
TYR N   CA   sing N N 332 
TYR N   H    sing N N 333 
TYR N   H2   sing N N 334 
TYR CA  C    sing N N 335 
TYR CA  CB   sing N N 336 
TYR CA  HA   sing N N 337 
TYR C   O    doub N N 338 
TYR C   OXT  sing N N 339 
TYR CB  CG   sing N N 340 
TYR CB  HB2  sing N N 341 
TYR CB  HB3  sing N N 342 
TYR CG  CD1  doub Y N 343 
TYR CG  CD2  sing Y N 344 
TYR CD1 CE1  sing Y N 345 
TYR CD1 HD1  sing N N 346 
TYR CD2 CE2  doub Y N 347 
TYR CD2 HD2  sing N N 348 
TYR CE1 CZ   doub Y N 349 
TYR CE1 HE1  sing N N 350 
TYR CE2 CZ   sing Y N 351 
TYR CE2 HE2  sing N N 352 
TYR CZ  OH   sing N N 353 
TYR OH  HH   sing N N 354 
TYR OXT HXT  sing N N 355 
VAL N   CA   sing N N 356 
VAL N   H    sing N N 357 
VAL N   H2   sing N N 358 
VAL CA  C    sing N N 359 
VAL CA  CB   sing N N 360 
VAL CA  HA   sing N N 361 
VAL C   O    doub N N 362 
VAL C   OXT  sing N N 363 
VAL CB  CG1  sing N N 364 
VAL CB  CG2  sing N N 365 
VAL CB  HB   sing N N 366 
VAL CG1 HG11 sing N N 367 
VAL CG1 HG12 sing N N 368 
VAL CG1 HG13 sing N N 369 
VAL CG2 HG21 sing N N 370 
VAL CG2 HG22 sing N N 371 
VAL CG2 HG23 sing N N 372 
VAL OXT HXT  sing N N 373 
# 
_em_ctf_correction.id        1 
_em_ctf_correction.details   'each micrograph' 
_em_ctf_correction.type      . 
# 
_em_entity_assembly_molwt.entity_assembly_id   1 
_em_entity_assembly_molwt.id                   1 
_em_entity_assembly_molwt.experimental_flag    YES 
_em_entity_assembly_molwt.value                8.3 
_em_entity_assembly_molwt.units                MEGADALTONS 
# 
_em_image_processing.id                   1 
_em_image_processing.image_recording_id   1 
_em_image_processing.details              ? 
# 
_em_image_recording.avg_electron_dose_per_image   15 
_em_image_recording.details                       ? 
_em_image_recording.id                            1 
_em_image_recording.film_or_detector_model        'KODAK SO-163 FILM' 
_em_image_recording.imaging_id                    1 
_em_image_recording.detector_mode                 ? 
_em_image_recording.average_exposure_time         ? 
_em_image_recording.num_diffraction_images        ? 
_em_image_recording.num_grids_imaged              ? 
_em_image_recording.num_real_images               ? 
# 
loop_
_em_software.id 
_em_software.name 
_em_software.version 
_em_software.category 
_em_software.details 
_em_software.image_processing_id 
1 INSOUT ? 'MODEL FITTING' 'rigid body' ? 
2 EM3DR  2 RECONSTRUCTION  ?            1 
3 PFT    2 RECONSTRUCTION  ?            1 
# 
_em_specimen.experiment_id           1 
_em_specimen.id                      1 
_em_specimen.concentration           0.2 
_em_specimen.vitrification_applied   YES 
_em_specimen.staining_applied        NO 
_em_specimen.embedding_applied       NO 
_em_specimen.shadowing_applied       NO 
_em_specimen.details                 '20mM Tris, 50mM NaCl, 2 mM CaCl2' 
# 
_em_virus_natural_host.entity_assembly_id   1 
_em_virus_natural_host.id                   1 
_em_virus_natural_host.ncbi_tax_id          9606 
_em_virus_natural_host.organism             'Homo sapiens' 
_em_virus_natural_host.strain               ? 
# 
loop_
_pdbx_coordinate_model.asym_id 
_pdbx_coordinate_model.type 
A 'CA ATOMS ONLY' 
B 'CA ATOMS ONLY' 
C 'CA ATOMS ONLY' 
D 'CA ATOMS ONLY' 
E 'CA ATOMS ONLY' 
# 
_pdbx_initial_refinement_model.id               1 
_pdbx_initial_refinement_model.type             'experimental model' 
_pdbx_initial_refinement_model.source_name      PDB 
_pdbx_initial_refinement_model.accession_code   1POV 
# 
_atom_sites.entry_id                    3IYC 
_atom_sites.fract_transf_matrix[1][1]   1.000000 
_atom_sites.fract_transf_matrix[1][2]   0.000000 
_atom_sites.fract_transf_matrix[1][3]   0.000000 
_atom_sites.fract_transf_matrix[2][1]   0.000000 
_atom_sites.fract_transf_matrix[2][2]   1.000000 
_atom_sites.fract_transf_matrix[2][3]   0.000000 
_atom_sites.fract_transf_matrix[3][1]   0.000000 
_atom_sites.fract_transf_matrix[3][2]   0.000000 
_atom_sites.fract_transf_matrix[3][3]   1.000000 
_atom_sites.fract_transf_vector[1]      0.000000 
_atom_sites.fract_transf_vector[2]      0.000000 
_atom_sites.fract_transf_vector[3]      0.000000 
# 
_atom_type.symbol   C 
# 
loop_
_atom_site.group_PDB 
_atom_site.id 
_atom_site.type_symbol 
_atom_site.label_atom_id 
_atom_site.label_alt_id 
_atom_site.label_comp_id 
_atom_site.label_asym_id 
_atom_site.label_entity_id 
_atom_site.label_seq_id 
_atom_site.pdbx_PDB_ins_code 
_atom_site.Cartn_x 
_atom_site.Cartn_y 
_atom_site.Cartn_z 
_atom_site.occupancy 
_atom_site.B_iso_or_equiv 
_atom_site.pdbx_formal_charge 
_atom_site.auth_seq_id 
_atom_site.auth_comp_id 
_atom_site.auth_asym_id 
_atom_site.auth_atom_id 
_atom_site.pdbx_PDB_model_num 
ATOM 1   C CA . GLN A 1 1   ? 4.079   -23.620 -25.472 1.00 30.00 ? 68  GLN 1 CA 1 
ATOM 2   C CA . HIS A 1 2   ? 4.604   -20.125 -23.727 1.00 30.00 ? 69  HIS 1 CA 1 
ATOM 3   C CA . ARG A 1 3   ? 2.984   -19.096 -20.396 1.00 30.00 ? 70  ARG 1 CA 1 
ATOM 4   C CA . SER A 1 4   ? 0.098   -16.609 -20.338 1.00 30.00 ? 71  SER 1 CA 1 
ATOM 5   C CA . ARG A 1 5   ? -0.382  -13.908 -17.678 1.00 30.00 ? 72  ARG 1 CA 1 
ATOM 6   C CA . SER A 1 6   ? -4.164  -13.836 -18.201 1.00 30.00 ? 73  SER 1 CA 1 
ATOM 7   C CA . GLU A 1 7   ? -5.382  -15.076 -14.832 1.00 30.00 ? 74  GLU 1 CA 1 
ATOM 8   C CA . SER A 1 8   ? -3.418  -12.283 -13.204 1.00 30.00 ? 75  SER 1 CA 1 
ATOM 9   C CA . SER A 1 9   ? -4.889  -9.503  -15.269 1.00 30.00 ? 76  SER 1 CA 1 
ATOM 10  C CA . ILE A 1 10  ? -6.747  -6.899  -13.128 1.00 30.00 ? 77  ILE 1 CA 1 
ATOM 11  C CA . GLU A 1 11  ? -10.116 -8.313  -14.266 1.00 30.00 ? 78  GLU 1 CA 1 
ATOM 12  C CA . SER A 1 12  ? -9.183  -11.919 -13.639 1.00 30.00 ? 79  SER 1 CA 1 
ATOM 13  C CA . PHE A 1 13  ? -7.832  -10.929 -10.234 1.00 30.00 ? 80  PHE 1 CA 1 
ATOM 14  C CA . PHE A 1 14  ? -11.171 -9.469  -9.179  1.00 30.00 ? 81  PHE 1 CA 1 
ATOM 15  C CA . ALA A 1 15  ? -13.401 -11.750 -11.282 1.00 30.00 ? 82  ALA 1 CA 1 
ATOM 16  C CA . ARG A 1 16  ? -15.087 -13.196 -8.217  1.00 30.00 ? 83  ARG 1 CA 1 
ATOM 17  C CA . GLY A 1 17  ? -18.081 -12.411 -6.029  1.00 30.00 ? 84  GLY 1 CA 1 
ATOM 18  C CA . ALA A 1 18  ? -17.022 -11.524 -2.489  1.00 30.00 ? 85  ALA 1 CA 1 
ATOM 19  C CA . CYS A 1 19  ? -19.127 -11.246 0.677   1.00 30.00 ? 86  CYS 1 CA 1 
ATOM 20  C CA . VAL A 1 20  ? -19.247 -7.562  1.549   1.00 30.00 ? 87  VAL 1 CA 1 
ATOM 21  C CA . THR A 1 21  ? -21.983 -7.879  4.198   1.00 30.00 ? 88  THR 1 CA 1 
ATOM 22  C CA . ILE A 1 22  ? -24.616 -9.952  5.998   1.00 30.00 ? 89  ILE 1 CA 1 
ATOM 23  C CA . MET A 1 23  ? -28.011 -8.319  6.600   1.00 30.00 ? 90  MET 1 CA 1 
ATOM 24  C CA . THR A 1 24  ? -30.511 -9.618  9.157   1.00 30.00 ? 91  THR 1 CA 1 
ATOM 25  C CA . VAL A 1 25  ? -34.237 -9.235  8.973   1.00 30.00 ? 92  VAL 1 CA 1 
ATOM 26  C CA . ASP A 1 26  ? -37.245 -11.026 10.393  1.00 30.00 ? 93  ASP 1 CA 1 
ATOM 27  C CA . ASN A 1 27  ? -40.973 -11.568 10.419  1.00 30.00 ? 94  ASN 1 CA 1 
ATOM 28  C CA . PRO A 1 28  ? -42.473 -11.897 13.925  1.00 30.00 ? 95  PRO 1 CA 1 
ATOM 29  C CA . ALA A 1 29  ? -45.882 -12.801 15.403  1.00 30.00 ? 96  ALA 1 CA 1 
ATOM 30  C CA . SER A 1 30  ? -48.238 -9.756  15.180  1.00 30.00 ? 97  SER 1 CA 1 
ATOM 31  C CA . THR A 1 31  ? -48.976 -10.015 18.874  1.00 30.00 ? 98  THR 1 CA 1 
ATOM 32  C CA . THR A 1 32  ? -45.338 -9.296  19.875  1.00 30.00 ? 99  THR 1 CA 1 
ATOM 33  C CA . ASN A 1 33  ? -44.432 -6.276  22.040  1.00 30.00 ? 100 ASN 1 CA 1 
ATOM 34  C CA . LYS A 1 34  ? -41.137 -5.786  20.001  1.00 30.00 ? 101 LYS 1 CA 1 
ATOM 35  C CA . ASP A 1 35  ? -41.046 -4.261  16.428  1.00 30.00 ? 102 ASP 1 CA 1 
ATOM 36  C CA . LYS A 1 36  ? -40.767 -6.215  13.117  1.00 30.00 ? 103 LYS 1 CA 1 
ATOM 37  C CA . LEU A 1 37  ? -37.133 -6.221  12.107  1.00 30.00 ? 104 LEU 1 CA 1 
ATOM 38  C CA . PHE A 1 38  ? -36.019 -4.652  8.874   1.00 30.00 ? 105 PHE 1 CA 1 
ATOM 39  C CA . ALA A 1 39  ? -32.426 -4.134  7.768   1.00 30.00 ? 106 ALA 1 CA 1 
ATOM 40  C CA . VAL A 1 40  ? -30.655 -0.899  6.876   1.00 30.00 ? 107 VAL 1 CA 1 
ATOM 41  C CA . TRP A 1 41  ? -27.086 -1.278  5.577   1.00 30.00 ? 108 TRP 1 CA 1 
ATOM 42  C CA . LYS A 1 42  ? -24.779 1.484   4.530   1.00 30.00 ? 109 LYS 1 CA 1 
ATOM 43  C CA . ILE A 1 43  ? -23.072 0.401   1.306   1.00 30.00 ? 110 ILE 1 CA 1 
ATOM 44  C CA . THR A 1 44  ? -19.340 -0.156  1.573   1.00 30.00 ? 111 THR 1 CA 1 
ATOM 45  C CA . TYR A 1 45  ? -16.510 -2.556  0.763   1.00 30.00 ? 112 TYR 1 CA 1 
ATOM 46  C CA . LYS A 1 46  ? -14.990 -2.113  4.206   1.00 30.00 ? 113 LYS 1 CA 1 
ATOM 47  C CA . ASP A 1 47  ? -17.144 -4.185  6.550   1.00 30.00 ? 114 ASP 1 CA 1 
ATOM 48  C CA . THR A 1 48  ? -15.382 -7.375  5.531   1.00 30.00 ? 115 THR 1 CA 1 
ATOM 49  C CA . VAL A 1 49  ? -11.605 -7.765  5.025   1.00 30.00 ? 116 VAL 1 CA 1 
ATOM 50  C CA . GLN A 1 50  ? -10.796 -9.792  1.915   1.00 30.00 ? 117 GLN 1 CA 1 
ATOM 51  C CA . LEU A 1 51  ? -12.187 -7.758  -0.997  1.00 30.00 ? 118 LEU 1 CA 1 
ATOM 52  C CA . ARG A 1 52  ? -10.925 -4.661  0.869   1.00 30.00 ? 119 ARG 1 CA 1 
ATOM 53  C CA . ARG A 1 53  ? -7.296  -5.856  1.013   1.00 30.00 ? 120 ARG 1 CA 1 
ATOM 54  C CA . LYS A 1 54  ? -7.408  -6.723  -2.684  1.00 30.00 ? 121 LYS 1 CA 1 
ATOM 55  C CA . LEU A 1 55  ? -8.824  -3.340  -3.750  1.00 30.00 ? 122 LEU 1 CA 1 
ATOM 56  C CA . GLU A 1 56  ? -6.334  -1.533  -1.549  1.00 30.00 ? 123 GLU 1 CA 1 
ATOM 57  C CA . PHE A 1 57  ? -3.446  -2.793  -3.677  1.00 30.00 ? 124 PHE 1 CA 1 
ATOM 58  C CA . PHE A 1 58  ? -4.472  0.332   -5.589  1.00 30.00 ? 125 PHE 1 CA 1 
ATOM 59  C CA . THR A 1 59  ? -5.140  4.015   -4.811  1.00 30.00 ? 126 THR 1 CA 1 
ATOM 60  C CA . TYR A 1 60  ? -7.830  4.722   -7.368  1.00 30.00 ? 127 TYR 1 CA 1 
ATOM 61  C CA . SER A 1 61  ? -10.257 2.434   -9.187  1.00 30.00 ? 128 SER 1 CA 1 
ATOM 62  C CA . ARG A 1 62  ? -12.975 2.517   -11.783 1.00 30.00 ? 129 ARG 1 CA 1 
ATOM 63  C CA . PHE A 1 63  ? -15.553 -0.236  -12.330 1.00 30.00 ? 130 PHE 1 CA 1 
ATOM 64  C CA . ASP A 1 64  ? -19.074 -1.337  -13.155 1.00 30.00 ? 131 ASP 1 CA 1 
ATOM 65  C CA . MET A 1 65  ? -20.390 -3.393  -10.267 1.00 30.00 ? 132 MET 1 CA 1 
ATOM 66  C CA . GLU A 1 66  ? -22.320 -6.645  -9.861  1.00 30.00 ? 133 GLU 1 CA 1 
ATOM 67  C CA . LEU A 1 67  ? -24.290 -7.450  -6.725  1.00 30.00 ? 134 LEU 1 CA 1 
ATOM 68  C CA . THR A 1 68  ? -25.604 -10.928 -5.962  1.00 30.00 ? 135 THR 1 CA 1 
ATOM 69  C CA . PHE A 1 69  ? -27.891 -11.758 -3.070  1.00 30.00 ? 136 PHE 1 CA 1 
ATOM 70  C CA . VAL A 1 70  ? -28.002 -15.017 -1.152  1.00 30.00 ? 137 VAL 1 CA 1 
ATOM 71  C CA . VAL A 1 71  ? -30.990 -15.313 1.110   1.00 30.00 ? 138 VAL 1 CA 1 
ATOM 72  C CA . THR A 1 72  ? -31.388 -17.917 3.817   1.00 30.00 ? 139 THR 1 CA 1 
ATOM 73  C CA . ALA A 1 73  ? -34.046 -18.315 6.500   1.00 30.00 ? 140 ALA 1 CA 1 
ATOM 74  C CA . ASN A 1 74  ? -34.799 -20.329 9.613   1.00 30.00 ? 141 ASN 1 CA 1 
ATOM 75  C CA . PHE A 1 75  ? -36.996 -20.979 12.598  1.00 30.00 ? 142 PHE 1 CA 1 
ATOM 76  C CA . THR A 1 76  ? -36.297 -19.210 15.884  1.00 30.00 ? 143 THR 1 CA 1 
ATOM 77  C CA . GLU A 1 77  ? -38.547 -20.986 18.412  1.00 30.00 ? 144 GLU 1 CA 1 
ATOM 78  C CA . THR A 1 78  ? -39.378 -24.633 19.321  1.00 30.00 ? 145 THR 1 CA 1 
ATOM 79  C CA . ASN A 1 79  ? -42.902 -23.826 18.269  1.00 30.00 ? 146 ASN 1 CA 1 
ATOM 80  C CA . ASN A 1 80  ? -43.558 -26.584 15.719  1.00 30.00 ? 147 ASN 1 CA 1 
ATOM 81  C CA . GLY A 1 81  ? -45.857 -24.227 13.749  1.00 30.00 ? 148 GLY 1 CA 1 
ATOM 82  C CA . HIS A 1 82  ? -45.108 -23.012 10.157  1.00 30.00 ? 149 HIS 1 CA 1 
ATOM 83  C CA . ALA A 1 83  ? -44.791 -20.209 7.623   1.00 30.00 ? 150 ALA 1 CA 1 
ATOM 84  C CA . LEU A 1 84  ? -45.643 -19.766 3.952   1.00 30.00 ? 151 LEU 1 CA 1 
ATOM 85  C CA . ASN A 1 85  ? -42.918 -18.763 1.493   1.00 30.00 ? 152 ASN 1 CA 1 
ATOM 86  C CA . GLN A 1 86  ? -41.349 -15.391 2.043   1.00 30.00 ? 153 GLN 1 CA 1 
ATOM 87  C CA . VAL A 1 87  ? -40.911 -12.550 -0.340  1.00 30.00 ? 154 VAL 1 CA 1 
ATOM 88  C CA . TYR A 1 88  ? -38.152 -10.044 0.322   1.00 30.00 ? 155 TYR 1 CA 1 
ATOM 89  C CA . GLN A 1 89  ? -37.873 -6.435  -0.763  1.00 30.00 ? 156 GLN 1 CA 1 
ATOM 90  C CA . ILE A 1 90  ? -34.388 -5.065  -1.326  1.00 30.00 ? 157 ILE 1 CA 1 
ATOM 91  C CA . MET A 1 91  ? -34.654 -1.323  -1.735  1.00 30.00 ? 158 MET 1 CA 1 
ATOM 92  C CA . TYR A 1 92  ? -31.806 0.962   -2.681  1.00 30.00 ? 159 TYR 1 CA 1 
ATOM 93  C CA . VAL A 1 93  ? -32.055 4.319   -0.882  1.00 30.00 ? 160 VAL 1 CA 1 
ATOM 94  C CA . PRO A 1 94  ? -29.713 6.843   -2.548  1.00 30.00 ? 161 PRO 1 CA 1 
ATOM 95  C CA . PRO A 1 95  ? -28.223 9.738   -0.529  1.00 30.00 ? 162 PRO 1 CA 1 
ATOM 96  C CA . GLY A 1 96  ? -31.069 12.192  -0.134  1.00 30.00 ? 163 GLY 1 CA 1 
ATOM 97  C CA . ALA A 1 97  ? -34.026 9.896   -0.325  1.00 30.00 ? 164 ALA 1 CA 1 
ATOM 98  C CA . PRO A 1 98  ? -36.335 9.058   2.623   1.00 30.00 ? 165 PRO 1 CA 1 
ATOM 99  C CA . VAL A 1 99  ? -34.883 6.267   4.759   1.00 30.00 ? 166 VAL 1 CA 1 
ATOM 100 C CA . PRO A 1 100 ? -37.459 3.787   6.029   1.00 30.00 ? 167 PRO 1 CA 1 
ATOM 101 C CA . GLU A 1 101 ? -38.360 3.884   9.685   1.00 30.00 ? 168 GLU 1 CA 1 
ATOM 102 C CA . LYS A 1 102 ? -40.711 0.925   9.609   1.00 30.00 ? 169 LYS 1 CA 1 
ATOM 103 C CA . TRP A 1 103 ? -41.182 -2.376  7.746   1.00 30.00 ? 170 TRP 1 CA 1 
ATOM 104 C CA . ASP A 1 104 ? -44.583 -0.828  7.045   1.00 30.00 ? 171 ASP 1 CA 1 
ATOM 105 C CA . ASP A 1 105 ? -44.091 2.713   5.832   1.00 30.00 ? 172 ASP 1 CA 1 
ATOM 106 C CA . TYR A 1 106 ? -44.596 4.770   2.679   1.00 30.00 ? 173 TYR 1 CA 1 
ATOM 107 C CA . THR A 1 107 ? -40.947 4.739   1.649   1.00 30.00 ? 174 THR 1 CA 1 
ATOM 108 C CA . TRP A 1 108 ? -41.390 1.150   0.452   1.00 30.00 ? 175 TRP 1 CA 1 
ATOM 109 C CA . GLN A 1 109 ? -43.788 2.344   -2.296  1.00 30.00 ? 176 GLN 1 CA 1 
ATOM 110 C CA . THR A 1 110 ? -40.471 2.768   -4.113  1.00 30.00 ? 177 THR 1 CA 1 
ATOM 111 C CA . SER A 1 111 ? -41.752 4.919   -6.966  1.00 30.00 ? 178 SER 1 CA 1 
ATOM 112 C CA . SER A 1 112 ? -38.383 6.258   -8.038  1.00 30.00 ? 179 SER 1 CA 1 
ATOM 113 C CA . ASN A 1 113 ? -35.901 4.155   -6.074  1.00 30.00 ? 180 ASN 1 CA 1 
ATOM 114 C CA . PRO A 1 114 ? -34.754 0.764   -7.438  1.00 30.00 ? 181 PRO 1 CA 1 
ATOM 115 C CA . SER A 1 115 ? -36.199 -2.210  -5.626  1.00 30.00 ? 182 SER 1 CA 1 
ATOM 116 C CA . ILE A 1 116 ? -35.686 -5.957  -5.896  1.00 30.00 ? 183 ILE 1 CA 1 
ATOM 117 C CA . PHE A 1 117 ? -38.519 -8.252  -4.978  1.00 30.00 ? 184 PHE 1 CA 1 
ATOM 118 C CA . TYR A 1 118 ? -37.006 -11.589 -4.185  1.00 30.00 ? 185 TYR 1 CA 1 
ATOM 119 C CA . THR A 1 119 ? -38.864 -14.848 -3.812  1.00 30.00 ? 186 THR 1 CA 1 
ATOM 120 C CA . TYR A 1 120 ? -37.434 -17.239 -1.239  1.00 30.00 ? 187 TYR 1 CA 1 
ATOM 121 C CA . GLY A 1 121 ? -36.115 -20.510 -2.616  1.00 30.00 ? 188 GLY 1 CA 1 
ATOM 122 C CA . THR A 1 122 ? -35.361 -19.134 -6.041  1.00 30.00 ? 189 THR 1 CA 1 
ATOM 123 C CA . ALA A 1 123 ? -31.964 -18.574 -7.702  1.00 30.00 ? 190 ALA 1 CA 1 
ATOM 124 C CA . PRO A 1 124 ? -30.033 -15.860 -5.841  1.00 30.00 ? 191 PRO 1 CA 1 
ATOM 125 C CA . ALA A 1 125 ? -30.996 -12.351 -6.915  1.00 30.00 ? 192 ALA 1 CA 1 
ATOM 126 C CA . ARG A 1 126 ? -28.672 -10.275 -9.087  1.00 30.00 ? 193 ARG 1 CA 1 
ATOM 127 C CA . ILE A 1 127 ? -28.251 -6.810  -10.565 1.00 30.00 ? 194 ILE 1 CA 1 
ATOM 128 C CA . SER A 1 128 ? -25.612 -4.607  -12.201 1.00 30.00 ? 195 SER 1 CA 1 
ATOM 129 C CA . VAL A 1 129 ? -24.730 -1.027  -11.277 1.00 30.00 ? 196 VAL 1 CA 1 
ATOM 130 C CA . PRO A 1 130 ? -22.700 1.328   -13.536 1.00 30.00 ? 197 PRO 1 CA 1 
ATOM 131 C CA . TYR A 1 131 ? -19.666 3.310   -12.341 1.00 30.00 ? 198 TYR 1 CA 1 
ATOM 132 C CA . VAL A 1 132 ? -21.610 5.727   -10.144 1.00 30.00 ? 199 VAL 1 CA 1 
ATOM 133 C CA . GLY A 1 133 ? -18.808 7.907   -8.832  1.00 30.00 ? 200 GLY 1 CA 1 
ATOM 134 C CA . ILE A 1 134 ? -19.123 11.709  -8.729  1.00 30.00 ? 201 ILE 1 CA 1 
ATOM 135 C CA . SER A 1 135 ? -15.360 11.899  -9.328  1.00 30.00 ? 202 SER 1 CA 1 
ATOM 136 C CA . ASN A 1 136 ? -13.450 10.486  -12.339 1.00 30.00 ? 203 ASN 1 CA 1 
ATOM 137 C CA . ALA A 1 137 ? -12.526 7.477   -10.261 1.00 30.00 ? 204 ALA 1 CA 1 
ATOM 138 C CA . TYR A 1 138 ? -13.396 5.799   -6.966  1.00 30.00 ? 205 TYR 1 CA 1 
ATOM 139 C CA . SER A 1 139 ? -10.879 6.867   -4.384  1.00 30.00 ? 206 SER 1 CA 1 
ATOM 140 C CA . HIS A 1 140 ? -9.584  4.079   -2.103  1.00 30.00 ? 207 HIS 1 CA 1 
ATOM 141 C CA . PHE A 1 141 ? -4.497  4.965   -0.251  1.00 30.00 ? 208 PHE 1 CA 1 
ATOM 142 C CA . TYR A 1 142 ? -5.622  8.488   0.675   1.00 30.00 ? 209 TYR 1 CA 1 
ATOM 143 C CA . ASP A 1 143 ? -3.042  10.682  2.358   1.00 30.00 ? 210 ASP 1 CA 1 
ATOM 144 C CA . GLY A 1 144 ? -5.578  13.102  3.637   1.00 30.00 ? 211 GLY 1 CA 1 
ATOM 145 C CA . PHE A 1 145 ? -8.700  14.017  5.497   1.00 30.00 ? 212 PHE 1 CA 1 
ATOM 146 C CA . SER A 1 146 ? -12.438 13.984  5.070   1.00 30.00 ? 213 SER 1 CA 1 
ATOM 147 C CA . LYS A 1 147 ? -12.624 17.463  6.400   1.00 30.00 ? 214 LYS 1 CA 1 
ATOM 148 C CA . VAL A 1 148 ? -10.530 20.474  7.300   1.00 30.00 ? 215 VAL 1 CA 1 
ATOM 149 C CA . PRO A 1 149 ? -10.375 21.882  10.834  1.00 30.00 ? 216 PRO 1 CA 1 
ATOM 150 C CA . LEU A 1 150 ? -11.346 25.540  10.796  1.00 30.00 ? 217 LEU 1 CA 1 
ATOM 151 C CA . LYS A 1 151 ? -9.720  27.817  13.356  1.00 30.00 ? 218 LYS 1 CA 1 
ATOM 152 C CA . ASP A 1 152 ? -13.055 29.588  13.690  1.00 30.00 ? 219 ASP 1 CA 1 
ATOM 153 C CA . GLN A 1 153 ? -15.405 26.642  14.309  1.00 30.00 ? 220 GLN 1 CA 1 
ATOM 154 C CA . SER A 1 154 ? -14.871 24.409  17.395  1.00 30.00 ? 221 SER 1 CA 1 
ATOM 155 C CA . ALA A 1 155 ? -12.173 21.731  17.636  1.00 30.00 ? 222 ALA 1 CA 1 
ATOM 156 C CA . ALA A 1 156 ? -14.573 18.760  17.752  1.00 30.00 ? 223 ALA 1 CA 1 
ATOM 157 C CA . LEU A 1 157 ? -16.510 19.683  14.610  1.00 30.00 ? 224 LEU 1 CA 1 
ATOM 158 C CA . GLY A 1 158 ? -13.456 20.086  12.501  1.00 30.00 ? 225 GLY 1 CA 1 
ATOM 159 C CA . ASP A 1 159 ? -12.198 16.631  13.343  1.00 30.00 ? 226 ASP 1 CA 1 
ATOM 160 C CA . SER A 1 160 ? -11.950 13.463  11.268  1.00 30.00 ? 227 SER 1 CA 1 
ATOM 161 C CA . LEU A 1 161 ? -10.045 10.197  10.725  1.00 30.00 ? 228 LEU 1 CA 1 
ATOM 162 C CA . TYR A 1 162 ? -6.717  10.087  8.944   1.00 30.00 ? 229 TYR 1 CA 1 
ATOM 163 C CA . GLY A 1 163 ? -6.716  8.398   5.556   1.00 30.00 ? 230 GLY 1 CA 1 
ATOM 164 C CA . ALA A 1 164 ? -10.481 8.121   5.333   1.00 30.00 ? 231 ALA 1 CA 1 
ATOM 165 C CA . ALA A 1 165 ? -12.745 9.672   2.671   1.00 30.00 ? 232 ALA 1 CA 1 
ATOM 166 C CA . SER A 1 166 ? -16.530 8.997   2.979   1.00 30.00 ? 233 SER 1 CA 1 
ATOM 167 C CA . LEU A 1 167 ? -21.023 11.735  5.072   1.00 30.00 ? 234 LEU 1 CA 1 
ATOM 168 C CA . ASN A 1 168 ? -22.915 9.648   2.557   1.00 30.00 ? 235 ASN 1 CA 1 
ATOM 169 C CA . ASP A 1 169 ? -21.103 8.360   -0.557  1.00 30.00 ? 236 ASP 1 CA 1 
ATOM 170 C CA . PHE A 1 170 ? -23.377 5.681   -1.974  1.00 30.00 ? 237 PHE 1 CA 1 
ATOM 171 C CA . GLY A 1 171 ? -26.492 5.647   0.146   1.00 30.00 ? 238 GLY 1 CA 1 
ATOM 172 C CA . ILE A 1 172 ? -27.995 2.491   1.641   1.00 30.00 ? 239 ILE 1 CA 1 
ATOM 173 C CA . LEU A 1 173 ? -29.663 -0.865  1.179   1.00 30.00 ? 240 LEU 1 CA 1 
ATOM 174 C CA . ALA A 1 174 ? -32.920 -1.260  3.029   1.00 30.00 ? 241 ALA 1 CA 1 
ATOM 175 C CA . VAL A 1 175 ? -34.336 -4.801  3.328   1.00 30.00 ? 242 VAL 1 CA 1 
ATOM 176 C CA . ARG A 1 176 ? -37.625 -6.208  4.571   1.00 30.00 ? 243 ARG 1 CA 1 
ATOM 177 C CA . VAL A 1 177 ? -39.865 -9.278  4.625   1.00 30.00 ? 244 VAL 1 CA 1 
ATOM 178 C CA . VAL A 1 178 ? -42.887 -8.124  2.589   1.00 30.00 ? 245 VAL 1 CA 1 
ATOM 179 C CA . ASN A 1 179 ? -45.095 -10.810 4.113   1.00 30.00 ? 246 ASN 1 CA 1 
ATOM 180 C CA . ASP A 1 180 ? -47.265 -9.896  7.070   1.00 30.00 ? 247 ASP 1 CA 1 
ATOM 181 C CA . HIS A 1 181 ? -46.603 -10.932 10.649  1.00 30.00 ? 248 HIS 1 CA 1 
ATOM 182 C CA . ASN A 1 182 ? -46.851 -14.676 11.051  1.00 30.00 ? 249 ASN 1 CA 1 
ATOM 183 C CA . PRO A 1 183 ? -47.917 -16.564 14.260  1.00 30.00 ? 250 PRO 1 CA 1 
ATOM 184 C CA . THR A 1 184 ? -44.709 -18.500 14.305  1.00 30.00 ? 251 THR 1 CA 1 
ATOM 185 C CA . LYS A 1 185 ? -41.556 -16.448 13.784  1.00 30.00 ? 252 LYS 1 CA 1 
ATOM 186 C CA . VAL A 1 186 ? -38.955 -16.690 11.061  1.00 30.00 ? 253 VAL 1 CA 1 
ATOM 187 C CA . THR A 1 187 ? -35.565 -15.018 10.961  1.00 30.00 ? 254 THR 1 CA 1 
ATOM 188 C CA . SER A 1 188 ? -33.780 -14.418 7.676   1.00 30.00 ? 255 SER 1 CA 1 
ATOM 189 C CA . LYS A 1 189 ? -30.373 -13.429 6.440   1.00 30.00 ? 256 LYS 1 CA 1 
ATOM 190 C CA . ILE A 1 190 ? -29.217 -11.694 3.315   1.00 30.00 ? 257 ILE 1 CA 1 
ATOM 191 C CA . ARG A 1 191 ? -25.688 -12.122 2.109   1.00 30.00 ? 258 ARG 1 CA 1 
ATOM 192 C CA . VAL A 1 192 ? -24.401 -9.520  -0.290  1.00 30.00 ? 259 VAL 1 CA 1 
ATOM 193 C CA . TYR A 1 193 ? -21.741 -10.640 -2.707  1.00 30.00 ? 260 TYR 1 CA 1 
ATOM 194 C CA . LEU A 1 194 ? -19.828 -8.021  -4.684  1.00 30.00 ? 261 LEU 1 CA 1 
ATOM 195 C CA . LYS A 1 195 ? -17.938 -8.355  -7.903  1.00 30.00 ? 262 LYS 1 CA 1 
ATOM 196 C CA . PRO A 1 196 ? -16.193 -5.590  -9.805  1.00 30.00 ? 263 PRO 1 CA 1 
ATOM 197 C CA . LYS A 1 197 ? -16.653 -5.819  -13.581 1.00 30.00 ? 264 LYS 1 CA 1 
ATOM 198 C CA . HIS A 1 198 ? -15.068 -3.804  -16.412 1.00 30.00 ? 265 HIS 1 CA 1 
ATOM 199 C CA . ILE A 1 199 ? -12.371 -2.614  -13.992 1.00 30.00 ? 266 ILE 1 CA 1 
ATOM 200 C CA . ARG A 1 200 ? -9.475  -0.213  -14.139 1.00 30.00 ? 267 ARG 1 CA 1 
ATOM 201 C CA . VAL A 1 201 ? -6.973  0.627   -11.446 1.00 30.00 ? 268 VAL 1 CA 1 
ATOM 202 C CA . TRP A 1 202 ? -4.320  3.264   -10.856 1.00 30.00 ? 269 TRP 1 CA 1 
ATOM 203 C CA . CYS A 1 203 ? -1.434  4.096   -8.485  1.00 30.00 ? 270 CYS 1 CA 1 
ATOM 204 C CA . PRO A 1 204 ? -0.358  0.859   -6.780  1.00 30.00 ? 271 PRO 1 CA 1 
ATOM 205 C CA . ARG A 1 205 ? 0.241   0.318   -3.080  1.00 30.00 ? 272 ARG 1 CA 1 
ATOM 206 C CA . PRO A 1 206 ? 1.702   -2.297  -0.730  1.00 30.00 ? 273 PRO 1 CA 1 
ATOM 207 C CA . PRO A 1 207 ? -0.789  -4.744  0.769   1.00 30.00 ? 274 PRO 1 CA 1 
ATOM 208 C CA . ARG A 1 208 ? -2.172  -4.268  4.293   1.00 30.00 ? 275 ARG 1 CA 1 
ATOM 209 C CA . ALA A 1 209 ? 0.319   -5.960  6.598   1.00 30.00 ? 276 ALA 1 CA 1 
ATOM 210 C CA . VAL A 1 210 ? -1.413  -5.563  9.935   1.00 30.00 ? 277 VAL 1 CA 1 
ATOM 211 C CA . ALA A 1 211 ? -5.035  -6.057  11.014  1.00 30.00 ? 278 ALA 1 CA 1 
ATOM 212 C CA . TYR A 1 212 ? -7.526  -3.521  9.844   1.00 30.00 ? 279 TYR 1 CA 1 
ATOM 213 C CA . TYR A 1 213 ? -8.902  -1.198  12.522  1.00 30.00 ? 280 TYR 1 CA 1 
ATOM 214 C CA . GLY A 1 214 ? -11.881 0.626   11.218  1.00 30.00 ? 281 GLY 1 CA 1 
ATOM 215 C CA . PRO A 1 215 ? -12.629 2.363   7.872   1.00 30.00 ? 282 PRO 1 CA 1 
ATOM 216 C CA . GLY A 1 216 ? -9.334  4.189   7.860   1.00 30.00 ? 283 GLY 1 CA 1 
ATOM 217 C CA . VAL A 1 217 ? -5.653  3.268   7.836   1.00 30.00 ? 284 VAL 1 CA 1 
ATOM 218 C CA . ASP A 1 218 ? -5.462  3.077   11.618  1.00 30.00 ? 285 ASP 1 CA 1 
ATOM 219 C CA . TYR A 1 219 ? -3.856  0.318   13.548  1.00 30.00 ? 286 TYR 1 CA 1 
ATOM 220 C CA . LYS A 1 220 ? -4.311  -1.130  16.967  1.00 30.00 ? 287 LYS 1 CA 1 
ATOM 221 C CA . ASP A 1 221 ? -1.784  -1.651  19.721  1.00 30.00 ? 288 ASP 1 CA 1 
ATOM 222 C CA . GLY A 1 222 ? -0.796  -5.298  20.014  1.00 30.00 ? 289 GLY 1 CA 1 
ATOM 223 C CA . THR A 1 223 ? -1.457  -6.134  16.325  1.00 30.00 ? 290 THR 1 CA 1 
ATOM 224 C CA . LEU A 1 224 ? 2.061   -3.665  16.052  1.00 30.00 ? 291 LEU 1 CA 1 
ATOM 225 C CA . THR A 1 225 ? 4.503   -6.572  15.720  1.00 30.00 ? 292 THR 1 CA 1 
ATOM 226 C CA . PRO A 1 226 ? 3.704   -8.467  12.506  1.00 30.00 ? 293 PRO 1 CA 1 
ATOM 227 C CA . LEU A 1 227 ? 7.107   -9.891  11.740  1.00 30.00 ? 294 LEU 1 CA 1 
ATOM 228 C CA . SER A 1 228 ? 8.348   -13.239 12.814  1.00 30.00 ? 295 SER 1 CA 1 
ATOM 229 C CA . THR A 1 229 ? 11.655  -14.288 14.454  1.00 30.00 ? 296 THR 1 CA 1 
ATOM 230 C CA . LYS A 1 230 ? 14.369  -15.489 12.062  1.00 30.00 ? 297 LYS 1 CA 1 
ATOM 231 C CA . ASP A 1 231 ? 18.112  -15.319 12.598  1.00 30.00 ? 298 ASP 1 CA 1 
ATOM 232 C CA . LEU A 1 232 ? 20.412  -13.489 10.206  1.00 30.00 ? 299 LEU 1 CA 1 
ATOM 233 C CA . THR A 1 233 ? 22.703  -16.371 9.217   1.00 30.00 ? 300 THR 1 CA 1 
ATOM 234 C CA . THR A 1 234 ? 19.991  -19.015 8.967   1.00 30.00 ? 301 THR 1 CA 1 
ATOM 235 C CA . TYR A 1 235 ? 18.469  -20.132 5.652   1.00 30.00 ? 302 TYR 1 CA 1 
ATOM 236 C CA . LEU B 2 1   ? 33.617  -2.893  -15.456 1.00 30.00 ? 83  LEU 2 CA 1 
ATOM 237 C CA . GLN B 2 2   ? 32.272  -6.442  -14.982 1.00 30.00 ? 84  GLN 2 CA 1 
ATOM 238 C CA . LEU B 2 3   ? 34.840  -9.314  -15.548 1.00 30.00 ? 85  LEU 2 CA 1 
ATOM 239 C CA . THR B 2 4   ? 32.737  -12.539 -16.009 1.00 30.00 ? 86  THR 2 CA 1 
ATOM 240 C CA . LEU B 2 5   ? 33.329  -16.321 -16.650 1.00 30.00 ? 87  LEU 2 CA 1 
ATOM 241 C CA . GLY B 2 6   ? 30.356  -18.746 -16.495 1.00 30.00 ? 88  GLY 2 CA 1 
ATOM 242 C CA . ASN B 2 7   ? 28.407  -17.934 -13.253 1.00 30.00 ? 89  ASN 2 CA 1 
ATOM 243 C CA . SER B 2 8   ? 31.501  -16.313 -11.718 1.00 30.00 ? 90  SER 2 CA 1 
ATOM 244 C CA . THR B 2 9   ? 32.038  -12.499 -12.030 1.00 30.00 ? 91  THR 2 CA 1 
ATOM 245 C CA . ILE B 2 10  ? 34.521  -9.805  -10.899 1.00 30.00 ? 92  ILE 2 CA 1 
ATOM 246 C CA . THR B 2 11  ? 33.194  -6.144  -10.582 1.00 30.00 ? 93  THR 2 CA 1 
ATOM 247 C CA . THR B 2 12  ? 36.291  -3.977  -11.576 1.00 30.00 ? 94  THR 2 CA 1 
ATOM 248 C CA . GLN B 2 13  ? 37.044  -0.237  -12.051 1.00 30.00 ? 95  GLN 2 CA 1 
ATOM 249 C CA . GLU B 2 14  ? 40.706  -1.094  -11.687 1.00 30.00 ? 96  GLU 2 CA 1 
ATOM 250 C CA . GLY C 3 1   ? -43.398 -18.856 -30.523 1.00 30.00 ? 1   GLY 3 CA 1 
ATOM 251 C CA . LEU C 3 2   ? -39.834 -19.900 -31.613 1.00 30.00 ? 2   LEU 3 CA 1 
ATOM 252 C CA . PRO C 3 3   ? -39.315 -23.417 -30.274 1.00 30.00 ? 3   PRO 3 CA 1 
ATOM 253 C CA . VAL C 3 4   ? -36.599 -23.525 -27.611 1.00 30.00 ? 4   VAL 3 CA 1 
ATOM 254 C CA . MET C 3 5   ? -35.086 -26.003 -25.176 1.00 30.00 ? 5   MET 3 CA 1 
ATOM 255 C CA . ASN C 3 6   ? -33.448 -25.163 -21.884 1.00 30.00 ? 6   ASN 3 CA 1 
ATOM 256 C CA . THR C 3 7   ? -30.016 -26.481 -21.177 1.00 30.00 ? 7   THR 3 CA 1 
ATOM 257 C CA . PRO C 3 8   ? -28.187 -27.191 -17.885 1.00 30.00 ? 8   PRO 3 CA 1 
ATOM 258 C CA . GLY C 3 9   ? -26.923 -23.954 -16.343 1.00 30.00 ? 9   GLY 3 CA 1 
ATOM 259 C CA . SER C 3 10  ? -30.276 -22.255 -16.876 1.00 30.00 ? 10  SER 3 CA 1 
ATOM 260 C CA . ASN C 3 11  ? -31.343 -19.768 -14.183 1.00 30.00 ? 11  ASN 3 CA 1 
ATOM 261 C CA . GLN C 3 12  ? -28.051 -20.045 -12.334 1.00 30.00 ? 12  GLN 3 CA 1 
ATOM 262 C CA . TYR C 3 13  ? -24.714 -19.430 -7.939  1.00 30.00 ? 13  TYR 3 CA 1 
ATOM 263 C CA . LEU C 3 14  ? -21.110 -19.875 -8.840  1.00 30.00 ? 14  LEU 3 CA 1 
ATOM 264 C CA . THR C 3 15  ? -19.072 -16.965 -7.426  1.00 30.00 ? 15  THR 3 CA 1 
ATOM 265 C CA . ALA C 3 16  ? -16.658 -17.257 -10.374 1.00 30.00 ? 16  ALA 3 CA 1 
ATOM 266 C CA . ASP C 3 17  ? -19.344 -17.101 -13.036 1.00 30.00 ? 17  ASP 3 CA 1 
ATOM 267 C CA . ASN C 3 18  ? -19.460 -14.571 -15.821 1.00 30.00 ? 18  ASN 3 CA 1 
ATOM 268 C CA . PHE C 3 19  ? -22.969 -13.648 -16.917 1.00 30.00 ? 19  PHE 3 CA 1 
ATOM 269 C CA . GLN C 3 20  ? -25.032 -10.606 -17.849 1.00 30.00 ? 20  GLN 3 CA 1 
ATOM 270 C CA . SER C 3 21  ? -27.541 -9.135  -15.410 1.00 30.00 ? 21  SER 3 CA 1 
ATOM 271 C CA . PRO C 3 22  ? -30.123 -6.351  -15.469 1.00 30.00 ? 22  PRO 3 CA 1 
ATOM 272 C CA . CYS C 3 23  ? -29.032 -2.790  -14.650 1.00 30.00 ? 23  CYS 3 CA 1 
ATOM 273 C CA . ALA C 3 24  ? -30.560 -1.190  -11.530 1.00 30.00 ? 24  ALA 3 CA 1 
ATOM 274 C CA . LEU C 3 25  ? -29.783 2.333   -12.709 1.00 30.00 ? 25  LEU 3 CA 1 
ATOM 275 C CA . PRO C 3 26  ? -30.913 2.528   -16.321 1.00 30.00 ? 26  PRO 3 CA 1 
ATOM 276 C CA . GLU C 3 27  ? -29.678 5.257   -18.671 1.00 30.00 ? 27  GLU 3 CA 1 
ATOM 277 C CA . PHE C 3 28  ? -27.226 6.476   -16.031 1.00 30.00 ? 28  PHE 3 CA 1 
ATOM 278 C CA . ASP C 3 29  ? -24.741 8.868   -17.594 1.00 30.00 ? 29  ASP 3 CA 1 
ATOM 279 C CA . VAL C 3 30  ? -21.322 7.853   -16.354 1.00 30.00 ? 30  VAL 3 CA 1 
ATOM 280 C CA . THR C 3 31  ? -18.539 10.273  -15.422 1.00 30.00 ? 31  THR 3 CA 1 
ATOM 281 C CA . PRO C 3 32  ? -15.822 10.057  -18.073 1.00 30.00 ? 32  PRO 3 CA 1 
ATOM 282 C CA . PRO C 3 33  ? -12.317 8.716   -17.365 1.00 30.00 ? 33  PRO 3 CA 1 
ATOM 283 C CA . ILE C 3 34  ? -9.326  11.025  -17.031 1.00 30.00 ? 34  ILE 3 CA 1 
ATOM 284 C CA . ASP C 3 35  ? -5.713  10.128  -17.761 1.00 30.00 ? 35  ASP 3 CA 1 
ATOM 285 C CA . ILE C 3 36  ? -4.594  9.374   -14.235 1.00 30.00 ? 36  ILE 3 CA 1 
ATOM 286 C CA . PRO C 3 37  ? -0.887  8.595   -14.003 1.00 30.00 ? 37  PRO 3 CA 1 
ATOM 287 C CA . GLY C 3 38  ? 0.193   5.178   -12.805 1.00 30.00 ? 38  GLY 3 CA 1 
ATOM 288 C CA . GLU C 3 39  ? -2.304  2.710   -14.281 1.00 30.00 ? 39  GLU 3 CA 1 
ATOM 289 C CA . VAL C 3 40  ? -1.811  -0.963  -13.617 1.00 30.00 ? 40  VAL 3 CA 1 
ATOM 290 C CA . LYS C 3 41  ? -2.901  -3.648  -16.043 1.00 30.00 ? 41  LYS 3 CA 1 
ATOM 291 C CA . ASN C 3 42  ? -1.602  -6.872  -14.528 1.00 30.00 ? 42  ASN 3 CA 1 
ATOM 292 C CA . MET C 3 43  ? -0.721  -7.995  -10.985 1.00 30.00 ? 43  MET 3 CA 1 
ATOM 293 C CA . MET C 3 44  ? 2.505   -9.395  -12.430 1.00 30.00 ? 44  MET 3 CA 1 
ATOM 294 C CA . GLU C 3 45  ? 3.547   -5.834  -13.269 1.00 30.00 ? 45  GLU 3 CA 1 
ATOM 295 C CA . LEU C 3 46  ? 3.658   -5.286  -9.562  1.00 30.00 ? 46  LEU 3 CA 1 
ATOM 296 C CA . ALA C 3 47  ? 5.519   -8.495  -8.819  1.00 30.00 ? 47  ALA 3 CA 1 
ATOM 297 C CA . GLU C 3 48  ? 8.244   -7.236  -11.108 1.00 30.00 ? 48  GLU 3 CA 1 
ATOM 298 C CA . ILE C 3 49  ? 8.906   -4.214  -8.894  1.00 30.00 ? 49  ILE 3 CA 1 
ATOM 299 C CA . ASP C 3 50  ? 13.154  -2.103  -5.092  1.00 30.00 ? 50  ASP 3 CA 1 
ATOM 300 C CA . THR C 3 51  ? 12.040  -2.305  -1.463  1.00 30.00 ? 51  THR 3 CA 1 
ATOM 301 C CA . MET C 3 52  ? 14.188  -2.792  1.635   1.00 30.00 ? 52  MET 3 CA 1 
ATOM 302 C CA . ILE C 3 53  ? 14.859  -6.197  3.190   1.00 30.00 ? 53  ILE 3 CA 1 
ATOM 303 C CA . PRO C 3 54  ? 14.212  -6.951  6.872   1.00 30.00 ? 54  PRO 3 CA 1 
ATOM 304 C CA . PHE C 3 55  ? 17.373  -9.129  7.129   1.00 30.00 ? 55  PHE 3 CA 1 
ATOM 305 C CA . ASP C 3 56  ? 17.904  -9.281  10.844  1.00 30.00 ? 56  ASP 3 CA 1 
ATOM 306 C CA . LEU C 3 57  ? 14.601  -10.664 12.103  1.00 30.00 ? 57  LEU 3 CA 1 
ATOM 307 C CA . SER C 3 58  ? 16.373  -11.589 15.313  1.00 30.00 ? 58  SER 3 CA 1 
ATOM 308 C CA . ALA C 3 59  ? 14.292  -11.858 18.490  1.00 30.00 ? 59  ALA 3 CA 1 
ATOM 309 C CA . THR C 3 60  ? 15.311  -8.573  19.981  1.00 30.00 ? 60  THR 3 CA 1 
ATOM 310 C CA . LYS C 3 61  ? 15.435  -6.519  16.818  1.00 30.00 ? 61  LYS 3 CA 1 
ATOM 311 C CA . LYS C 3 62  ? 12.552  -7.724  14.701  1.00 30.00 ? 62  LYS 3 CA 1 
ATOM 312 C CA . ASN C 3 63  ? 9.580   -5.356  14.412  1.00 30.00 ? 63  ASN 3 CA 1 
ATOM 313 C CA . THR C 3 64  ? 11.912  -2.427  14.928  1.00 30.00 ? 64  THR 3 CA 1 
ATOM 314 C CA . MET C 3 65  ? 13.887  -0.088  12.586  1.00 30.00 ? 65  MET 3 CA 1 
ATOM 315 C CA . GLU C 3 66  ? 16.906  -2.353  13.281  1.00 30.00 ? 66  GLU 3 CA 1 
ATOM 316 C CA . MET C 3 67  ? 15.705  -5.416  11.395  1.00 30.00 ? 67  MET 3 CA 1 
ATOM 317 C CA . TYR C 3 68  ? 16.768  -3.552  8.266   1.00 30.00 ? 68  TYR 3 CA 1 
ATOM 318 C CA . ARG C 3 69  ? 20.448  -3.053  9.164   1.00 30.00 ? 69  ARG 3 CA 1 
ATOM 319 C CA . VAL C 3 70  ? 23.116  -5.730  8.502   1.00 30.00 ? 70  VAL 3 CA 1 
ATOM 320 C CA . ARG C 3 71  ? 26.108  -4.908  10.659  1.00 30.00 ? 71  ARG 3 CA 1 
ATOM 321 C CA . LEU C 3 72  ? 29.706  -5.258  9.495   1.00 30.00 ? 72  LEU 3 CA 1 
ATOM 322 C CA . SER C 3 73  ? 33.117  -4.592  11.002  1.00 30.00 ? 73  SER 3 CA 1 
ATOM 323 C CA . ASP C 3 74  ? 36.835  -4.060  10.500  1.00 30.00 ? 74  ASP 3 CA 1 
ATOM 324 C CA . LYS C 3 75  ? 37.426  -7.448  12.012  1.00 30.00 ? 75  LYS 3 CA 1 
ATOM 325 C CA . PRO C 3 76  ? 39.935  -9.960  10.704  1.00 30.00 ? 76  PRO 3 CA 1 
ATOM 326 C CA . HIS C 3 77  ? 39.193  -12.029 7.637   1.00 30.00 ? 77  HIS 3 CA 1 
ATOM 327 C CA . THR C 3 78  ? 36.854  -14.912 7.972   1.00 30.00 ? 78  THR 3 CA 1 
ATOM 328 C CA . ASP C 3 79  ? 35.151  -17.335 5.592   1.00 30.00 ? 79  ASP 3 CA 1 
ATOM 329 C CA . ASP C 3 80  ? 31.986  -17.343 7.596   1.00 30.00 ? 80  ASP 3 CA 1 
ATOM 330 C CA . PRO C 3 81  ? 28.691  -15.906 6.312   1.00 30.00 ? 81  PRO 3 CA 1 
ATOM 331 C CA . ILE C 3 82  ? 27.622  -12.283 6.853   1.00 30.00 ? 82  ILE 3 CA 1 
ATOM 332 C CA . LEU C 3 83  ? 24.072  -13.353 6.034   1.00 30.00 ? 83  LEU 3 CA 1 
ATOM 333 C CA . CYS C 3 84  ? 22.296  -16.472 4.804   1.00 30.00 ? 84  CYS 3 CA 1 
ATOM 334 C CA . LEU C 3 85  ? 18.939  -16.242 2.982   1.00 30.00 ? 85  LEU 3 CA 1 
ATOM 335 C CA . SER C 3 86  ? 16.639  -18.629 1.038   1.00 30.00 ? 86  SER 3 CA 1 
ATOM 336 C CA . LEU C 3 87  ? 15.169  -17.864 -2.378  1.00 30.00 ? 87  LEU 3 CA 1 
ATOM 337 C CA . SER C 3 88  ? 11.564  -18.175 -1.319  1.00 30.00 ? 88  SER 3 CA 1 
ATOM 338 C CA . PRO C 3 89  ? 10.342  -14.728 -2.333  1.00 30.00 ? 89  PRO 3 CA 1 
ATOM 339 C CA . ALA C 3 90  ? 6.848   -15.182 -0.929  1.00 30.00 ? 90  ALA 3 CA 1 
ATOM 340 C CA . SER C 3 91  ? 7.437   -17.529 1.983   1.00 30.00 ? 91  SER 3 CA 1 
ATOM 341 C CA . ASP C 3 92  ? 10.779  -16.620 3.559   1.00 30.00 ? 92  ASP 3 CA 1 
ATOM 342 C CA . PRO C 3 93  ? 10.265  -14.333 6.595   1.00 30.00 ? 93  PRO 3 CA 1 
ATOM 343 C CA . ARG C 3 94  ? 12.814  -11.842 5.315   1.00 30.00 ? 94  ARG 3 CA 1 
ATOM 344 C CA . LEU C 3 95  ? 11.464  -11.597 1.776   1.00 30.00 ? 95  LEU 3 CA 1 
ATOM 345 C CA . SER C 3 96  ? 7.758   -12.238 2.326   1.00 30.00 ? 96  SER 3 CA 1 
ATOM 346 C CA . HIS C 3 97  ? 6.803   -8.810  3.610   1.00 30.00 ? 97  HIS 3 CA 1 
ATOM 347 C CA . THR C 3 98  ? 8.695   -6.759  1.061   1.00 30.00 ? 98  THR 3 CA 1 
ATOM 348 C CA . MET C 3 99  ? 6.572   -5.145  -1.711  1.00 30.00 ? 99  MET 3 CA 1 
ATOM 349 C CA . LEU C 3 100 ? 7.539   -8.003  -4.045  1.00 30.00 ? 100 LEU 3 CA 1 
ATOM 350 C CA . GLY C 3 101 ? 6.725   -10.604 -1.425  1.00 30.00 ? 101 GLY 3 CA 1 
ATOM 351 C CA . GLU C 3 102 ? 3.383   -9.014  -0.608  1.00 30.00 ? 102 GLU 3 CA 1 
ATOM 352 C CA . ILE C 3 103 ? 2.203   -8.956  -4.204  1.00 30.00 ? 103 ILE 3 CA 1 
ATOM 353 C CA . LEU C 3 104 ? 3.462   -12.515 -4.599  1.00 30.00 ? 104 LEU 3 CA 1 
ATOM 354 C CA . ASN C 3 105 ? 1.070   -13.554 -1.875  1.00 30.00 ? 105 ASN 3 CA 1 
ATOM 355 C CA . TYR C 3 106 ? -2.014  -12.523 -3.780  1.00 30.00 ? 106 TYR 3 CA 1 
ATOM 356 C CA . TYR C 3 107 ? -0.912  -15.145 -6.321  1.00 30.00 ? 107 TYR 3 CA 1 
ATOM 357 C CA . THR C 3 108 ? -0.112  -18.874 -6.443  1.00 30.00 ? 108 THR 3 CA 1 
ATOM 358 C CA . HIS C 3 109 ? 2.665   -19.148 -9.000  1.00 30.00 ? 109 HIS 3 CA 1 
ATOM 359 C CA . TRP C 3 110 ? 5.759   -17.092 -9.735  1.00 30.00 ? 110 TRP 3 CA 1 
ATOM 360 C CA . ALA C 3 111 ? 8.426   -17.005 -12.382 1.00 30.00 ? 111 ALA 3 CA 1 
ATOM 361 C CA . GLY C 3 112 ? 11.304  -14.798 -13.343 1.00 30.00 ? 112 GLY 3 CA 1 
ATOM 362 C CA . SER C 3 113 ? 14.621  -13.258 -12.399 1.00 30.00 ? 113 SER 3 CA 1 
ATOM 363 C CA . LEU C 3 114 ? 15.079  -11.510 -9.082  1.00 30.00 ? 114 LEU 3 CA 1 
ATOM 364 C CA . LYS C 3 115 ? 17.358  -8.551  -8.459  1.00 30.00 ? 115 LYS 3 CA 1 
ATOM 365 C CA . PHE C 3 116 ? 19.281  -7.962  -5.232  1.00 30.00 ? 116 PHE 3 CA 1 
ATOM 366 C CA . THR C 3 117 ? 20.966  -4.679  -4.392  1.00 30.00 ? 117 THR 3 CA 1 
ATOM 367 C CA . PHE C 3 118 ? 23.246  -3.909  -1.446  1.00 30.00 ? 118 PHE 3 CA 1 
ATOM 368 C CA . LEU C 3 119 ? 23.968  -0.449  -0.101  1.00 30.00 ? 119 LEU 3 CA 1 
ATOM 369 C CA . PHE C 3 120 ? 27.044  0.286   1.995   1.00 30.00 ? 120 PHE 3 CA 1 
ATOM 370 C CA . CYS C 3 121 ? 26.197  2.896   4.604   1.00 30.00 ? 121 CYS 3 CA 1 
ATOM 371 C CA . GLY C 3 122 ? 29.574  3.065   6.311   1.00 30.00 ? 122 GLY 3 CA 1 
ATOM 372 C CA . SER C 3 123 ? 32.080  5.941   6.018   1.00 30.00 ? 123 SER 3 CA 1 
ATOM 373 C CA . MET C 3 124 ? 34.081  7.193   3.061   1.00 30.00 ? 124 MET 3 CA 1 
ATOM 374 C CA . MET C 3 125 ? 37.358  6.210   4.688   1.00 30.00 ? 125 MET 3 CA 1 
ATOM 375 C CA . ALA C 3 126 ? 36.175  2.624   4.992   1.00 30.00 ? 126 ALA 3 CA 1 
ATOM 376 C CA . THR C 3 127 ? 37.336  0.139   2.378   1.00 30.00 ? 127 THR 3 CA 1 
ATOM 377 C CA . GLY C 3 128 ? 36.681  -3.532  1.627   1.00 30.00 ? 128 GLY 3 CA 1 
ATOM 378 C CA . LYS C 3 129 ? 35.660  -6.364  -0.654  1.00 30.00 ? 129 LYS 3 CA 1 
ATOM 379 C CA . LEU C 3 130 ? 32.607  -8.555  -0.236  1.00 30.00 ? 130 LEU 3 CA 1 
ATOM 380 C CA . LEU C 3 131 ? 31.432  -11.620 -2.078  1.00 30.00 ? 131 LEU 3 CA 1 
ATOM 381 C CA . VAL C 3 132 ? 27.764  -12.011 -2.959  1.00 30.00 ? 132 VAL 3 CA 1 
ATOM 382 C CA . SER C 3 133 ? 26.561  -15.448 -3.907  1.00 30.00 ? 133 SER 3 CA 1 
ATOM 383 C CA . TYR C 3 134 ? 23.697  -17.443 -5.313  1.00 30.00 ? 134 TYR 3 CA 1 
ATOM 384 C CA . ALA C 3 135 ? 23.532  -21.200 -5.222  1.00 30.00 ? 135 ALA 3 CA 1 
ATOM 385 C CA . PRO C 3 136 ? 20.920  -23.093 -7.205  1.00 30.00 ? 136 PRO 3 CA 1 
ATOM 386 C CA . PRO C 3 137 ? 19.172  -25.800 -5.183  1.00 30.00 ? 137 PRO 3 CA 1 
ATOM 387 C CA . GLY C 3 138 ? 20.037  -29.457 -4.574  1.00 30.00 ? 138 GLY 3 CA 1 
ATOM 388 C CA . ALA C 3 139 ? 23.090  -29.376 -2.360  1.00 30.00 ? 139 ALA 3 CA 1 
ATOM 389 C CA . ASP C 3 140 ? 24.056  -28.406 1.195   1.00 30.00 ? 140 ASP 3 CA 1 
ATOM 390 C CA . PRO C 3 141 ? 23.338  -24.729 1.742   1.00 30.00 ? 141 PRO 3 CA 1 
ATOM 391 C CA . PRO C 3 142 ? 26.632  -22.809 1.757   1.00 30.00 ? 142 PRO 3 CA 1 
ATOM 392 C CA . LYS C 3 143 ? 28.190  -22.214 5.156   1.00 30.00 ? 143 LYS 3 CA 1 
ATOM 393 C CA . LYS C 3 144 ? 31.556  -21.109 3.947   1.00 30.00 ? 144 LYS 3 CA 1 
ATOM 394 C CA . ARG C 3 145 ? 33.001  -18.767 1.291   1.00 30.00 ? 145 ARG 3 CA 1 
ATOM 395 C CA . LYS C 3 146 ? 34.785  -21.735 -0.199  1.00 30.00 ? 146 LYS 3 CA 1 
ATOM 396 C CA . GLU C 3 147 ? 31.522  -23.294 -1.230  1.00 30.00 ? 147 GLU 3 CA 1 
ATOM 397 C CA . ALA C 3 148 ? 29.604  -20.110 -2.020  1.00 30.00 ? 148 ALA 3 CA 1 
ATOM 398 C CA . MET C 3 149 ? 32.473  -19.251 -4.392  1.00 30.00 ? 149 MET 3 CA 1 
ATOM 399 C CA . LEU C 3 150 ? 31.494  -22.229 -6.475  1.00 30.00 ? 150 LEU 3 CA 1 
ATOM 400 C CA . GLY C 3 151 ? 28.121  -20.897 -7.539  1.00 30.00 ? 151 GLY 3 CA 1 
ATOM 401 C CA . THR C 3 152 ? 26.894  -17.717 -9.222  1.00 30.00 ? 152 THR 3 CA 1 
ATOM 402 C CA . HIS C 3 153 ? 28.749  -14.827 -7.675  1.00 30.00 ? 153 HIS 3 CA 1 
ATOM 403 C CA . VAL C 3 154 ? 29.813  -11.254 -7.716  1.00 30.00 ? 154 VAL 3 CA 1 
ATOM 404 C CA . ILE C 3 155 ? 32.718  -9.476  -6.046  1.00 30.00 ? 155 ILE 3 CA 1 
ATOM 405 C CA . TRP C 3 156 ? 31.785  -6.149  -4.565  1.00 30.00 ? 156 TRP 3 CA 1 
ATOM 406 C CA . ASP C 3 157 ? 34.378  -3.457  -3.890  1.00 30.00 ? 157 ASP 3 CA 1 
ATOM 407 C CA . ILE C 3 158 ? 32.968  -1.275  -1.101  1.00 30.00 ? 158 ILE 3 CA 1 
ATOM 408 C CA . GLY C 3 159 ? 35.608  1.381   -1.394  1.00 30.00 ? 159 GLY 3 CA 1 
ATOM 409 C CA . LEU C 3 160 ? 35.157  1.907   -5.125  1.00 30.00 ? 160 LEU 3 CA 1 
ATOM 410 C CA . GLN C 3 161 ? 31.399  1.838   -5.201  1.00 30.00 ? 161 GLN 3 CA 1 
ATOM 411 C CA . SER C 3 162 ? 28.923  2.276   -2.410  1.00 30.00 ? 162 SER 3 CA 1 
ATOM 412 C CA . SER C 3 163 ? 26.244  0.053   -3.790  1.00 30.00 ? 163 SER 3 CA 1 
ATOM 413 C CA . CYS C 3 164 ? 26.136  -3.241  -5.624  1.00 30.00 ? 164 CYS 3 CA 1 
ATOM 414 C CA . THR C 3 165 ? 23.565  -5.124  -7.649  1.00 30.00 ? 165 THR 3 CA 1 
ATOM 415 C CA . MET C 3 166 ? 23.293  -8.839  -8.245  1.00 30.00 ? 166 MET 3 CA 1 
ATOM 416 C CA . VAL C 3 167 ? 20.762  -10.461 -10.524 1.00 30.00 ? 167 VAL 3 CA 1 
ATOM 417 C CA . VAL C 3 168 ? 19.543  -13.921 -9.511  1.00 30.00 ? 168 VAL 3 CA 1 
ATOM 418 C CA . PRO C 3 169 ? 18.656  -15.330 -12.943 1.00 30.00 ? 169 PRO 3 CA 1 
ATOM 419 C CA . TRP C 3 170 ? 15.610  -17.550 -13.352 1.00 30.00 ? 170 TRP 3 CA 1 
ATOM 420 C CA . ILE C 3 171 ? 16.779  -21.107 -13.055 1.00 30.00 ? 171 ILE 3 CA 1 
ATOM 421 C CA . SER C 3 172 ? 14.189  -23.716 -12.247 1.00 30.00 ? 172 SER 3 CA 1 
ATOM 422 C CA . ASN C 3 173 ? 13.132  -27.246 -13.203 1.00 30.00 ? 173 ASN 3 CA 1 
ATOM 423 C CA . THR C 3 174 ? 9.474   -26.313 -13.157 1.00 30.00 ? 174 THR 3 CA 1 
ATOM 424 C CA . THR C 3 175 ? 7.991   -23.605 -15.413 1.00 30.00 ? 175 THR 3 CA 1 
ATOM 425 C CA . TYR C 3 176 ? 6.740   -21.806 -12.387 1.00 30.00 ? 176 TYR 3 CA 1 
ATOM 426 C CA . ARG C 3 177 ? 7.419   -21.997 -8.643  1.00 30.00 ? 177 ARG 3 CA 1 
ATOM 427 C CA . GLN C 3 178 ? 4.804   -21.941 -5.870  1.00 30.00 ? 178 GLN 3 CA 1 
ATOM 428 C CA . THR C 3 179 ? 4.366   -18.962 -3.515  1.00 30.00 ? 179 THR 3 CA 1 
ATOM 429 C CA . ILE C 3 180 ? 4.772   -21.242 -0.488  1.00 30.00 ? 180 ILE 3 CA 1 
ATOM 430 C CA . ASP C 3 181 ? 7.662   -23.164 1.138   1.00 30.00 ? 181 ASP 3 CA 1 
ATOM 431 C CA . ASP C 3 182 ? 7.797   -26.361 -0.826  1.00 30.00 ? 182 ASP 3 CA 1 
ATOM 432 C CA . SER C 3 183 ? 10.812  -28.625 -1.505  1.00 30.00 ? 183 SER 3 CA 1 
ATOM 433 C CA . PHE C 3 184 ? 9.542   -29.580 -4.899  1.00 30.00 ? 184 PHE 3 CA 1 
ATOM 434 C CA . THR C 3 185 ? 9.829   -25.994 -6.144  1.00 30.00 ? 185 THR 3 CA 1 
ATOM 435 C CA . GLU C 3 186 ? 12.737  -24.717 -4.019  1.00 30.00 ? 186 GLU 3 CA 1 
ATOM 436 C CA . GLY C 3 187 ? 14.867  -21.867 -5.393  1.00 30.00 ? 187 GLY 3 CA 1 
ATOM 437 C CA . GLY C 3 188 ? 18.264  -22.053 -3.700  1.00 30.00 ? 188 GLY 3 CA 1 
ATOM 438 C CA . TYR C 3 189 ? 20.487  -19.935 -1.524  1.00 30.00 ? 189 TYR 3 CA 1 
ATOM 439 C CA . ILE C 3 190 ? 21.652  -16.355 -1.338  1.00 30.00 ? 190 ILE 3 CA 1 
ATOM 440 C CA . SER C 3 191 ? 24.605  -15.668 0.895   1.00 30.00 ? 191 SER 3 CA 1 
ATOM 441 C CA . VAL C 3 192 ? 27.114  -12.869 1.525   1.00 30.00 ? 192 VAL 3 CA 1 
ATOM 442 C CA . PHE C 3 193 ? 30.779  -12.956 2.537   1.00 30.00 ? 193 PHE 3 CA 1 
ATOM 443 C CA . TYR C 3 194 ? 33.967  -11.057 3.276   1.00 30.00 ? 194 TYR 3 CA 1 
ATOM 444 C CA . GLN C 3 195 ? 36.257  -11.401 0.253   1.00 30.00 ? 195 GLN 3 CA 1 
ATOM 445 C CA . THR C 3 196 ? 39.147  -9.549  1.881   1.00 30.00 ? 196 THR 3 CA 1 
ATOM 446 C CA . ARG C 3 197 ? 37.956  -7.594  4.983   1.00 30.00 ? 197 ARG 3 CA 1 
ATOM 447 C CA . ILE C 3 198 ? 36.642  -4.174  5.969   1.00 30.00 ? 198 ILE 3 CA 1 
ATOM 448 C CA . VAL C 3 199 ? 39.523  -1.831  6.584   1.00 30.00 ? 199 VAL 3 CA 1 
ATOM 449 C CA . VAL C 3 200 ? 39.426  1.553   8.271   1.00 30.00 ? 200 VAL 3 CA 1 
ATOM 450 C CA . PRO C 3 201 ? 42.004  4.114   9.366   1.00 30.00 ? 201 PRO 3 CA 1 
ATOM 451 C CA . LEU C 3 202 ? 42.298  5.567   12.885  1.00 30.00 ? 202 LEU 3 CA 1 
ATOM 452 C CA . SER C 3 203 ? 39.725  8.139   14.085  1.00 30.00 ? 203 SER 3 CA 1 
ATOM 453 C CA . THR C 3 204 ? 37.038  6.338   12.191  1.00 30.00 ? 204 THR 3 CA 1 
ATOM 454 C CA . PRO C 3 205 ? 34.160  3.980   12.971  1.00 30.00 ? 205 PRO 3 CA 1 
ATOM 455 C CA . ARG C 3 206 ? 35.018  0.274   13.006  1.00 30.00 ? 206 ARG 3 CA 1 
ATOM 456 C CA . GLU C 3 207 ? 31.478  -0.868  12.614  1.00 30.00 ? 207 GLU 3 CA 1 
ATOM 457 C CA . MET C 3 208 ? 29.030  0.030   9.943   1.00 30.00 ? 208 MET 3 CA 1 
ATOM 458 C CA . ASP C 3 209 ? 25.777  -0.959  8.325   1.00 30.00 ? 209 ASP 3 CA 1 
ATOM 459 C CA . ILE C 3 210 ? 24.714  -2.294  5.020   1.00 30.00 ? 210 ILE 3 CA 1 
ATOM 460 C CA . LEU C 3 211 ? 21.195  -2.053  3.712   1.00 30.00 ? 211 LEU 3 CA 1 
ATOM 461 C CA . GLY C 3 212 ? 19.823  -4.515  1.224   1.00 30.00 ? 212 GLY 3 CA 1 
ATOM 462 C CA . PHE C 3 213 ? 17.058  -4.413  -1.329  1.00 30.00 ? 213 PHE 3 CA 1 
ATOM 463 C CA . VAL C 3 214 ? 15.009  -6.712  -3.549  1.00 30.00 ? 214 VAL 3 CA 1 
ATOM 464 C CA . SER C 3 215 ? 12.810  -6.429  -6.596  1.00 30.00 ? 215 SER 3 CA 1 
ATOM 465 C CA . ALA C 3 216 ? 11.570  -8.288  -9.640  1.00 30.00 ? 216 ALA 3 CA 1 
ATOM 466 C CA . CYS C 3 217 ? 13.205  -8.070  -13.058 1.00 30.00 ? 217 CYS 3 CA 1 
ATOM 467 C CA . ASN C 3 218 ? 11.106  -7.356  -16.209 1.00 30.00 ? 218 ASN 3 CA 1 
ATOM 468 C CA . ASP C 3 219 ? 11.101  -11.012 -17.186 1.00 30.00 ? 219 ASP 3 CA 1 
ATOM 469 C CA . PHE C 3 220 ? 8.921   -11.695 -14.145 1.00 30.00 ? 220 PHE 3 CA 1 
ATOM 470 C CA . SER C 3 221 ? 5.361   -12.838 -13.830 1.00 30.00 ? 221 SER 3 CA 1 
ATOM 471 C CA . VAL C 3 222 ? 2.789   -14.417 -11.601 1.00 30.00 ? 222 VAL 3 CA 1 
ATOM 472 C CA . ARG C 3 223 ? -0.343  -16.517 -11.844 1.00 30.00 ? 223 ARG 3 CA 1 
ATOM 473 C CA . LEU C 3 224 ? -3.531  -17.813 -10.238 1.00 30.00 ? 224 LEU 3 CA 1 
ATOM 474 C CA . LEU C 3 225 ? -4.934  -14.981 -8.176  1.00 30.00 ? 225 LEU 3 CA 1 
ATOM 475 C CA . ARG C 3 226 ? -5.648  -15.841 -4.560  1.00 30.00 ? 226 ARG 3 CA 1 
ATOM 476 C CA . ASP C 3 227 ? -6.354  -14.469 -1.136  1.00 30.00 ? 227 ASP 3 CA 1 
ATOM 477 C CA . THR C 3 228 ? -3.483  -13.615 1.146   1.00 30.00 ? 228 THR 3 CA 1 
ATOM 478 C CA . THR C 3 229 ? -2.635  -14.676 4.687   1.00 30.00 ? 229 THR 3 CA 1 
ATOM 479 C CA . HIS C 3 230 ? -0.884  -11.390 5.356   1.00 30.00 ? 230 HIS 3 CA 1 
ATOM 480 C CA . ILE C 3 231 ? -4.022  -9.794  6.764   1.00 30.00 ? 231 ILE 3 CA 1 
ATOM 481 C CA . ALA D 4 1   ? 21.348  16.458  -14.381 1.00 30.00 ? 97  ALA 4 CA 1 
ATOM 482 C CA . ALA D 4 2   ? 21.997  12.745  -15.085 1.00 30.00 ? 98  ALA 4 CA 1 
ATOM 483 C CA . ASN D 4 3   ? 20.997  13.070  -11.419 1.00 30.00 ? 99  ASN 4 CA 1 
ATOM 484 C CA . SER D 4 4   ? 17.436  14.072  -12.276 1.00 30.00 ? 100 SER 4 CA 1 
ATOM 485 C CA . VAL D 4 5   ? 14.309  11.998  -12.606 1.00 30.00 ? 101 VAL 4 CA 1 
ATOM 486 C CA . VAL D 4 6   ? 10.887  12.419  -14.152 1.00 30.00 ? 102 VAL 4 CA 1 
ATOM 487 C CA . ALA D 4 7   ? 8.407   10.449  -12.071 1.00 30.00 ? 103 ALA 4 CA 1 
ATOM 488 C CA . TYR D 4 8   ? 6.632   7.653   -13.913 1.00 30.00 ? 104 TYR 4 CA 1 
ATOM 489 C CA . GLY D 4 9   ? 8.234   8.994   -17.080 1.00 30.00 ? 105 GLY 4 CA 1 
ATOM 490 C CA . ARG D 4 10  ? 5.617   11.733  -16.966 1.00 30.00 ? 106 ARG 4 CA 1 
ATOM 491 C CA . TRP D 4 11  ? 6.153   15.401  -17.204 1.00 30.00 ? 107 TRP 4 CA 1 
ATOM 492 C CA . PRO D 4 12  ? 3.846   17.890  -15.441 1.00 30.00 ? 108 PRO 4 CA 1 
ATOM 493 C CA . GLU D 4 13  ? 0.912   19.130  -17.501 1.00 30.00 ? 109 GLU 4 CA 1 
ATOM 494 C CA . TYR D 4 14  ? -2.139  21.436  -17.419 1.00 30.00 ? 110 TYR 4 CA 1 
ATOM 495 C CA . LEU D 4 15  ? -5.545  20.067  -16.530 1.00 30.00 ? 111 LEU 4 CA 1 
ATOM 496 C CA . ARG D 4 16  ? -6.543  19.827  -20.074 1.00 30.00 ? 112 ARG 4 CA 1 
ATOM 497 C CA . ASP D 4 30  ? -9.195  19.317  -22.529 1.00 30.00 ? 113 ASP 4 CA 1 
ATOM 498 C CA . VAL D 4 31  ? 1.558   31.849  -13.124 1.00 30.00 ? 127 VAL 4 CA 1 
ATOM 499 C CA . ALA D 4 32  ? 4.412   33.279  -10.967 1.00 30.00 ? 128 ALA 4 CA 1 
ATOM 500 C CA . ALA D 4 33  ? 3.012   32.177  -7.622  1.00 30.00 ? 129 ALA 4 CA 1 
ATOM 501 C CA . CYS D 4 34  ? 4.236   28.848  -8.948  1.00 30.00 ? 130 CYS 4 CA 1 
ATOM 502 C CA . ARG D 4 35  ? 7.995   29.306  -8.649  1.00 30.00 ? 131 ARG 4 CA 1 
ATOM 503 C CA . PHE D 4 36  ? 10.987  28.047  -6.629  1.00 30.00 ? 132 PHE 4 CA 1 
ATOM 504 C CA . TYR D 4 37  ? 10.633  28.196  -2.896  1.00 30.00 ? 133 TYR 4 CA 1 
ATOM 505 C CA . THR D 4 38  ? 13.560  27.246  -0.657  1.00 30.00 ? 134 THR 4 CA 1 
ATOM 506 C CA . LEU D 4 39  ? 12.573  25.660  2.643   1.00 30.00 ? 135 LEU 4 CA 1 
ATOM 507 C CA . ASP D 4 40  ? 14.310  25.748  5.987   1.00 30.00 ? 136 ASP 4 CA 1 
ATOM 508 C CA . THR D 4 41  ? 17.594  23.954  5.838   1.00 30.00 ? 137 THR 4 CA 1 
ATOM 509 C CA . VAL D 4 42  ? 18.032  20.789  7.853   1.00 30.00 ? 138 VAL 4 CA 1 
ATOM 510 C CA . SER D 4 43  ? 21.145  19.123  9.284   1.00 30.00 ? 139 SER 4 CA 1 
ATOM 511 C CA . TRP D 4 44  ? 22.453  15.675  8.469   1.00 30.00 ? 140 TRP 4 CA 1 
ATOM 512 C CA . THR D 4 45  ? 24.461  14.036  11.199  1.00 30.00 ? 141 THR 4 CA 1 
ATOM 513 C CA . LYS D 4 46  ? 26.069  10.692  12.001  1.00 30.00 ? 142 LYS 4 CA 1 
ATOM 514 C CA . GLU D 4 47  ? 22.843  9.894   13.822  1.00 30.00 ? 143 GLU 4 CA 1 
ATOM 515 C CA . SER D 4 48  ? 19.997  11.239  11.694  1.00 30.00 ? 144 SER 4 CA 1 
ATOM 516 C CA . ARG D 4 49  ? 17.405  8.578   10.805  1.00 30.00 ? 145 ARG 4 CA 1 
ATOM 517 C CA . GLY D 4 50  ? 15.658  10.548  8.071   1.00 30.00 ? 146 GLY 4 CA 1 
ATOM 518 C CA . TRP D 4 51  ? 13.248  13.333  7.123   1.00 30.00 ? 147 TRP 4 CA 1 
ATOM 519 C CA . TRP D 4 52  ? 9.811   13.677  5.524   1.00 30.00 ? 148 TRP 4 CA 1 
ATOM 520 C CA . TRP D 4 53  ? 7.600   16.322  4.034   1.00 30.00 ? 149 TRP 4 CA 1 
ATOM 521 C CA . LYS D 4 54  ? 4.260   16.473  2.237   1.00 30.00 ? 150 LYS 4 CA 1 
ATOM 522 C CA . LEU D 4 55  ? 3.030   18.349  -0.828  1.00 30.00 ? 151 LEU 4 CA 1 
ATOM 523 C CA . PRO D 4 56  ? 1.252   20.711  -1.033  1.00 30.00 ? 152 PRO 4 CA 1 
ATOM 524 C CA . ASP D 4 57  ? 1.525   21.051  2.747   1.00 30.00 ? 153 ASP 4 CA 1 
ATOM 525 C CA . ALA D 4 58  ? 5.216   22.039  2.941   1.00 30.00 ? 154 ALA 4 CA 1 
ATOM 526 C CA . LEU D 4 59  ? 4.466   24.953  0.648   1.00 30.00 ? 155 LEU 4 CA 1 
ATOM 527 C CA . ARG D 4 60  ? 1.312   26.199  2.373   1.00 30.00 ? 156 ARG 4 CA 1 
ATOM 528 C CA . ASP D 4 61  ? 2.954   29.431  3.543   1.00 30.00 ? 157 ASP 4 CA 1 
ATOM 529 C CA . MET D 4 62  ? 5.012   30.210  0.489   1.00 30.00 ? 158 MET 4 CA 1 
ATOM 530 C CA . GLY D 4 63  ? 4.057   33.629  -0.822  1.00 30.00 ? 159 GLY 4 CA 1 
ATOM 531 C CA . LEU D 4 64  ? 1.306   33.850  -3.424  1.00 30.00 ? 160 LEU 4 CA 1 
ATOM 532 C CA . PHE D 4 65  ? 1.241   30.087  -3.882  1.00 30.00 ? 161 PHE 4 CA 1 
ATOM 533 C CA . GLY D 4 66  ? -0.005  29.555  -0.372  1.00 30.00 ? 162 GLY 4 CA 1 
ATOM 534 C CA . GLN D 4 67  ? -2.552  32.348  -0.746  1.00 30.00 ? 163 GLN 4 CA 1 
ATOM 535 C CA . ASN D 4 68  ? -3.905  30.872  -3.924  1.00 30.00 ? 164 ASN 4 CA 1 
ATOM 536 C CA . MET D 4 69  ? -4.192  27.533  -2.220  1.00 30.00 ? 165 MET 4 CA 1 
ATOM 537 C CA . TYR D 4 70  ? -6.336  28.803  0.628   1.00 30.00 ? 166 TYR 4 CA 1 
ATOM 538 C CA . TYR D 4 71  ? -8.552  31.144  -1.460  1.00 30.00 ? 167 TYR 4 CA 1 
ATOM 539 C CA . HIS D 4 72  ? -9.690  28.272  -3.688  1.00 30.00 ? 168 HIS 4 CA 1 
ATOM 540 C CA . TYR D 4 73  ? -11.759 25.124  -3.162  1.00 30.00 ? 169 TYR 4 CA 1 
ATOM 541 C CA . LEU D 4 74  ? -9.760  23.228  -5.703  1.00 30.00 ? 170 LEU 4 CA 1 
ATOM 542 C CA . GLY D 4 75  ? -6.208  23.264  -6.881  1.00 30.00 ? 171 GLY 4 CA 1 
ATOM 543 C CA . ARG D 4 76  ? -3.763  21.101  -8.780  1.00 30.00 ? 172 ARG 4 CA 1 
ATOM 544 C CA . SER D 4 77  ? -0.073  21.199  -9.291  1.00 30.00 ? 173 SER 4 CA 1 
ATOM 545 C CA . GLY D 4 78  ? 2.976   19.260  -10.201 1.00 30.00 ? 174 GLY 4 CA 1 
ATOM 546 C CA . TYR D 4 79  ? 6.422   19.830  -8.643  1.00 30.00 ? 175 TYR 4 CA 1 
ATOM 547 C CA . THR D 4 80  ? 10.130  20.130  -9.198  1.00 30.00 ? 176 THR 4 CA 1 
ATOM 548 C CA . VAL D 4 81  ? 11.948  18.952  -6.088  1.00 30.00 ? 177 VAL 4 CA 1 
ATOM 549 C CA . HIS D 4 82  ? 15.588  19.951  -5.886  1.00 30.00 ? 178 HIS 4 CA 1 
ATOM 550 C CA . VAL D 4 83  ? 17.518  18.377  -2.972  1.00 30.00 ? 179 VAL 4 CA 1 
ATOM 551 C CA . GLN D 4 84  ? 20.847  20.113  -2.233  1.00 30.00 ? 180 GLN 4 CA 1 
ATOM 552 C CA . CYS D 4 85  ? 23.587  18.519  -0.136  1.00 30.00 ? 181 CYS 4 CA 1 
ATOM 553 C CA . ASN D 4 86  ? 27.313  19.047  -0.552  1.00 30.00 ? 182 ASN 4 CA 1 
ATOM 554 C CA . ALA D 4 87  ? 30.371  17.715  1.237   1.00 30.00 ? 183 ALA 4 CA 1 
ATOM 555 C CA . SER D 4 88  ? 34.151  17.220  0.641   1.00 30.00 ? 184 SER 4 CA 1 
ATOM 556 C CA . LYS D 4 89  ? 36.066  14.498  -1.241  1.00 30.00 ? 185 LYS 4 CA 1 
ATOM 557 C CA . PHE D 4 90  ? 36.956  13.127  2.160   1.00 30.00 ? 186 PHE 4 CA 1 
ATOM 558 C CA . HIS D 4 91  ? 33.379  12.890  3.372   1.00 30.00 ? 187 HIS 4 CA 1 
ATOM 559 C CA . GLN D 4 92  ? 31.177  9.879   2.680   1.00 30.00 ? 188 GLN 4 CA 1 
ATOM 560 C CA . GLY D 4 93  ? 27.556  8.844   2.789   1.00 30.00 ? 189 GLY 4 CA 1 
ATOM 561 C CA . ALA D 4 94  ? 24.453  8.268   0.720   1.00 30.00 ? 190 ALA 4 CA 1 
ATOM 562 C CA . LEU D 4 95  ? 21.022  9.798   0.746   1.00 30.00 ? 191 LEU 4 CA 1 
ATOM 563 C CA . GLY D 4 96  ? 17.970  8.041   -0.630  1.00 30.00 ? 192 GLY 4 CA 1 
ATOM 564 C CA . VAL D 4 97  ? 15.472  10.616  -1.940  1.00 30.00 ? 193 VAL 4 CA 1 
ATOM 565 C CA . PHE D 4 98  ? 12.029  9.114   -2.380  1.00 30.00 ? 194 PHE 4 CA 1 
ATOM 566 C CA . ALA D 4 99  ? 8.885   10.639  -3.899  1.00 30.00 ? 195 ALA 4 CA 1 
ATOM 567 C CA . VAL D 4 100 ? 5.847   8.686   -2.657  1.00 30.00 ? 196 VAL 4 CA 1 
ATOM 568 C CA . PRO D 4 101 ? 2.310   9.069   -4.096  1.00 30.00 ? 197 PRO 4 CA 1 
ATOM 569 C CA . GLU D 4 102 ? -0.400  9.003   -1.350  1.00 30.00 ? 198 GLU 4 CA 1 
ATOM 570 C CA . MET D 4 103 ? 2.239   8.592   1.346   1.00 30.00 ? 199 MET 4 CA 1 
ATOM 571 C CA . CYS D 4 104 ? 0.070   7.509   4.228   1.00 30.00 ? 200 CYS 4 CA 1 
ATOM 572 C CA . LEU D 4 105 ? 2.141   7.160   7.372   1.00 30.00 ? 201 LEU 4 CA 1 
ATOM 573 C CA . ALA D 4 106 ? 1.594   5.038   10.483  1.00 30.00 ? 202 ALA 4 CA 1 
ATOM 574 C CA . GLY D 4 107 ? 0.415   6.459   13.804  1.00 30.00 ? 203 GLY 4 CA 1 
ATOM 575 C CA . ASP D 4 108 ? 1.688   6.481   17.417  1.00 30.00 ? 204 ASP 4 CA 1 
ATOM 576 C CA . SER D 4 109 ? -1.167  4.468   18.917  1.00 30.00 ? 205 SER 4 CA 1 
ATOM 577 C CA . ASN D 4 110 ? -1.698  0.825   19.634  1.00 30.00 ? 206 ASN 4 CA 1 
ATOM 578 C CA . THR D 4 111 ? -5.120  1.135   21.207  1.00 30.00 ? 207 THR 4 CA 1 
ATOM 579 C CA . THR D 4 112 ? -6.819  2.984   18.336  1.00 30.00 ? 208 THR 4 CA 1 
ATOM 580 C CA . THR D 4 113 ? -6.132  3.333   14.574  1.00 30.00 ? 209 THR 4 CA 1 
ATOM 581 C CA . MET D 4 114 ? -6.151  6.002   11.812  1.00 30.00 ? 210 MET 4 CA 1 
ATOM 582 C CA . HIS D 4 115 ? -6.155  8.670   14.476  1.00 30.00 ? 211 HIS 4 CA 1 
ATOM 583 C CA . THR D 4 116 ? -3.337  11.144  13.723  1.00 30.00 ? 212 THR 4 CA 1 
ATOM 584 C CA . SER D 4 117 ? -4.655  14.691  13.979  1.00 30.00 ? 213 SER 4 CA 1 
ATOM 585 C CA . TYR D 4 118 ? -4.809  17.038  10.955  1.00 30.00 ? 214 TYR 4 CA 1 
ATOM 586 C CA . GLN D 4 119 ? -2.392  19.321  12.780  1.00 30.00 ? 215 GLN 4 CA 1 
ATOM 587 C CA . ASN D 4 120 ? 0.152   16.623  13.330  1.00 30.00 ? 216 ASN 4 CA 1 
ATOM 588 C CA . ALA D 4 121 ? -0.220  15.063  9.939   1.00 30.00 ? 217 ALA 4 CA 1 
ATOM 589 C CA . ASN D 4 122 ? 0.512   18.394  8.343   1.00 30.00 ? 218 ASN 4 CA 1 
ATOM 590 C CA . PRO D 4 123 ? 3.809   19.831  9.625   1.00 30.00 ? 219 PRO 4 CA 1 
ATOM 591 C CA . GLY D 4 124 ? 4.140   22.454  6.969   1.00 30.00 ? 220 GLY 4 CA 1 
ATOM 592 C CA . GLU D 4 125 ? 7.649   23.493  5.794   1.00 30.00 ? 221 GLU 4 CA 1 
ATOM 593 C CA . LYS D 4 126 ? 9.071   22.512  9.128   1.00 30.00 ? 222 LYS 4 CA 1 
ATOM 594 C CA . GLY D 4 127 ? 9.234   18.953  8.177   1.00 30.00 ? 223 GLY 4 CA 1 
ATOM 595 C CA . GLY D 4 128 ? 8.518   15.876  10.173  1.00 30.00 ? 224 GLY 4 CA 1 
ATOM 596 C CA . THR D 4 129 ? 11.122  13.151  10.887  1.00 30.00 ? 225 THR 4 CA 1 
ATOM 597 C CA . PHE D 4 130 ? 11.773  9.369   10.856  1.00 30.00 ? 226 PHE 4 CA 1 
ATOM 598 C CA . THR D 4 131 ? 12.637  7.119   13.830  1.00 30.00 ? 227 THR 4 CA 1 
ATOM 599 C CA . GLY D 4 132 ? 14.627  3.911   14.414  1.00 30.00 ? 228 GLY 4 CA 1 
ATOM 600 C CA . THR D 4 133 ? 12.007  2.394   16.761  1.00 30.00 ? 229 THR 4 CA 1 
ATOM 601 C CA . PHE D 4 134 ? 8.301   2.223   17.387  1.00 30.00 ? 230 PHE 4 CA 1 
ATOM 602 C CA . THR D 4 135 ? 7.190   3.948   20.569  1.00 30.00 ? 231 THR 4 CA 1 
ATOM 603 C CA . PRO D 4 136 ? 3.469   3.464   21.254  1.00 30.00 ? 232 PRO 4 CA 1 
ATOM 604 C CA . ASP D 4 137 ? 1.719   6.549   22.699  1.00 30.00 ? 233 ASP 4 CA 1 
ATOM 605 C CA . ASN D 4 138 ? 0.507   5.001   25.921  1.00 30.00 ? 234 ASN 4 CA 1 
ATOM 606 C CA . ASN D 4 139 ? -1.186  8.149   27.270  1.00 30.00 ? 235 ASN 4 CA 1 
ATOM 607 C CA . GLN D 4 140 ? -4.744  6.851   27.046  1.00 30.00 ? 236 GLN 4 CA 1 
ATOM 608 C CA . THR D 4 141 ? -6.624  9.804   28.499  1.00 30.00 ? 237 THR 4 CA 1 
ATOM 609 C CA . SER D 4 142 ? -4.857  12.590  26.607  1.00 30.00 ? 238 SER 4 CA 1 
ATOM 610 C CA . PRO D 4 143 ? -3.570  11.151  23.298  1.00 30.00 ? 239 PRO 4 CA 1 
ATOM 611 C CA . ALA D 4 144 ? -0.575  12.549  21.353  1.00 30.00 ? 240 ALA 4 CA 1 
ATOM 612 C CA . ARG D 4 145 ? -2.452  11.761  18.180  1.00 30.00 ? 241 ARG 4 CA 1 
ATOM 613 C CA . ARG D 4 146 ? 0.545   11.748  15.934  1.00 30.00 ? 242 ARG 4 CA 1 
ATOM 614 C CA . PHE D 4 147 ? 2.663   9.664   13.538  1.00 30.00 ? 243 PHE 4 CA 1 
ATOM 615 C CA . CYS D 4 148 ? 5.397   7.273   14.542  1.00 30.00 ? 244 CYS 4 CA 1 
ATOM 616 C CA . PRO D 4 149 ? 7.380   6.598   11.356  1.00 30.00 ? 245 PRO 4 CA 1 
ATOM 617 C CA . VAL D 4 150 ? 9.899   3.727   11.620  1.00 30.00 ? 246 VAL 4 CA 1 
ATOM 618 C CA . ASP D 4 151 ? 12.748  4.148   9.128   1.00 30.00 ? 247 ASP 4 CA 1 
ATOM 619 C CA . TYR D 4 152 ? 13.306  0.545   7.941   1.00 30.00 ? 248 TYR 4 CA 1 
ATOM 620 C CA . LEU D 4 153 ? 9.547   0.263   7.400   1.00 30.00 ? 249 LEU 4 CA 1 
ATOM 621 C CA . LEU D 4 154 ? 9.239   3.526   5.436   1.00 30.00 ? 250 LEU 4 CA 1 
ATOM 622 C CA . GLY D 4 155 ? 6.926   4.689   8.201   1.00 30.00 ? 251 GLY 4 CA 1 
ATOM 623 C CA . ASN D 4 156 ? 4.163   2.668   6.502   1.00 30.00 ? 252 ASN 4 CA 1 
ATOM 624 C CA . GLY D 4 157 ? 4.575   -1.059  7.132   1.00 30.00 ? 253 GLY 4 CA 1 
ATOM 625 C CA . THR D 4 158 ? 6.660   -1.817  4.065   1.00 30.00 ? 254 THR 4 CA 1 
ATOM 626 C CA . LEU D 4 159 ? 10.423  -2.491  3.849   1.00 30.00 ? 255 LEU 4 CA 1 
ATOM 627 C CA . LEU D 4 160 ? 12.666  0.487   3.058   1.00 30.00 ? 256 LEU 4 CA 1 
ATOM 628 C CA . GLY D 4 161 ? 14.816  -1.626  0.754   1.00 30.00 ? 257 GLY 4 CA 1 
ATOM 629 C CA . ASN D 4 162 ? 11.880  -1.768  -1.625  1.00 30.00 ? 258 ASN 4 CA 1 
ATOM 630 C CA . ALA D 4 163 ? 11.113  1.980   -1.530  1.00 30.00 ? 259 ALA 4 CA 1 
ATOM 631 C CA . PHE D 4 164 ? 12.907  2.199   -4.849  1.00 30.00 ? 260 PHE 4 CA 1 
ATOM 632 C CA . VAL D 4 165 ? 9.800   1.009   -6.722  1.00 30.00 ? 261 VAL 4 CA 1 
ATOM 633 C CA . PHE D 4 166 ? 8.758   4.635   -6.080  1.00 30.00 ? 262 PHE 4 CA 1 
ATOM 634 C CA . PRO D 4 167 ? 10.017  7.626   -8.155  1.00 30.00 ? 263 PRO 4 CA 1 
ATOM 635 C CA . HIS D 4 168 ? 13.387  8.312   -6.610  1.00 30.00 ? 264 HIS 4 CA 1 
ATOM 636 C CA . GLN D 4 169 ? 16.953  9.452   -6.760  1.00 30.00 ? 265 GLN 4 CA 1 
ATOM 637 C CA . ILE D 4 170 ? 20.182  8.841   -4.820  1.00 30.00 ? 266 ILE 4 CA 1 
ATOM 638 C CA . ILE D 4 171 ? 22.679  11.373  -3.553  1.00 30.00 ? 267 ILE 4 CA 1 
ATOM 639 C CA . ASN D 4 172 ? 25.990  9.638   -3.248  1.00 30.00 ? 268 ASN 4 CA 1 
ATOM 640 C CA . LEU D 4 173 ? 28.407  12.075  -1.629  1.00 30.00 ? 269 LEU 4 CA 1 
ATOM 641 C CA . ARG D 4 174 ? 31.237  10.502  -3.623  1.00 30.00 ? 270 ARG 4 CA 1 
ATOM 642 C CA . THR D 4 175 ? 29.699  11.241  -7.015  1.00 30.00 ? 271 THR 4 CA 1 
ATOM 643 C CA . ASN D 4 176 ? 27.058  13.970  -6.677  1.00 30.00 ? 272 ASN 4 CA 1 
ATOM 644 C CA . ASN D 4 177 ? 25.873  16.764  -4.409  1.00 30.00 ? 273 ASN 4 CA 1 
ATOM 645 C CA . CYS D 4 178 ? 22.282  17.226  -5.504  1.00 30.00 ? 274 CYS 4 CA 1 
ATOM 646 C CA . ALA D 4 179 ? 19.165  15.517  -6.788  1.00 30.00 ? 275 ALA 4 CA 1 
ATOM 647 C CA . THR D 4 180 ? 16.268  16.727  -8.908  1.00 30.00 ? 276 THR 4 CA 1 
ATOM 648 C CA . LEU D 4 181 ? 12.888  15.081  -9.034  1.00 30.00 ? 277 LEU 4 CA 1 
ATOM 649 C CA . VAL D 4 182 ? 10.258  16.221  -11.525 1.00 30.00 ? 278 VAL 4 CA 1 
ATOM 650 C CA . LEU D 4 183 ? 6.864   15.212  -10.161 1.00 30.00 ? 279 LEU 4 CA 1 
ATOM 651 C CA . PRO D 4 184 ? 3.586   15.070  -12.122 1.00 30.00 ? 280 PRO 4 CA 1 
ATOM 652 C CA . TYR D 4 185 ? 0.143   15.631  -10.542 1.00 30.00 ? 281 TYR 4 CA 1 
ATOM 653 C CA . VAL D 4 186 ? -0.850  12.149  -9.432  1.00 30.00 ? 282 VAL 4 CA 1 
ATOM 654 C CA . ASN D 4 187 ? -4.316  11.337  -8.163  1.00 30.00 ? 283 ASN 4 CA 1 
ATOM 655 C CA . SER D 4 188 ? -7.580  9.383   -8.536  1.00 30.00 ? 284 SER 4 CA 1 
ATOM 656 C CA . LEU D 4 189 ? -9.101  12.725  -9.663  1.00 30.00 ? 285 LEU 4 CA 1 
ATOM 657 C CA . SER D 4 190 ? -8.256  15.489  -12.186 1.00 30.00 ? 286 SER 4 CA 1 
ATOM 658 C CA . ILE D 4 191 ? -8.295  18.071  -9.434  1.00 30.00 ? 287 ILE 4 CA 1 
ATOM 659 C CA . ASP D 4 192 ? -8.885  18.033  -5.673  1.00 30.00 ? 288 ASP 4 CA 1 
ATOM 660 C CA . SER D 4 193 ? -8.794  19.924  -2.365  1.00 30.00 ? 289 SER 4 CA 1 
ATOM 661 C CA . MET D 4 194 ? -5.226  20.991  -1.616  1.00 30.00 ? 290 MET 4 CA 1 
ATOM 662 C CA . VAL D 4 195 ? -6.164  21.688  1.993   1.00 30.00 ? 291 VAL 4 CA 1 
ATOM 663 C CA . LYS D 4 196 ? -7.735  18.314  2.794   1.00 30.00 ? 292 LYS 4 CA 1 
ATOM 664 C CA . HIS D 4 197 ? -5.434  16.161  0.748   1.00 30.00 ? 293 HIS 4 CA 1 
ATOM 665 C CA . ASN D 4 198 ? -1.724  15.771  0.216   1.00 30.00 ? 294 ASN 4 CA 1 
ATOM 666 C CA . ASN D 4 199 ? -0.708  14.233  -3.119  1.00 30.00 ? 295 ASN 4 CA 1 
ATOM 667 C CA . TRP D 4 200 ? 2.972   13.519  -2.831  1.00 30.00 ? 296 TRP 4 CA 1 
ATOM 668 C CA . GLY D 4 201 ? 5.280   12.672  0.040   1.00 30.00 ? 297 GLY 4 CA 1 
ATOM 669 C CA . ILE D 4 202 ? 9.016   13.451  0.039   1.00 30.00 ? 298 ILE 4 CA 1 
ATOM 670 C CA . ALA D 4 203 ? 11.086  10.996  2.040   1.00 30.00 ? 299 ALA 4 CA 1 
ATOM 671 C CA . ILE D 4 204 ? 14.814  11.413  2.590   1.00 30.00 ? 300 ILE 4 CA 1 
ATOM 672 C CA . LEU D 4 205 ? 16.717  8.638   4.284   1.00 30.00 ? 301 LEU 4 CA 1 
ATOM 673 C CA . PRO D 4 206 ? 20.397  7.867   4.927   1.00 30.00 ? 302 PRO 4 CA 1 
ATOM 674 C CA . LEU D 4 207 ? 21.003  4.711   2.877   1.00 30.00 ? 303 LEU 4 CA 1 
ATOM 675 C CA . ALA D 4 208 ? 24.594  4.978   3.946   1.00 30.00 ? 304 ALA 4 CA 1 
ATOM 676 C CA . PRO D 4 209 ? 25.542  6.935   7.108   1.00 30.00 ? 305 PRO 4 CA 1 
ATOM 677 C CA . LEU D 4 210 ? 27.414  10.236  7.073   1.00 30.00 ? 306 LEU 4 CA 1 
ATOM 678 C CA . ASN D 4 211 ? 31.063  9.959   7.733   1.00 30.00 ? 307 ASN 4 CA 1 
ATOM 679 C CA . PHE D 4 212 ? 34.003  12.253  7.692   1.00 30.00 ? 308 PHE 4 CA 1 
ATOM 680 C CA . ALA D 4 213 ? 37.786  11.972  7.749   1.00 30.00 ? 309 ALA 4 CA 1 
ATOM 681 C CA . SER D 4 214 ? 37.893  10.914  11.342  1.00 30.00 ? 310 SER 4 CA 1 
ATOM 682 C CA . GLU D 4 215 ? 35.633  13.262  13.367  1.00 30.00 ? 311 GLU 4 CA 1 
ATOM 683 C CA . SER D 4 216 ? 33.563  11.277  15.847  1.00 30.00 ? 312 SER 4 CA 1 
ATOM 684 C CA . SER D 4 217 ? 30.634  13.561  15.064  1.00 30.00 ? 313 SER 4 CA 1 
ATOM 685 C CA . PRO D 4 218 ? 30.335  15.317  11.701  1.00 30.00 ? 314 PRO 4 CA 1 
ATOM 686 C CA . GLU D 4 219 ? 27.545  17.357  10.153  1.00 30.00 ? 315 GLU 4 CA 1 
ATOM 687 C CA . ILE D 4 220 ? 26.395  18.600  6.798   1.00 30.00 ? 316 ILE 4 CA 1 
ATOM 688 C CA . PRO D 4 221 ? 23.363  20.597  5.645   1.00 30.00 ? 317 PRO 4 CA 1 
ATOM 689 C CA . ILE D 4 222 ? 20.569  19.404  3.385   1.00 30.00 ? 318 ILE 4 CA 1 
ATOM 690 C CA . THR D 4 223 ? 18.587  22.142  1.661   1.00 30.00 ? 319 THR 4 CA 1 
ATOM 691 C CA . LEU D 4 224 ? 15.320  21.579  -0.174  1.00 30.00 ? 320 LEU 4 CA 1 
ATOM 692 C CA . THR D 4 225 ? 14.243  23.956  -2.954  1.00 30.00 ? 321 THR 4 CA 1 
ATOM 693 C CA . ILE D 4 226 ? 10.782  23.121  -4.370  1.00 30.00 ? 322 ILE 4 CA 1 
ATOM 694 C CA . ALA D 4 227 ? 8.732   24.614  -7.195  1.00 30.00 ? 323 ALA 4 CA 1 
ATOM 695 C CA . PRO D 4 228 ? 5.076   23.977  -8.099  1.00 30.00 ? 324 PRO 4 CA 1 
ATOM 696 C CA . MET D 4 229 ? 4.504   23.258  -11.780 1.00 30.00 ? 325 MET 4 CA 1 
ATOM 697 C CA . CYS D 4 230 ? 1.854   23.616  -14.537 1.00 30.00 ? 326 CYS 4 CA 1 
ATOM 698 C CA . CYS D 4 231 ? -0.329  24.701  -11.691 1.00 30.00 ? 327 CYS 4 CA 1 
ATOM 699 C CA . GLU D 4 232 ? -3.904  25.682  -11.517 1.00 30.00 ? 328 GLU 4 CA 1 
ATOM 700 C CA . PHE D 4 233 ? -6.590  26.640  -9.072  1.00 30.00 ? 329 PHE 4 CA 1 
ATOM 701 C CA . ASN D 4 234 ? -10.345 26.769  -8.971  1.00 30.00 ? 330 ASN 4 CA 1 
ATOM 702 C CA . GLY D 4 235 ? -13.457 27.721  -7.050  1.00 30.00 ? 331 GLY 4 CA 1 
ATOM 703 C CA . LEU D 4 236 ? -12.547 31.096  -5.631  1.00 30.00 ? 332 LEU 4 CA 1 
ATOM 704 C CA . ARG D 4 237 ? -14.179 32.356  -2.463  1.00 30.00 ? 333 ARG 4 CA 1 
ATOM 705 C CA . ASN D 4 238 ? -13.371 33.712  1.039   1.00 30.00 ? 334 ASN 4 CA 1 
ATOM 706 C CA . ILE D 4 239 ? -10.125 32.458  2.497   1.00 30.00 ? 335 ILE 4 CA 1 
ATOM 707 C CA . THR D 4 240 ? -9.617  29.169  4.308   1.00 30.00 ? 336 THR 4 CA 1 
ATOM 708 C CA . LEU D 4 241 ? -8.304  29.724  7.823   1.00 30.00 ? 337 LEU 4 CA 1 
ATOM 709 C CA . PRO D 4 242 ? -7.185  26.344  9.101   1.00 30.00 ? 338 PRO 4 CA 1 
ATOM 710 C CA . ARG D 4 243 ? -6.793  25.334  12.707  1.00 30.00 ? 339 ARG 4 CA 1 
ATOM 711 C CA . LEU D 4 244 ? -3.121  24.392  12.307  1.00 30.00 ? 340 LEU 4 CA 1 
ATOM 712 C CA . GLN D 4 245 ? -2.201  25.531  15.847  1.00 30.00 ? 341 GLN 4 CA 1 
ATOM 713 C CA . UNK E 5 1   ? -5.542  -7.238  14.152  1.00 30.00 ? 42  UNK 7 CA 1 
ATOM 714 C CA . UNK E 5 2   ? -6.704  -7.463  10.534  1.00 30.00 ? 43  UNK 7 CA 1 
ATOM 715 C CA . UNK E 5 3   ? -4.559  -10.567 10.037  1.00 30.00 ? 44  UNK 7 CA 1 
ATOM 716 C CA . UNK E 5 4   ? -6.393  -12.078 13.012  1.00 30.00 ? 45  UNK 7 CA 1 
ATOM 717 C CA . UNK E 5 5   ? -9.820  -11.134 11.636  1.00 30.00 ? 46  UNK 7 CA 1 
ATOM 718 C CA . UNK E 5 6   ? -8.791  -12.549 8.255   1.00 30.00 ? 47  UNK 7 CA 1 
ATOM 719 C CA . UNK E 5 7   ? -7.877  -15.902 9.877   1.00 30.00 ? 48  UNK 7 CA 1 
ATOM 720 C CA . UNK E 5 8   ? -11.275 -15.998 11.557  1.00 30.00 ? 49  UNK 7 CA 1 
ATOM 721 C CA . UNK E 5 9   ? -12.975 -15.171 8.301   1.00 30.00 ? 50  UNK 7 CA 1 
ATOM 722 C CA . UNK E 5 10  ? -11.039 -17.599 6.111   1.00 30.00 ? 51  UNK 7 CA 1 
ATOM 723 C CA . UNK E 5 11  ? -11.332 -20.380 8.696   1.00 30.00 ? 52  UNK 7 CA 1 
# 
